data_8ALU
# 
_entry.id   8ALU 
# 
_audit_conform.dict_name       mmcif_pdbx.dic 
_audit_conform.dict_version    5.394 
_audit_conform.dict_location   http://mmcif.pdb.org/dictionaries/ascii/mmcif_pdbx.dic 
# 
loop_
_database_2.database_id 
_database_2.database_code 
_database_2.pdbx_database_accession 
_database_2.pdbx_DOI 
PDB   8ALU         pdb_00008alu 10.2210/pdb8alu/pdb 
WWPDB D_1292124709 ?            ?                   
# 
loop_
_pdbx_audit_revision_history.ordinal 
_pdbx_audit_revision_history.data_content_type 
_pdbx_audit_revision_history.major_revision 
_pdbx_audit_revision_history.minor_revision 
_pdbx_audit_revision_history.revision_date 
1 'Structure model' 1 0 2023-08-16 
2 'Structure model' 1 1 2024-06-19 
# 
_pdbx_audit_revision_details.ordinal             1 
_pdbx_audit_revision_details.revision_ordinal    1 
_pdbx_audit_revision_details.data_content_type   'Structure model' 
_pdbx_audit_revision_details.provider            repository 
_pdbx_audit_revision_details.type                'Initial release' 
_pdbx_audit_revision_details.description         ? 
_pdbx_audit_revision_details.details             ? 
# 
_pdbx_audit_revision_group.ordinal             1 
_pdbx_audit_revision_group.revision_ordinal    2 
_pdbx_audit_revision_group.data_content_type   'Structure model' 
_pdbx_audit_revision_group.group               'Database references' 
# 
loop_
_pdbx_audit_revision_category.ordinal 
_pdbx_audit_revision_category.revision_ordinal 
_pdbx_audit_revision_category.data_content_type 
_pdbx_audit_revision_category.category 
1 2 'Structure model' citation        
2 2 'Structure model' citation_author 
# 
loop_
_pdbx_audit_revision_item.ordinal 
_pdbx_audit_revision_item.revision_ordinal 
_pdbx_audit_revision_item.data_content_type 
_pdbx_audit_revision_item.item 
1  2 'Structure model' '_citation.country'                 
2  2 'Structure model' '_citation.journal_abbrev'          
3  2 'Structure model' '_citation.journal_id_ASTM'         
4  2 'Structure model' '_citation.journal_id_CSD'          
5  2 'Structure model' '_citation.journal_id_ISSN'         
6  2 'Structure model' '_citation.journal_volume'          
7  2 'Structure model' '_citation.page_first'              
8  2 'Structure model' '_citation.page_last'               
9  2 'Structure model' '_citation.pdbx_database_id_DOI'    
10 2 'Structure model' '_citation.pdbx_database_id_PubMed' 
11 2 'Structure model' '_citation.title'                   
12 2 'Structure model' '_citation.year'                    
# 
_pdbx_database_status.status_code                     REL 
_pdbx_database_status.status_code_sf                  REL 
_pdbx_database_status.status_code_mr                  ? 
_pdbx_database_status.entry_id                        8ALU 
_pdbx_database_status.recvd_initial_deposition_date   2022-08-01 
_pdbx_database_status.SG_entry                        N 
_pdbx_database_status.deposit_site                    PDBE 
_pdbx_database_status.process_site                    PDBE 
_pdbx_database_status.status_code_cs                  ? 
_pdbx_database_status.status_code_nmr_data            ? 
_pdbx_database_status.methods_development_category    ? 
_pdbx_database_status.pdb_format_compatible           Y 
# 
_pdbx_contact_author.id                 2 
_pdbx_contact_author.email              tea.pavkov@uni-graz.at 
_pdbx_contact_author.name_first         Tea 
_pdbx_contact_author.name_last          Pavkov-Keller 
_pdbx_contact_author.name_mi            0000-0001-7871-6680 
_pdbx_contact_author.role               'principal investigator/group leader' 
_pdbx_contact_author.identifier_ORCID   0000-0001-7871-6680 
# 
loop_
_audit_author.name 
_audit_author.pdbx_ordinal 
_audit_author.identifier_ORCID 
'Eder, M.'          1 0000-0002-0580-4564 
'Dordic, A.'        2 ?                   
'Sagmeister, T.'    3 0000-0002-6703-5510 
'Vejzovic, D.'      4 0000-0002-7526-4399 
'Pavkov-Keller, T.' 5 0000-0001-7871-6680 
# 
_citation.abstract                  ? 
_citation.abstract_id_CAS           ? 
_citation.book_id_ISBN              ? 
_citation.book_publisher            ? 
_citation.book_publisher_city       ? 
_citation.book_title                ? 
_citation.coordinate_linkage        ? 
_citation.country                   US 
_citation.database_id_Medline       ? 
_citation.details                   ? 
_citation.id                        primary 
_citation.journal_abbrev            Proc.Natl.Acad.Sci.USA 
_citation.journal_id_ASTM           PNASA6 
_citation.journal_id_CSD            0040 
_citation.journal_id_ISSN           1091-6490 
_citation.journal_full              ? 
_citation.journal_issue             ? 
_citation.journal_volume            121 
_citation.language                  ? 
_citation.page_first                e2401686121 
_citation.page_last                 e2401686121 
_citation.title                     
'The molecular architecture of Lactobacillus S-layer: Assembly and attachment to teichoic acids.' 
_citation.year                      2024 
_citation.database_id_CSD           ? 
_citation.pdbx_database_id_DOI      10.1073/pnas.2401686121 
_citation.pdbx_database_id_PubMed   38838019 
_citation.pdbx_database_id_patent   ? 
_citation.unpublished_flag          ? 
# 
loop_
_citation_author.citation_id 
_citation_author.name 
_citation_author.ordinal 
_citation_author.identifier_ORCID 
primary 'Sagmeister, T.'    1  ?                   
primary 'Gubensak, N.'      2  0000-0002-0415-4299 
primary 'Buhlheller, C.'    3  0000-0001-9358-5316 
primary 'Grininger, C.'     4  0000-0002-1154-4244 
primary 'Eder, M.'          5  0000-0002-0580-4564 
primary '&#208;ordic, A.'   6  ?                   
primary 'Millan, C.'        7  ?                   
primary 'Medina, A.'        8  ?                   
primary 'Murcia, P.A.S.'    9  ?                   
primary 'Berni, F.'         10 ?                   
primary 'Hynonen, U.'       11 ?                   
primary 'Vejzovic, D.'      12 0000-0002-7526-4399 
primary 'Damisch, E.'       13 0000-0003-0833-8412 
primary 'Kulminskaya, N.'   14 ?                   
primary 'Petrowitsch, L.'   15 0009-0001-7304-2231 
primary 'Oberer, M.'        16 ?                   
primary 'Palva, A.'         17 ?                   
primary 'Malanovic, N.'     18 ?                   
primary 'Codee, J.'         19 0000-0003-3531-2138 
primary 'Keller, W.'        20 0000-0002-2261-958X 
primary 'Uson, I.'          21 0000-0003-2504-1696 
primary 'Pavkov-Keller, T.' 22 0000-0001-7871-6680 
# 
loop_
_entity.id 
_entity.type 
_entity.src_method 
_entity.pdbx_description 
_entity.formula_weight 
_entity.pdbx_number_of_molecules 
_entity.pdbx_ec 
_entity.pdbx_mutation 
_entity.pdbx_fragment 
_entity.details 
1 polymer     man 'S-layer protein' 14827.815 1  ? ? ? ? 
2 non-polymer syn 'PHOSPHATE ION'   94.971    2  ? ? ? ? 
3 water       nat water             18.015    45 ? ? ? ? 
# 
_entity_poly.entity_id                      1 
_entity_poly.type                           'polypeptide(L)' 
_entity_poly.nstd_linkage                   no 
_entity_poly.nstd_monomer                   no 
_entity_poly.pdbx_seq_one_letter_code       
;VASVSKRIMHNAYYYDKDAKRVGTDSVKRYNSVSVLPNTTTINGKTYYQVVENGKAVDKYINAANIDGTKRTLKHNAYVY
ASSKKRANKVVLKKGEVVTTYGASYTFKNGQKYYKIGDNTDKTYVKVANFR
;
_entity_poly.pdbx_seq_one_letter_code_can   
;VASVSKRIMHNAYYYDKDAKRVGTDSVKRYNSVSVLPNTTTINGKTYYQVVENGKAVDKYINAANIDGTKRTLKHNAYVY
ASSKKRANKVVLKKGEVVTTYGASYTFKNGQKYYKIGDNTDKTYVKVANFR
;
_entity_poly.pdbx_strand_id                 A 
_entity_poly.pdbx_target_identifier         ? 
# 
loop_
_pdbx_entity_nonpoly.entity_id 
_pdbx_entity_nonpoly.name 
_pdbx_entity_nonpoly.comp_id 
2 'PHOSPHATE ION' PO4 
3 water           HOH 
# 
loop_
_entity_poly_seq.entity_id 
_entity_poly_seq.num 
_entity_poly_seq.mon_id 
_entity_poly_seq.hetero 
1 1   VAL n 
1 2   ALA n 
1 3   SER n 
1 4   VAL n 
1 5   SER n 
1 6   LYS n 
1 7   ARG n 
1 8   ILE n 
1 9   MET n 
1 10  HIS n 
1 11  ASN n 
1 12  ALA n 
1 13  TYR n 
1 14  TYR n 
1 15  TYR n 
1 16  ASP n 
1 17  LYS n 
1 18  ASP n 
1 19  ALA n 
1 20  LYS n 
1 21  ARG n 
1 22  VAL n 
1 23  GLY n 
1 24  THR n 
1 25  ASP n 
1 26  SER n 
1 27  VAL n 
1 28  LYS n 
1 29  ARG n 
1 30  TYR n 
1 31  ASN n 
1 32  SER n 
1 33  VAL n 
1 34  SER n 
1 35  VAL n 
1 36  LEU n 
1 37  PRO n 
1 38  ASN n 
1 39  THR n 
1 40  THR n 
1 41  THR n 
1 42  ILE n 
1 43  ASN n 
1 44  GLY n 
1 45  LYS n 
1 46  THR n 
1 47  TYR n 
1 48  TYR n 
1 49  GLN n 
1 50  VAL n 
1 51  VAL n 
1 52  GLU n 
1 53  ASN n 
1 54  GLY n 
1 55  LYS n 
1 56  ALA n 
1 57  VAL n 
1 58  ASP n 
1 59  LYS n 
1 60  TYR n 
1 61  ILE n 
1 62  ASN n 
1 63  ALA n 
1 64  ALA n 
1 65  ASN n 
1 66  ILE n 
1 67  ASP n 
1 68  GLY n 
1 69  THR n 
1 70  LYS n 
1 71  ARG n 
1 72  THR n 
1 73  LEU n 
1 74  LYS n 
1 75  HIS n 
1 76  ASN n 
1 77  ALA n 
1 78  TYR n 
1 79  VAL n 
1 80  TYR n 
1 81  ALA n 
1 82  SER n 
1 83  SER n 
1 84  LYS n 
1 85  LYS n 
1 86  ARG n 
1 87  ALA n 
1 88  ASN n 
1 89  LYS n 
1 90  VAL n 
1 91  VAL n 
1 92  LEU n 
1 93  LYS n 
1 94  LYS n 
1 95  GLY n 
1 96  GLU n 
1 97  VAL n 
1 98  VAL n 
1 99  THR n 
1 100 THR n 
1 101 TYR n 
1 102 GLY n 
1 103 ALA n 
1 104 SER n 
1 105 TYR n 
1 106 THR n 
1 107 PHE n 
1 108 LYS n 
1 109 ASN n 
1 110 GLY n 
1 111 GLN n 
1 112 LYS n 
1 113 TYR n 
1 114 TYR n 
1 115 LYS n 
1 116 ILE n 
1 117 GLY n 
1 118 ASP n 
1 119 ASN n 
1 120 THR n 
1 121 ASP n 
1 122 LYS n 
1 123 THR n 
1 124 TYR n 
1 125 VAL n 
1 126 LYS n 
1 127 VAL n 
1 128 ALA n 
1 129 ASN n 
1 130 PHE n 
1 131 ARG n 
# 
_entity_src_gen.entity_id                          1 
_entity_src_gen.pdbx_src_id                        1 
_entity_src_gen.pdbx_alt_source_flag               sample 
_entity_src_gen.pdbx_seq_type                      'Biological sequence' 
_entity_src_gen.pdbx_beg_seq_num                   1 
_entity_src_gen.pdbx_end_seq_num                   131 
_entity_src_gen.gene_src_common_name               ? 
_entity_src_gen.gene_src_genus                     ? 
_entity_src_gen.pdbx_gene_src_gene                 CXB72_00965 
_entity_src_gen.gene_src_species                   ? 
_entity_src_gen.gene_src_strain                    ? 
_entity_src_gen.gene_src_tissue                    ? 
_entity_src_gen.gene_src_tissue_fraction           ? 
_entity_src_gen.gene_src_details                   ? 
_entity_src_gen.pdbx_gene_src_fragment             ? 
_entity_src_gen.pdbx_gene_src_scientific_name      'Lactobacillus acidophilus' 
_entity_src_gen.pdbx_gene_src_ncbi_taxonomy_id     1579 
_entity_src_gen.pdbx_gene_src_variant              ? 
_entity_src_gen.pdbx_gene_src_cell_line            ? 
_entity_src_gen.pdbx_gene_src_atcc                 ? 
_entity_src_gen.pdbx_gene_src_organ                ? 
_entity_src_gen.pdbx_gene_src_organelle            ? 
_entity_src_gen.pdbx_gene_src_cell                 ? 
_entity_src_gen.pdbx_gene_src_cellular_location    ? 
_entity_src_gen.host_org_common_name               ? 
_entity_src_gen.pdbx_host_org_scientific_name      'Escherichia coli' 
_entity_src_gen.pdbx_host_org_ncbi_taxonomy_id     562 
_entity_src_gen.host_org_genus                     ? 
_entity_src_gen.pdbx_host_org_gene                 ? 
_entity_src_gen.pdbx_host_org_organ                ? 
_entity_src_gen.host_org_species                   ? 
_entity_src_gen.pdbx_host_org_tissue               ? 
_entity_src_gen.pdbx_host_org_tissue_fraction      ? 
_entity_src_gen.pdbx_host_org_strain               ? 
_entity_src_gen.pdbx_host_org_variant              ? 
_entity_src_gen.pdbx_host_org_cell_line            ? 
_entity_src_gen.pdbx_host_org_atcc                 ? 
_entity_src_gen.pdbx_host_org_culture_collection   ? 
_entity_src_gen.pdbx_host_org_cell                 ? 
_entity_src_gen.pdbx_host_org_organelle            ? 
_entity_src_gen.pdbx_host_org_cellular_location    ? 
_entity_src_gen.pdbx_host_org_vector_type          ? 
_entity_src_gen.pdbx_host_org_vector               ? 
_entity_src_gen.host_org_details                   ? 
_entity_src_gen.expression_system_id               ? 
_entity_src_gen.plasmid_name                       ? 
_entity_src_gen.plasmid_details                    ? 
_entity_src_gen.pdbx_description                   ? 
# 
loop_
_chem_comp.id 
_chem_comp.type 
_chem_comp.mon_nstd_flag 
_chem_comp.name 
_chem_comp.pdbx_synonyms 
_chem_comp.formula 
_chem_comp.formula_weight 
ALA 'L-peptide linking' y ALANINE         ? 'C3 H7 N O2'     89.093  
ARG 'L-peptide linking' y ARGININE        ? 'C6 H15 N4 O2 1' 175.209 
ASN 'L-peptide linking' y ASPARAGINE      ? 'C4 H8 N2 O3'    132.118 
ASP 'L-peptide linking' y 'ASPARTIC ACID' ? 'C4 H7 N O4'     133.103 
GLN 'L-peptide linking' y GLUTAMINE       ? 'C5 H10 N2 O3'   146.144 
GLU 'L-peptide linking' y 'GLUTAMIC ACID' ? 'C5 H9 N O4'     147.129 
GLY 'peptide linking'   y GLYCINE         ? 'C2 H5 N O2'     75.067  
HIS 'L-peptide linking' y HISTIDINE       ? 'C6 H10 N3 O2 1' 156.162 
HOH non-polymer         . WATER           ? 'H2 O'           18.015  
ILE 'L-peptide linking' y ISOLEUCINE      ? 'C6 H13 N O2'    131.173 
LEU 'L-peptide linking' y LEUCINE         ? 'C6 H13 N O2'    131.173 
LYS 'L-peptide linking' y LYSINE          ? 'C6 H15 N2 O2 1' 147.195 
MET 'L-peptide linking' y METHIONINE      ? 'C5 H11 N O2 S'  149.211 
PHE 'L-peptide linking' y PHENYLALANINE   ? 'C9 H11 N O2'    165.189 
PO4 non-polymer         . 'PHOSPHATE ION' ? 'O4 P -3'        94.971  
PRO 'L-peptide linking' y PROLINE         ? 'C5 H9 N O2'     115.130 
SER 'L-peptide linking' y SERINE          ? 'C3 H7 N O3'     105.093 
THR 'L-peptide linking' y THREONINE       ? 'C4 H9 N O3'     119.119 
TYR 'L-peptide linking' y TYROSINE        ? 'C9 H11 N O3'    181.189 
VAL 'L-peptide linking' y VALINE          ? 'C5 H11 N O2'    117.146 
# 
loop_
_pdbx_poly_seq_scheme.asym_id 
_pdbx_poly_seq_scheme.entity_id 
_pdbx_poly_seq_scheme.seq_id 
_pdbx_poly_seq_scheme.mon_id 
_pdbx_poly_seq_scheme.ndb_seq_num 
_pdbx_poly_seq_scheme.pdb_seq_num 
_pdbx_poly_seq_scheme.auth_seq_num 
_pdbx_poly_seq_scheme.pdb_mon_id 
_pdbx_poly_seq_scheme.auth_mon_id 
_pdbx_poly_seq_scheme.pdb_strand_id 
_pdbx_poly_seq_scheme.pdb_ins_code 
_pdbx_poly_seq_scheme.hetero 
A 1 1   VAL 1   314 314 VAL VAL A . n 
A 1 2   ALA 2   315 315 ALA ALA A . n 
A 1 3   SER 3   316 316 SER SER A . n 
A 1 4   VAL 4   317 317 VAL VAL A . n 
A 1 5   SER 5   318 318 SER SER A . n 
A 1 6   LYS 6   319 319 LYS LYS A . n 
A 1 7   ARG 7   320 320 ARG ARG A . n 
A 1 8   ILE 8   321 321 ILE ILE A . n 
A 1 9   MET 9   322 322 MET MET A . n 
A 1 10  HIS 10  323 323 HIS HIS A . n 
A 1 11  ASN 11  324 324 ASN ASN A . n 
A 1 12  ALA 12  325 325 ALA ALA A . n 
A 1 13  TYR 13  326 326 TYR TYR A . n 
A 1 14  TYR 14  327 327 TYR TYR A . n 
A 1 15  TYR 15  328 328 TYR TYR A . n 
A 1 16  ASP 16  329 329 ASP ASP A . n 
A 1 17  LYS 17  330 330 LYS LYS A . n 
A 1 18  ASP 18  331 331 ASP ASP A . n 
A 1 19  ALA 19  332 332 ALA ALA A . n 
A 1 20  LYS 20  333 333 LYS LYS A . n 
A 1 21  ARG 21  334 334 ARG ARG A . n 
A 1 22  VAL 22  335 335 VAL VAL A . n 
A 1 23  GLY 23  336 336 GLY GLY A . n 
A 1 24  THR 24  337 337 THR THR A . n 
A 1 25  ASP 25  338 338 ASP ASP A . n 
A 1 26  SER 26  339 339 SER SER A . n 
A 1 27  VAL 27  340 340 VAL VAL A . n 
A 1 28  LYS 28  341 341 LYS LYS A . n 
A 1 29  ARG 29  342 342 ARG ARG A . n 
A 1 30  TYR 30  343 343 TYR TYR A . n 
A 1 31  ASN 31  344 344 ASN ASN A . n 
A 1 32  SER 32  345 345 SER SER A . n 
A 1 33  VAL 33  346 346 VAL VAL A . n 
A 1 34  SER 34  347 347 SER SER A . n 
A 1 35  VAL 35  348 348 VAL VAL A . n 
A 1 36  LEU 36  349 349 LEU LEU A . n 
A 1 37  PRO 37  350 350 PRO PRO A . n 
A 1 38  ASN 38  351 351 ASN ASN A . n 
A 1 39  THR 39  352 352 THR THR A . n 
A 1 40  THR 40  353 353 THR THR A . n 
A 1 41  THR 41  354 354 THR THR A . n 
A 1 42  ILE 42  355 355 ILE ILE A . n 
A 1 43  ASN 43  356 356 ASN ASN A . n 
A 1 44  GLY 44  357 357 GLY GLY A . n 
A 1 45  LYS 45  358 358 LYS LYS A . n 
A 1 46  THR 46  359 359 THR THR A . n 
A 1 47  TYR 47  360 360 TYR TYR A . n 
A 1 48  TYR 48  361 361 TYR TYR A . n 
A 1 49  GLN 49  362 362 GLN GLN A . n 
A 1 50  VAL 50  363 363 VAL VAL A . n 
A 1 51  VAL 51  364 364 VAL VAL A . n 
A 1 52  GLU 52  365 365 GLU GLU A . n 
A 1 53  ASN 53  366 366 ASN ASN A . n 
A 1 54  GLY 54  367 367 GLY GLY A . n 
A 1 55  LYS 55  368 368 LYS LYS A . n 
A 1 56  ALA 56  369 369 ALA ALA A . n 
A 1 57  VAL 57  370 370 VAL VAL A . n 
A 1 58  ASP 58  371 371 ASP ASP A . n 
A 1 59  LYS 59  372 372 LYS LYS A . n 
A 1 60  TYR 60  373 373 TYR TYR A . n 
A 1 61  ILE 61  374 374 ILE ILE A . n 
A 1 62  ASN 62  375 375 ASN ASN A . n 
A 1 63  ALA 63  376 376 ALA ALA A . n 
A 1 64  ALA 64  377 377 ALA ALA A . n 
A 1 65  ASN 65  378 378 ASN ASN A . n 
A 1 66  ILE 66  379 379 ILE ILE A . n 
A 1 67  ASP 67  380 380 ASP ASP A . n 
A 1 68  GLY 68  381 381 GLY GLY A . n 
A 1 69  THR 69  382 382 THR THR A . n 
A 1 70  LYS 70  383 383 LYS LYS A . n 
A 1 71  ARG 71  384 384 ARG ARG A . n 
A 1 72  THR 72  385 385 THR THR A . n 
A 1 73  LEU 73  386 386 LEU LEU A . n 
A 1 74  LYS 74  387 387 LYS LYS A . n 
A 1 75  HIS 75  388 388 HIS HIS A . n 
A 1 76  ASN 76  389 389 ASN ASN A . n 
A 1 77  ALA 77  390 390 ALA ALA A . n 
A 1 78  TYR 78  391 391 TYR TYR A . n 
A 1 79  VAL 79  392 392 VAL VAL A . n 
A 1 80  TYR 80  393 393 TYR TYR A . n 
A 1 81  ALA 81  394 394 ALA ALA A . n 
A 1 82  SER 82  395 395 SER SER A . n 
A 1 83  SER 83  396 396 SER SER A . n 
A 1 84  LYS 84  397 397 LYS LYS A . n 
A 1 85  LYS 85  398 398 LYS LYS A . n 
A 1 86  ARG 86  399 399 ARG ARG A . n 
A 1 87  ALA 87  400 400 ALA ALA A . n 
A 1 88  ASN 88  401 401 ASN ASN A . n 
A 1 89  LYS 89  402 402 LYS LYS A . n 
A 1 90  VAL 90  403 403 VAL VAL A . n 
A 1 91  VAL 91  404 404 VAL VAL A . n 
A 1 92  LEU 92  405 405 LEU LEU A . n 
A 1 93  LYS 93  406 406 LYS LYS A . n 
A 1 94  LYS 94  407 407 LYS LYS A . n 
A 1 95  GLY 95  408 408 GLY GLY A . n 
A 1 96  GLU 96  409 409 GLU GLU A . n 
A 1 97  VAL 97  410 410 VAL VAL A . n 
A 1 98  VAL 98  411 411 VAL VAL A . n 
A 1 99  THR 99  412 412 THR THR A . n 
A 1 100 THR 100 413 413 THR THR A . n 
A 1 101 TYR 101 414 414 TYR TYR A . n 
A 1 102 GLY 102 415 415 GLY GLY A . n 
A 1 103 ALA 103 416 416 ALA ALA A . n 
A 1 104 SER 104 417 417 SER SER A . n 
A 1 105 TYR 105 418 418 TYR TYR A . n 
A 1 106 THR 106 419 419 THR THR A . n 
A 1 107 PHE 107 420 420 PHE PHE A . n 
A 1 108 LYS 108 421 421 LYS LYS A . n 
A 1 109 ASN 109 422 422 ASN ASN A . n 
A 1 110 GLY 110 423 423 GLY GLY A . n 
A 1 111 GLN 111 424 424 GLN GLN A . n 
A 1 112 LYS 112 425 425 LYS LYS A . n 
A 1 113 TYR 113 426 426 TYR TYR A . n 
A 1 114 TYR 114 427 427 TYR TYR A . n 
A 1 115 LYS 115 428 428 LYS LYS A . n 
A 1 116 ILE 116 429 429 ILE ILE A . n 
A 1 117 GLY 117 430 430 GLY GLY A . n 
A 1 118 ASP 118 431 431 ASP ASP A . n 
A 1 119 ASN 119 432 432 ASN ASN A . n 
A 1 120 THR 120 433 433 THR THR A . n 
A 1 121 ASP 121 434 434 ASP ASP A . n 
A 1 122 LYS 122 435 435 LYS LYS A . n 
A 1 123 THR 123 436 436 THR THR A . n 
A 1 124 TYR 124 437 437 TYR TYR A . n 
A 1 125 VAL 125 438 438 VAL VAL A . n 
A 1 126 LYS 126 439 439 LYS LYS A . n 
A 1 127 VAL 127 440 440 VAL VAL A . n 
A 1 128 ALA 128 441 441 ALA ALA A . n 
A 1 129 ASN 129 442 442 ASN ASN A . n 
A 1 130 PHE 130 443 443 PHE PHE A . n 
A 1 131 ARG 131 444 444 ARG ARG A . n 
# 
loop_
_pdbx_nonpoly_scheme.asym_id 
_pdbx_nonpoly_scheme.entity_id 
_pdbx_nonpoly_scheme.mon_id 
_pdbx_nonpoly_scheme.ndb_seq_num 
_pdbx_nonpoly_scheme.pdb_seq_num 
_pdbx_nonpoly_scheme.auth_seq_num 
_pdbx_nonpoly_scheme.pdb_mon_id 
_pdbx_nonpoly_scheme.auth_mon_id 
_pdbx_nonpoly_scheme.pdb_strand_id 
_pdbx_nonpoly_scheme.pdb_ins_code 
B 2 PO4 1  501 1  PO4 PO4 A . 
C 2 PO4 1  502 2  PO4 PO4 A . 
D 3 HOH 1  601 45 HOH HOH A . 
D 3 HOH 2  602 41 HOH HOH A . 
D 3 HOH 3  603 3  HOH HOH A . 
D 3 HOH 4  604 46 HOH HOH A . 
D 3 HOH 5  605 35 HOH HOH A . 
D 3 HOH 6  606 38 HOH HOH A . 
D 3 HOH 7  607 18 HOH HOH A . 
D 3 HOH 8  608 11 HOH HOH A . 
D 3 HOH 9  609 17 HOH HOH A . 
D 3 HOH 10 610 19 HOH HOH A . 
D 3 HOH 11 611 16 HOH HOH A . 
D 3 HOH 12 612 47 HOH HOH A . 
D 3 HOH 13 613 2  HOH HOH A . 
D 3 HOH 14 614 7  HOH HOH A . 
D 3 HOH 15 615 6  HOH HOH A . 
D 3 HOH 16 616 4  HOH HOH A . 
D 3 HOH 17 617 9  HOH HOH A . 
D 3 HOH 18 618 22 HOH HOH A . 
D 3 HOH 19 619 28 HOH HOH A . 
D 3 HOH 20 620 8  HOH HOH A . 
D 3 HOH 21 621 43 HOH HOH A . 
D 3 HOH 22 622 30 HOH HOH A . 
D 3 HOH 23 623 32 HOH HOH A . 
D 3 HOH 24 624 33 HOH HOH A . 
D 3 HOH 25 625 36 HOH HOH A . 
D 3 HOH 26 626 27 HOH HOH A . 
D 3 HOH 27 627 23 HOH HOH A . 
D 3 HOH 28 628 12 HOH HOH A . 
D 3 HOH 29 629 5  HOH HOH A . 
D 3 HOH 30 630 14 HOH HOH A . 
D 3 HOH 31 631 20 HOH HOH A . 
D 3 HOH 32 632 39 HOH HOH A . 
D 3 HOH 33 633 44 HOH HOH A . 
D 3 HOH 34 634 13 HOH HOH A . 
D 3 HOH 35 635 25 HOH HOH A . 
D 3 HOH 36 636 29 HOH HOH A . 
D 3 HOH 37 637 34 HOH HOH A . 
D 3 HOH 38 638 26 HOH HOH A . 
D 3 HOH 39 639 42 HOH HOH A . 
D 3 HOH 40 640 40 HOH HOH A . 
D 3 HOH 41 641 31 HOH HOH A . 
D 3 HOH 42 642 15 HOH HOH A . 
D 3 HOH 43 643 37 HOH HOH A . 
D 3 HOH 44 644 24 HOH HOH A . 
D 3 HOH 45 645 10 HOH HOH A . 
# 
loop_
_software.citation_id 
_software.classification 
_software.compiler_name 
_software.compiler_version 
_software.contact_author 
_software.contact_author_email 
_software.date 
_software.description 
_software.dependencies 
_software.hardware 
_software.language 
_software.location 
_software.mods 
_software.name 
_software.os 
_software.os_version 
_software.type 
_software.version 
_software.pdbx_ordinal 
? 'data reduction'  ? ? ? ? ? ? ? ? ? ? ? XDS      ? ? ? .         1 
? refinement        ? ? ? ? ? ? ? ? ? ? ? PHENIX   ? ? ? 1.16_3549 2 
? phasing           ? ? ? ? ? ? ? ? ? ? ? PHENIX   ? ? ? .         3 
? 'model building'  ? ? ? ? ? ? ? ? ? ? ? Coot     ? ? ? .         4 
? 'data processing' ? ? ? ? ? ? ? ? ? ? ? autoPROC ? ? ? .         5 
# 
_cell.angle_alpha                  90.000 
_cell.angle_alpha_esd              ? 
_cell.angle_beta                   91.046 
_cell.angle_beta_esd               ? 
_cell.angle_gamma                  90.000 
_cell.angle_gamma_esd              ? 
_cell.entry_id                     8ALU 
_cell.details                      ? 
_cell.formula_units_Z              ? 
_cell.length_a                     80.430 
_cell.length_a_esd                 ? 
_cell.length_b                     27.050 
_cell.length_b_esd                 ? 
_cell.length_c                     61.890 
_cell.length_c_esd                 ? 
_cell.volume                       134627.396 
_cell.volume_esd                   ? 
_cell.Z_PDB                        4 
_cell.reciprocal_angle_alpha       ? 
_cell.reciprocal_angle_beta        ? 
_cell.reciprocal_angle_gamma       ? 
_cell.reciprocal_angle_alpha_esd   ? 
_cell.reciprocal_angle_beta_esd    ? 
_cell.reciprocal_angle_gamma_esd   ? 
_cell.reciprocal_length_a          ? 
_cell.reciprocal_length_b          ? 
_cell.reciprocal_length_c          ? 
_cell.reciprocal_length_a_esd      ? 
_cell.reciprocal_length_b_esd      ? 
_cell.reciprocal_length_c_esd      ? 
_cell.pdbx_unique_axis             ? 
_cell.pdbx_esd_method              ? 
# 
_symmetry.entry_id                         8ALU 
_symmetry.cell_setting                     ? 
_symmetry.Int_Tables_number                5 
_symmetry.space_group_name_Hall            'C 2y' 
_symmetry.space_group_name_H-M             'C 1 2 1' 
_symmetry.pdbx_full_space_group_name_H-M   ? 
# 
_exptl.absorpt_coefficient_mu     ? 
_exptl.absorpt_correction_T_max   ? 
_exptl.absorpt_correction_T_min   ? 
_exptl.absorpt_correction_type    ? 
_exptl.absorpt_process_details    ? 
_exptl.entry_id                   8ALU 
_exptl.crystals_number            1 
_exptl.details                    ? 
_exptl.method                     'X-RAY DIFFRACTION' 
_exptl.method_details             ? 
# 
_exptl_crystal.colour                       ? 
_exptl_crystal.density_diffrn               ? 
_exptl_crystal.density_Matthews             2.27 
_exptl_crystal.density_method               ? 
_exptl_crystal.density_percent_sol          45.81 
_exptl_crystal.description                  ? 
_exptl_crystal.F_000                        ? 
_exptl_crystal.id                           1 
_exptl_crystal.preparation                  ? 
_exptl_crystal.size_max                     ? 
_exptl_crystal.size_mid                     ? 
_exptl_crystal.size_min                     ? 
_exptl_crystal.size_rad                     ? 
_exptl_crystal.colour_lustre                ? 
_exptl_crystal.colour_modifier              ? 
_exptl_crystal.colour_primary               ? 
_exptl_crystal.density_meas                 ? 
_exptl_crystal.density_meas_esd             ? 
_exptl_crystal.density_meas_gt              ? 
_exptl_crystal.density_meas_lt              ? 
_exptl_crystal.density_meas_temp            ? 
_exptl_crystal.density_meas_temp_esd        ? 
_exptl_crystal.density_meas_temp_gt         ? 
_exptl_crystal.density_meas_temp_lt         ? 
_exptl_crystal.pdbx_crystal_image_url       ? 
_exptl_crystal.pdbx_crystal_image_format    ? 
_exptl_crystal.pdbx_mosaicity               ? 
_exptl_crystal.pdbx_mosaicity_esd           ? 
_exptl_crystal.pdbx_mosaic_method           ? 
_exptl_crystal.pdbx_mosaic_block_size       ? 
_exptl_crystal.pdbx_mosaic_block_size_esd   ? 
# 
_exptl_crystal_grow.apparatus       ? 
_exptl_crystal_grow.atmosphere      ? 
_exptl_crystal_grow.crystal_id      1 
_exptl_crystal_grow.details         ? 
_exptl_crystal_grow.method          'VAPOR DIFFUSION, SITTING DROP' 
_exptl_crystal_grow.method_ref      ? 
_exptl_crystal_grow.pH              ? 
_exptl_crystal_grow.pressure        ? 
_exptl_crystal_grow.pressure_esd    ? 
_exptl_crystal_grow.seeding         ? 
_exptl_crystal_grow.seeding_ref     ? 
_exptl_crystal_grow.temp            289 
_exptl_crystal_grow.temp_details    ? 
_exptl_crystal_grow.temp_esd        ? 
_exptl_crystal_grow.time            ? 
_exptl_crystal_grow.pdbx_details    
;Index screen condition #80 (0.2 M ammonium acetate, 0.1 M HEPES pH 7.5 and 25 % PEG 3350) with a protein stock solution of 20 mg/mL in 20 mM ADA pH 6.5 and 100 mM NaCl.
;
_exptl_crystal_grow.pdbx_pH_range   ? 
# 
_diffrn.ambient_environment              ? 
_diffrn.ambient_temp                     100 
_diffrn.ambient_temp_details             ? 
_diffrn.ambient_temp_esd                 ? 
_diffrn.crystal_id                       1 
_diffrn.crystal_support                  ? 
_diffrn.crystal_treatment                ? 
_diffrn.details                          ? 
_diffrn.id                               1 
_diffrn.ambient_pressure                 ? 
_diffrn.ambient_pressure_esd             ? 
_diffrn.ambient_pressure_gt              ? 
_diffrn.ambient_pressure_lt              ? 
_diffrn.ambient_temp_gt                  ? 
_diffrn.ambient_temp_lt                  ? 
_diffrn.pdbx_serial_crystal_experiment   N 
# 
_diffrn_detector.details                      ? 
_diffrn_detector.detector                     PIXEL 
_diffrn_detector.diffrn_id                    1 
_diffrn_detector.type                         'DECTRIS PILATUS 6M' 
_diffrn_detector.area_resol_mean              ? 
_diffrn_detector.dtime                        ? 
_diffrn_detector.pdbx_frames_total            ? 
_diffrn_detector.pdbx_collection_time_total   ? 
_diffrn_detector.pdbx_collection_date         2016-04-15 
_diffrn_detector.pdbx_frequency               ? 
# 
_diffrn_radiation.collimation                      ? 
_diffrn_radiation.diffrn_id                        1 
_diffrn_radiation.filter_edge                      ? 
_diffrn_radiation.inhomogeneity                    ? 
_diffrn_radiation.monochromator                    ? 
_diffrn_radiation.polarisn_norm                    ? 
_diffrn_radiation.polarisn_ratio                   ? 
_diffrn_radiation.probe                            ? 
_diffrn_radiation.type                             ? 
_diffrn_radiation.xray_symbol                      ? 
_diffrn_radiation.wavelength_id                    1 
_diffrn_radiation.pdbx_monochromatic_or_laue_m_l   M 
_diffrn_radiation.pdbx_wavelength_list             ? 
_diffrn_radiation.pdbx_wavelength                  ? 
_diffrn_radiation.pdbx_diffrn_protocol             'SINGLE WAVELENGTH' 
_diffrn_radiation.pdbx_analyzer                    ? 
_diffrn_radiation.pdbx_scattering_type             x-ray 
# 
_diffrn_radiation_wavelength.id           1 
_diffrn_radiation_wavelength.wavelength   0.95 
_diffrn_radiation_wavelength.wt           1.0 
# 
_diffrn_source.current                     ? 
_diffrn_source.details                     ? 
_diffrn_source.diffrn_id                   1 
_diffrn_source.power                       ? 
_diffrn_source.size                        ? 
_diffrn_source.source                      SYNCHROTRON 
_diffrn_source.target                      ? 
_diffrn_source.type                        'ESRF BEAMLINE ID30B' 
_diffrn_source.voltage                     ? 
_diffrn_source.take-off_angle              ? 
_diffrn_source.pdbx_wavelength_list        0.95 
_diffrn_source.pdbx_wavelength             ? 
_diffrn_source.pdbx_synchrotron_beamline   ID30B 
_diffrn_source.pdbx_synchrotron_site       ESRF 
# 
_reflns.B_iso_Wilson_estimate                          35.99 
_reflns.entry_id                                       8ALU 
_reflns.data_reduction_details                         ? 
_reflns.data_reduction_method                          ? 
_reflns.d_resolution_high                              2.09 
_reflns.d_resolution_low                               40.21 
_reflns.details                                        ? 
_reflns.limit_h_max                                    ? 
_reflns.limit_h_min                                    ? 
_reflns.limit_k_max                                    ? 
_reflns.limit_k_min                                    ? 
_reflns.limit_l_max                                    ? 
_reflns.limit_l_min                                    ? 
_reflns.number_all                                     ? 
_reflns.number_obs                                     12330 
_reflns.observed_criterion                             ? 
_reflns.observed_criterion_F_max                       ? 
_reflns.observed_criterion_F_min                       ? 
_reflns.observed_criterion_I_max                       ? 
_reflns.observed_criterion_I_min                       ? 
_reflns.observed_criterion_sigma_F                     ? 
_reflns.observed_criterion_sigma_I                     ? 
_reflns.percent_possible_obs                           84.51 
_reflns.R_free_details                                 ? 
_reflns.Rmerge_F_all                                   ? 
_reflns.Rmerge_F_obs                                   ? 
_reflns.Friedel_coverage                               ? 
_reflns.number_gt                                      ? 
_reflns.threshold_expression                           ? 
_reflns.pdbx_redundancy                                2.9 
_reflns.pdbx_Rmerge_I_obs                              0.046 
_reflns.pdbx_Rmerge_I_all                              ? 
_reflns.pdbx_Rsym_value                                ? 
_reflns.pdbx_netI_over_av_sigmaI                       ? 
_reflns.pdbx_netI_over_sigmaI                          15.46 
_reflns.pdbx_res_netI_over_av_sigmaI_2                 ? 
_reflns.pdbx_res_netI_over_sigmaI_2                    ? 
_reflns.pdbx_chi_squared                               ? 
_reflns.pdbx_scaling_rejects                           ? 
_reflns.pdbx_d_res_high_opt                            ? 
_reflns.pdbx_d_res_low_opt                             ? 
_reflns.pdbx_d_res_opt_method                          ? 
_reflns.phase_calculation_details                      ? 
_reflns.pdbx_Rrim_I_all                                0.056 
_reflns.pdbx_Rpim_I_all                                0.031 
_reflns.pdbx_d_opt                                     ? 
_reflns.pdbx_number_measured_all                       ? 
_reflns.pdbx_diffrn_id                                 1 
_reflns.pdbx_ordinal                                   1 
_reflns.pdbx_CC_half                                   0.999 
_reflns.pdbx_CC_star                                   1 
_reflns.pdbx_R_split                                   ? 
_reflns.pdbx_aniso_diffraction_limit_axis_1_ortho[1]   ? 
_reflns.pdbx_aniso_diffraction_limit_axis_1_ortho[2]   ? 
_reflns.pdbx_aniso_diffraction_limit_axis_1_ortho[3]   ? 
_reflns.pdbx_aniso_diffraction_limit_axis_2_ortho[1]   ? 
_reflns.pdbx_aniso_diffraction_limit_axis_2_ortho[2]   ? 
_reflns.pdbx_aniso_diffraction_limit_axis_2_ortho[3]   ? 
_reflns.pdbx_aniso_diffraction_limit_axis_3_ortho[1]   ? 
_reflns.pdbx_aniso_diffraction_limit_axis_3_ortho[2]   ? 
_reflns.pdbx_aniso_diffraction_limit_axis_3_ortho[3]   ? 
_reflns.pdbx_aniso_diffraction_limit_1                 ? 
_reflns.pdbx_aniso_diffraction_limit_2                 ? 
_reflns.pdbx_aniso_diffraction_limit_3                 ? 
_reflns.pdbx_aniso_B_tensor_eigenvector_1_ortho[1]     ? 
_reflns.pdbx_aniso_B_tensor_eigenvector_1_ortho[2]     ? 
_reflns.pdbx_aniso_B_tensor_eigenvector_1_ortho[3]     ? 
_reflns.pdbx_aniso_B_tensor_eigenvector_2_ortho[1]     ? 
_reflns.pdbx_aniso_B_tensor_eigenvector_2_ortho[2]     ? 
_reflns.pdbx_aniso_B_tensor_eigenvector_2_ortho[3]     ? 
_reflns.pdbx_aniso_B_tensor_eigenvector_3_ortho[1]     ? 
_reflns.pdbx_aniso_B_tensor_eigenvector_3_ortho[2]     ? 
_reflns.pdbx_aniso_B_tensor_eigenvector_3_ortho[3]     ? 
_reflns.pdbx_aniso_B_tensor_eigenvalue_1               ? 
_reflns.pdbx_aniso_B_tensor_eigenvalue_2               ? 
_reflns.pdbx_aniso_B_tensor_eigenvalue_3               ? 
_reflns.pdbx_orthogonalization_convention              ? 
_reflns.pdbx_percent_possible_ellipsoidal              ? 
_reflns.pdbx_percent_possible_spherical                ? 
_reflns.pdbx_percent_possible_ellipsoidal_anomalous    ? 
_reflns.pdbx_percent_possible_spherical_anomalous      ? 
_reflns.pdbx_redundancy_anomalous                      ? 
_reflns.pdbx_CC_half_anomalous                         ? 
_reflns.pdbx_absDiff_over_sigma_anomalous              ? 
_reflns.pdbx_percent_possible_anomalous                ? 
_reflns.pdbx_observed_signal_threshold                 ? 
_reflns.pdbx_signal_type                               ? 
_reflns.pdbx_signal_details                            ? 
_reflns.pdbx_signal_software_id                        ? 
_reflns.pdbx_CC_split_method                           ? 
# 
_reflns_shell.d_res_high                                    2.09 
_reflns_shell.d_res_low                                     2.17 
_reflns_shell.meanI_over_sigI_all                           ? 
_reflns_shell.meanI_over_sigI_obs                           1.53 
_reflns_shell.number_measured_all                           ? 
_reflns_shell.number_measured_obs                           ? 
_reflns_shell.number_possible                               ? 
_reflns_shell.number_unique_all                             ? 
_reflns_shell.number_unique_obs                             340 
_reflns_shell.percent_possible_all                          44 
_reflns_shell.percent_possible_obs                          ? 
_reflns_shell.Rmerge_F_all                                  ? 
_reflns_shell.Rmerge_F_obs                                  ? 
_reflns_shell.Rmerge_I_all                                  ? 
_reflns_shell.Rmerge_I_obs                                  0.555 
_reflns_shell.meanI_over_sigI_gt                            ? 
_reflns_shell.meanI_over_uI_all                             ? 
_reflns_shell.meanI_over_uI_gt                              ? 
_reflns_shell.number_measured_gt                            ? 
_reflns_shell.number_unique_gt                              ? 
_reflns_shell.percent_possible_gt                           ? 
_reflns_shell.Rmerge_F_gt                                   ? 
_reflns_shell.Rmerge_I_gt                                   ? 
_reflns_shell.pdbx_redundancy                               2.3 
_reflns_shell.pdbx_Rsym_value                               ? 
_reflns_shell.pdbx_chi_squared                              ? 
_reflns_shell.pdbx_netI_over_sigmaI_all                     ? 
_reflns_shell.pdbx_netI_over_sigmaI_obs                     ? 
_reflns_shell.pdbx_Rrim_I_all                               0.700 
_reflns_shell.pdbx_Rpim_I_all                               0.418 
_reflns_shell.pdbx_rejects                                  ? 
_reflns_shell.pdbx_ordinal                                  1 
_reflns_shell.pdbx_diffrn_id                                1 
_reflns_shell.pdbx_CC_half                                  0.751 
_reflns_shell.pdbx_CC_star                                  ? 
_reflns_shell.pdbx_R_split                                  ? 
_reflns_shell.pdbx_percent_possible_ellipsoidal             ? 
_reflns_shell.pdbx_percent_possible_spherical               ? 
_reflns_shell.pdbx_percent_possible_ellipsoidal_anomalous   ? 
_reflns_shell.pdbx_percent_possible_spherical_anomalous     ? 
_reflns_shell.pdbx_redundancy_anomalous                     ? 
_reflns_shell.pdbx_CC_half_anomalous                        ? 
_reflns_shell.pdbx_absDiff_over_sigma_anomalous             ? 
_reflns_shell.pdbx_percent_possible_anomalous               ? 
# 
_refine.aniso_B[1][1]                            ? 
_refine.aniso_B[1][2]                            ? 
_refine.aniso_B[1][3]                            ? 
_refine.aniso_B[2][2]                            ? 
_refine.aniso_B[2][3]                            ? 
_refine.aniso_B[3][3]                            ? 
_refine.B_iso_max                                ? 
_refine.B_iso_mean                               39.63 
_refine.B_iso_min                                ? 
_refine.correlation_coeff_Fo_to_Fc               ? 
_refine.correlation_coeff_Fo_to_Fc_free          ? 
_refine.details                                  ? 
_refine.diff_density_max                         ? 
_refine.diff_density_max_esd                     ? 
_refine.diff_density_min                         ? 
_refine.diff_density_min_esd                     ? 
_refine.diff_density_rms                         ? 
_refine.diff_density_rms_esd                     ? 
_refine.entry_id                                 8ALU 
_refine.pdbx_refine_id                           'X-RAY DIFFRACTION' 
_refine.ls_abs_structure_details                 ? 
_refine.ls_abs_structure_Flack                   ? 
_refine.ls_abs_structure_Flack_esd               ? 
_refine.ls_abs_structure_Rogers                  ? 
_refine.ls_abs_structure_Rogers_esd              ? 
_refine.ls_d_res_high                            2.09 
_refine.ls_d_res_low                             40.21 
_refine.ls_extinction_coef                       ? 
_refine.ls_extinction_coef_esd                   ? 
_refine.ls_extinction_expression                 ? 
_refine.ls_extinction_method                     ? 
_refine.ls_goodness_of_fit_all                   ? 
_refine.ls_goodness_of_fit_all_esd               ? 
_refine.ls_goodness_of_fit_obs                   ? 
_refine.ls_goodness_of_fit_obs_esd               ? 
_refine.ls_hydrogen_treatment                    ? 
_refine.ls_matrix_type                           ? 
_refine.ls_number_constraints                    ? 
_refine.ls_number_parameters                     ? 
_refine.ls_number_reflns_all                     ? 
_refine.ls_number_reflns_obs                     12330 
_refine.ls_number_reflns_R_free                  1228 
_refine.ls_number_reflns_R_work                  11102 
_refine.ls_number_restraints                     ? 
_refine.ls_percent_reflns_obs                    80.26 
_refine.ls_percent_reflns_R_free                 9.96 
_refine.ls_R_factor_all                          ? 
_refine.ls_R_factor_obs                          0.2133 
_refine.ls_R_factor_R_free                       0.2597 
_refine.ls_R_factor_R_free_error                 ? 
_refine.ls_R_factor_R_free_error_details         ? 
_refine.ls_R_factor_R_work                       0.2079 
_refine.ls_R_Fsqd_factor_obs                     ? 
_refine.ls_R_I_factor_obs                        ? 
_refine.ls_redundancy_reflns_all                 ? 
_refine.ls_redundancy_reflns_obs                 ? 
_refine.ls_restrained_S_all                      ? 
_refine.ls_restrained_S_obs                      ? 
_refine.ls_shift_over_esd_max                    ? 
_refine.ls_shift_over_esd_mean                   ? 
_refine.ls_structure_factor_coef                 ? 
_refine.ls_weighting_details                     ? 
_refine.ls_weighting_scheme                      ? 
_refine.ls_wR_factor_all                         ? 
_refine.ls_wR_factor_obs                         ? 
_refine.ls_wR_factor_R_free                      ? 
_refine.ls_wR_factor_R_work                      ? 
_refine.occupancy_max                            ? 
_refine.occupancy_min                            ? 
_refine.solvent_model_details                    'FLAT BULK SOLVENT MODEL' 
_refine.solvent_model_param_bsol                 ? 
_refine.solvent_model_param_ksol                 ? 
_refine.pdbx_R_complete                          ? 
_refine.ls_R_factor_gt                           ? 
_refine.ls_goodness_of_fit_gt                    ? 
_refine.ls_goodness_of_fit_ref                   ? 
_refine.ls_shift_over_su_max                     ? 
_refine.ls_shift_over_su_max_lt                  ? 
_refine.ls_shift_over_su_mean                    ? 
_refine.ls_shift_over_su_mean_lt                 ? 
_refine.pdbx_ls_sigma_I                          ? 
_refine.pdbx_ls_sigma_F                          1.37 
_refine.pdbx_ls_sigma_Fsqd                       ? 
_refine.pdbx_data_cutoff_high_absF               ? 
_refine.pdbx_data_cutoff_high_rms_absF           ? 
_refine.pdbx_data_cutoff_low_absF                ? 
_refine.pdbx_isotropic_thermal_model             ? 
_refine.pdbx_ls_cross_valid_method               'FREE R-VALUE' 
_refine.pdbx_method_to_determine_struct          'MOLECULAR REPLACEMENT' 
_refine.pdbx_starting_model                      7QEH 
_refine.pdbx_stereochemistry_target_values       'GeoStd + Monomer Library + CDL v1.2' 
_refine.pdbx_R_Free_selection_details            ? 
_refine.pdbx_stereochem_target_val_spec_case     ? 
_refine.pdbx_overall_ESU_R                       ? 
_refine.pdbx_overall_ESU_R_Free                  ? 
_refine.pdbx_solvent_vdw_probe_radii             1.1100 
_refine.pdbx_solvent_ion_probe_radii             ? 
_refine.pdbx_solvent_shrinkage_radii             0.9000 
_refine.pdbx_real_space_R                        ? 
_refine.pdbx_density_correlation                 ? 
_refine.pdbx_pd_number_of_powder_patterns        ? 
_refine.pdbx_pd_number_of_points                 ? 
_refine.pdbx_pd_meas_number_of_points            ? 
_refine.pdbx_pd_proc_ls_prof_R_factor            ? 
_refine.pdbx_pd_proc_ls_prof_wR_factor           ? 
_refine.pdbx_pd_Marquardt_correlation_coeff      ? 
_refine.pdbx_pd_Fsqrd_R_factor                   ? 
_refine.pdbx_pd_ls_matrix_band_width             ? 
_refine.pdbx_overall_phase_error                 32.6413 
_refine.pdbx_overall_SU_R_free_Cruickshank_DPI   ? 
_refine.pdbx_overall_SU_R_free_Blow_DPI          ? 
_refine.pdbx_overall_SU_R_Blow_DPI               ? 
_refine.pdbx_TLS_residual_ADP_flag               ? 
_refine.pdbx_diffrn_id                           1 
_refine.overall_SU_B                             ? 
_refine.overall_SU_ML                            0.3115 
_refine.overall_SU_R_Cruickshank_DPI             ? 
_refine.overall_SU_R_free                        ? 
_refine.overall_FOM_free_R_set                   ? 
_refine.overall_FOM_work_R_set                   ? 
_refine.pdbx_average_fsc_overall                 ? 
_refine.pdbx_average_fsc_work                    ? 
_refine.pdbx_average_fsc_free                    ? 
# 
_refine_hist.pdbx_refine_id                   'X-RAY DIFFRACTION' 
_refine_hist.cycle_id                         LAST 
_refine_hist.details                          ? 
_refine_hist.d_res_high                       2.09 
_refine_hist.d_res_low                        40.21 
_refine_hist.number_atoms_solvent             45 
_refine_hist.number_atoms_total               1100 
_refine_hist.number_reflns_all                ? 
_refine_hist.number_reflns_obs                ? 
_refine_hist.number_reflns_R_free             ? 
_refine_hist.number_reflns_R_work             ? 
_refine_hist.R_factor_all                     ? 
_refine_hist.R_factor_obs                     ? 
_refine_hist.R_factor_R_free                  ? 
_refine_hist.R_factor_R_work                  ? 
_refine_hist.pdbx_number_residues_total       ? 
_refine_hist.pdbx_B_iso_mean_ligand           ? 
_refine_hist.pdbx_B_iso_mean_solvent          ? 
_refine_hist.pdbx_number_atoms_protein        1045 
_refine_hist.pdbx_number_atoms_nucleic_acid   0 
_refine_hist.pdbx_number_atoms_ligand         10 
_refine_hist.pdbx_number_atoms_lipid          ? 
_refine_hist.pdbx_number_atoms_carb           ? 
_refine_hist.pdbx_pseudo_atom_details         ? 
# 
loop_
_refine_ls_restr.pdbx_refine_id 
_refine_ls_restr.criterion 
_refine_ls_restr.dev_ideal 
_refine_ls_restr.dev_ideal_target 
_refine_ls_restr.number 
_refine_ls_restr.rejects 
_refine_ls_restr.type 
_refine_ls_restr.weight 
_refine_ls_restr.pdbx_restraint_function 
'X-RAY DIFFRACTION' ? 0.0017 ? 1071 ? f_bond_d           ? ? 
'X-RAY DIFFRACTION' ? 0.3975 ? 1444 ? f_angle_d          ? ? 
'X-RAY DIFFRACTION' ? 0.0449 ? 159  ? f_chiral_restr     ? ? 
'X-RAY DIFFRACTION' ? 0.0014 ? 178  ? f_plane_restr      ? ? 
'X-RAY DIFFRACTION' ? 2.2878 ? 640  ? f_dihedral_angle_d ? ? 
# 
loop_
_refine_ls_shell.pdbx_refine_id 
_refine_ls_shell.d_res_high 
_refine_ls_shell.d_res_low 
_refine_ls_shell.number_reflns_all 
_refine_ls_shell.number_reflns_obs 
_refine_ls_shell.number_reflns_R_free 
_refine_ls_shell.number_reflns_R_work 
_refine_ls_shell.percent_reflns_obs 
_refine_ls_shell.percent_reflns_R_free 
_refine_ls_shell.R_factor_all 
_refine_ls_shell.R_factor_obs 
_refine_ls_shell.R_factor_R_free 
_refine_ls_shell.R_factor_R_free_error 
_refine_ls_shell.R_factor_R_work 
_refine_ls_shell.redundancy_reflns_all 
_refine_ls_shell.redundancy_reflns_obs 
_refine_ls_shell.wR_factor_all 
_refine_ls_shell.wR_factor_obs 
_refine_ls_shell.wR_factor_R_free 
_refine_ls_shell.wR_factor_R_work 
_refine_ls_shell.pdbx_R_complete 
_refine_ls_shell.pdbx_total_number_of_bins_used 
_refine_ls_shell.pdbx_phase_error 
_refine_ls_shell.pdbx_fsc_work 
_refine_ls_shell.pdbx_fsc_free 
'X-RAY DIFFRACTION' 2.09 2.18  . . 61  605  39.22 . . . 0.3721 . 0.3286 . . . . . . . . . . . 
'X-RAY DIFFRACTION' 2.18 2.28  . . 85  796  51.40 . . . 0.3839 . 0.3045 . . . . . . . . . . . 
'X-RAY DIFFRACTION' 2.28 2.40  . . 115 1066 69.68 . . . 0.2991 . 0.2639 . . . . . . . . . . . 
'X-RAY DIFFRACTION' 2.40 2.55  . . 165 1418 92.84 . . . 0.3105 . 0.2600 . . . . . . . . . . . 
'X-RAY DIFFRACTION' 2.55 2.74  . . 170 1437 94.03 . . . 0.2876 . 0.2818 . . . . . . . . . . . 
'X-RAY DIFFRACTION' 2.74 3.02  . . 163 1485 94.17 . . . 0.2978 . 0.2383 . . . . . . . . . . . 
'X-RAY DIFFRACTION' 3.02 3.46  . . 151 1433 95.08 . . . 0.2853 . 0.2097 . . . . . . . . . . . 
'X-RAY DIFFRACTION' 3.46 4.35  . . 168 1459 94.98 . . . 0.2234 . 0.1773 . . . . . . . . . . . 
'X-RAY DIFFRACTION' 4.35 40.21 . . 150 1403 91.09 . . . 0.2165 . 0.1596 . . . . . . . . . . . 
# 
_struct.entry_id                     8ALU 
_struct.title                        
'Crystal structure of the teichoic acid binding domain of SlpA, S-layer protein from Lactobacillus acidophilus (aa. 314-444)' 
_struct.pdbx_model_details           ? 
_struct.pdbx_formula_weight          ? 
_struct.pdbx_formula_weight_method   ? 
_struct.pdbx_model_type_details      ? 
_struct.pdbx_CASP_flag               N 
# 
_struct_keywords.entry_id        8ALU 
_struct_keywords.text            's-layer, surface layer, cell wall binding, teichoic acids, CELL ADHESION' 
_struct_keywords.pdbx_keywords   'CELL ADHESION' 
# 
loop_
_struct_asym.id 
_struct_asym.pdbx_blank_PDB_chainid_flag 
_struct_asym.pdbx_modified 
_struct_asym.entity_id 
_struct_asym.details 
A N N 1 ? 
B N N 2 ? 
C N N 2 ? 
D N N 3 ? 
# 
_struct_ref.id                         1 
_struct_ref.db_name                    UNP 
_struct_ref.db_code                    A0A809K9V2_LACAI 
_struct_ref.pdbx_db_accession          A0A809K9V2 
_struct_ref.pdbx_db_isoform            ? 
_struct_ref.entity_id                  1 
_struct_ref.pdbx_seq_one_letter_code   
;VASVSKRIMHNAYYYDKDAKRVGTDSVKRYNSVSVLPNTTTINGKTYYQVVENGKAVDKYINAANIDGTKRTLKHNAYVY
ASSKKRANKVVLKKGEVVTTYGASYTFKNGQKYYKIGDNTDKTYVKVANFR
;
_struct_ref.pdbx_align_begin           316 
# 
_struct_ref_seq.align_id                      1 
_struct_ref_seq.ref_id                        1 
_struct_ref_seq.pdbx_PDB_id_code              8ALU 
_struct_ref_seq.pdbx_strand_id                A 
_struct_ref_seq.seq_align_beg                 1 
_struct_ref_seq.pdbx_seq_align_beg_ins_code   ? 
_struct_ref_seq.seq_align_end                 131 
_struct_ref_seq.pdbx_seq_align_end_ins_code   ? 
_struct_ref_seq.pdbx_db_accession             A0A809K9V2 
_struct_ref_seq.db_align_beg                  316 
_struct_ref_seq.pdbx_db_align_beg_ins_code    ? 
_struct_ref_seq.db_align_end                  446 
_struct_ref_seq.pdbx_db_align_end_ins_code    ? 
_struct_ref_seq.pdbx_auth_seq_align_beg       314 
_struct_ref_seq.pdbx_auth_seq_align_end       444 
# 
_pdbx_struct_assembly.id                   1 
_pdbx_struct_assembly.details              author_defined_assembly 
_pdbx_struct_assembly.method_details       ? 
_pdbx_struct_assembly.oligomeric_details   monomeric 
_pdbx_struct_assembly.oligomeric_count     1 
# 
loop_
_pdbx_struct_assembly_prop.biol_id 
_pdbx_struct_assembly_prop.type 
_pdbx_struct_assembly_prop.value 
_pdbx_struct_assembly_prop.details 
1 'ABSA (A^2)' 420  ? 
1 MORE         -14  ? 
1 'SSA (A^2)'  7720 ? 
# 
_pdbx_struct_assembly_gen.assembly_id       1 
_pdbx_struct_assembly_gen.oper_expression   1 
_pdbx_struct_assembly_gen.asym_id_list      A,B,C,D 
# 
_pdbx_struct_assembly_auth_evidence.id                     1 
_pdbx_struct_assembly_auth_evidence.assembly_id            1 
_pdbx_struct_assembly_auth_evidence.experimental_support   'gel filtration' 
_pdbx_struct_assembly_auth_evidence.details                ? 
# 
_pdbx_struct_oper_list.id                   1 
_pdbx_struct_oper_list.type                 'identity operation' 
_pdbx_struct_oper_list.name                 1_555 
_pdbx_struct_oper_list.symmetry_operation   x,y,z 
_pdbx_struct_oper_list.matrix[1][1]         1.0000000000 
_pdbx_struct_oper_list.matrix[1][2]         0.0000000000 
_pdbx_struct_oper_list.matrix[1][3]         0.0000000000 
_pdbx_struct_oper_list.vector[1]            0.0000000000 
_pdbx_struct_oper_list.matrix[2][1]         0.0000000000 
_pdbx_struct_oper_list.matrix[2][2]         1.0000000000 
_pdbx_struct_oper_list.matrix[2][3]         0.0000000000 
_pdbx_struct_oper_list.vector[2]            0.0000000000 
_pdbx_struct_oper_list.matrix[3][1]         0.0000000000 
_pdbx_struct_oper_list.matrix[3][2]         0.0000000000 
_pdbx_struct_oper_list.matrix[3][3]         1.0000000000 
_pdbx_struct_oper_list.vector[3]            0.0000000000 
# 
loop_
_struct_conf.conf_type_id 
_struct_conf.id 
_struct_conf.pdbx_PDB_helix_id 
_struct_conf.beg_label_comp_id 
_struct_conf.beg_label_asym_id 
_struct_conf.beg_label_seq_id 
_struct_conf.pdbx_beg_PDB_ins_code 
_struct_conf.end_label_comp_id 
_struct_conf.end_label_asym_id 
_struct_conf.end_label_seq_id 
_struct_conf.pdbx_end_PDB_ins_code 
_struct_conf.beg_auth_comp_id 
_struct_conf.beg_auth_asym_id 
_struct_conf.beg_auth_seq_id 
_struct_conf.end_auth_comp_id 
_struct_conf.end_auth_asym_id 
_struct_conf.end_auth_seq_id 
_struct_conf.pdbx_PDB_helix_class 
_struct_conf.details 
_struct_conf.pdbx_PDB_helix_length 
HELX_P HELX_P1 AA1 ALA A 64  ? ILE A 66  ? ALA A 377 ILE A 379 5 ? 3 
HELX_P HELX_P2 AA2 ALA A 128 ? PHE A 130 ? ALA A 441 PHE A 443 5 ? 3 
# 
_struct_conf_type.id          HELX_P 
_struct_conf_type.criteria    ? 
_struct_conf_type.reference   ? 
# 
_struct_mon_prot_cis.pdbx_id                1 
_struct_mon_prot_cis.label_comp_id          ARG 
_struct_mon_prot_cis.label_seq_id           29 
_struct_mon_prot_cis.label_asym_id          A 
_struct_mon_prot_cis.label_alt_id           . 
_struct_mon_prot_cis.pdbx_PDB_ins_code      ? 
_struct_mon_prot_cis.auth_comp_id           ARG 
_struct_mon_prot_cis.auth_seq_id            342 
_struct_mon_prot_cis.auth_asym_id           A 
_struct_mon_prot_cis.pdbx_label_comp_id_2   TYR 
_struct_mon_prot_cis.pdbx_label_seq_id_2    30 
_struct_mon_prot_cis.pdbx_label_asym_id_2   A 
_struct_mon_prot_cis.pdbx_PDB_ins_code_2    ? 
_struct_mon_prot_cis.pdbx_auth_comp_id_2    TYR 
_struct_mon_prot_cis.pdbx_auth_seq_id_2     343 
_struct_mon_prot_cis.pdbx_auth_asym_id_2    A 
_struct_mon_prot_cis.pdbx_PDB_model_num     1 
_struct_mon_prot_cis.pdbx_omega_angle       -0.11 
# 
loop_
_struct_sheet.id 
_struct_sheet.type 
_struct_sheet.number_strands 
_struct_sheet.details 
AA1 ? 2 ? 
AA2 ? 3 ? 
AA3 ? 2 ? 
AA4 ? 2 ? 
AA5 ? 3 ? 
# 
loop_
_struct_sheet_order.sheet_id 
_struct_sheet_order.range_id_1 
_struct_sheet_order.range_id_2 
_struct_sheet_order.offset 
_struct_sheet_order.sense 
AA1 1 2 ? anti-parallel 
AA2 1 2 ? anti-parallel 
AA2 2 3 ? anti-parallel 
AA3 1 2 ? anti-parallel 
AA4 1 2 ? anti-parallel 
AA5 1 2 ? anti-parallel 
AA5 2 3 ? anti-parallel 
# 
loop_
_struct_sheet_range.sheet_id 
_struct_sheet_range.id 
_struct_sheet_range.beg_label_comp_id 
_struct_sheet_range.beg_label_asym_id 
_struct_sheet_range.beg_label_seq_id 
_struct_sheet_range.pdbx_beg_PDB_ins_code 
_struct_sheet_range.end_label_comp_id 
_struct_sheet_range.end_label_asym_id 
_struct_sheet_range.end_label_seq_id 
_struct_sheet_range.pdbx_end_PDB_ins_code 
_struct_sheet_range.beg_auth_comp_id 
_struct_sheet_range.beg_auth_asym_id 
_struct_sheet_range.beg_auth_seq_id 
_struct_sheet_range.end_auth_comp_id 
_struct_sheet_range.end_auth_asym_id 
_struct_sheet_range.end_auth_seq_id 
AA1 1 VAL A 4   ? ARG A 7   ? VAL A 317 ARG A 320 
AA1 2 SER A 32  ? VAL A 35  ? SER A 345 VAL A 348 
AA2 1 THR A 40  ? ILE A 42  ? THR A 353 ILE A 355 
AA2 2 LYS A 45  ? GLU A 52  ? LYS A 358 GLU A 365 
AA2 3 LYS A 55  ? ASN A 62  ? LYS A 368 ASN A 375 
AA3 1 THR A 69  ? THR A 72  ? THR A 382 THR A 385 
AA3 2 VAL A 97  ? THR A 100 ? VAL A 410 THR A 413 
AA4 1 ALA A 77  ? TYR A 80  ? ALA A 390 TYR A 393 
AA4 2 ARG A 86  ? LEU A 92  ? ARG A 399 LEU A 405 
AA5 1 TYR A 105 ? THR A 106 ? TYR A 418 THR A 419 
AA5 2 LYS A 112 ? LYS A 115 ? LYS A 425 LYS A 428 
AA5 3 TYR A 124 ? LYS A 126 ? TYR A 437 LYS A 439 
# 
loop_
_pdbx_struct_sheet_hbond.sheet_id 
_pdbx_struct_sheet_hbond.range_id_1 
_pdbx_struct_sheet_hbond.range_id_2 
_pdbx_struct_sheet_hbond.range_1_label_atom_id 
_pdbx_struct_sheet_hbond.range_1_label_comp_id 
_pdbx_struct_sheet_hbond.range_1_label_asym_id 
_pdbx_struct_sheet_hbond.range_1_label_seq_id 
_pdbx_struct_sheet_hbond.range_1_PDB_ins_code 
_pdbx_struct_sheet_hbond.range_1_auth_atom_id 
_pdbx_struct_sheet_hbond.range_1_auth_comp_id 
_pdbx_struct_sheet_hbond.range_1_auth_asym_id 
_pdbx_struct_sheet_hbond.range_1_auth_seq_id 
_pdbx_struct_sheet_hbond.range_2_label_atom_id 
_pdbx_struct_sheet_hbond.range_2_label_comp_id 
_pdbx_struct_sheet_hbond.range_2_label_asym_id 
_pdbx_struct_sheet_hbond.range_2_label_seq_id 
_pdbx_struct_sheet_hbond.range_2_PDB_ins_code 
_pdbx_struct_sheet_hbond.range_2_auth_atom_id 
_pdbx_struct_sheet_hbond.range_2_auth_comp_id 
_pdbx_struct_sheet_hbond.range_2_auth_asym_id 
_pdbx_struct_sheet_hbond.range_2_auth_seq_id 
AA1 1 2 N LYS A 6   ? N LYS A 319 O VAL A 33  ? O VAL A 346 
AA2 1 2 N THR A 40  ? N THR A 353 O TYR A 47  ? O TYR A 360 
AA2 2 3 N VAL A 50  ? N VAL A 363 O LYS A 59  ? O LYS A 372 
AA3 1 2 N ARG A 71  ? N ARG A 384 O VAL A 98  ? O VAL A 411 
AA4 1 2 N ALA A 77  ? N ALA A 390 O LEU A 92  ? O LEU A 405 
AA5 1 2 N TYR A 105 ? N TYR A 418 O TYR A 113 ? O TYR A 426 
AA5 2 3 N TYR A 114 ? N TYR A 427 O VAL A 125 ? O VAL A 438 
# 
loop_
_pdbx_validate_torsion.id 
_pdbx_validate_torsion.PDB_model_num 
_pdbx_validate_torsion.auth_comp_id 
_pdbx_validate_torsion.auth_asym_id 
_pdbx_validate_torsion.auth_seq_id 
_pdbx_validate_torsion.PDB_ins_code 
_pdbx_validate_torsion.label_alt_id 
_pdbx_validate_torsion.phi 
_pdbx_validate_torsion.psi 
1 1 TYR A 343 ? ? -109.75 57.81   
2 1 ILE A 379 ? ? -124.73 -58.52  
3 1 ASN A 401 ? ? -160.56 -155.48 
# 
_pdbx_struct_special_symmetry.id              1 
_pdbx_struct_special_symmetry.PDB_model_num   1 
_pdbx_struct_special_symmetry.auth_asym_id    A 
_pdbx_struct_special_symmetry.auth_comp_id    HOH 
_pdbx_struct_special_symmetry.auth_seq_id     636 
_pdbx_struct_special_symmetry.PDB_ins_code    ? 
_pdbx_struct_special_symmetry.label_asym_id   D 
_pdbx_struct_special_symmetry.label_comp_id   HOH 
_pdbx_struct_special_symmetry.label_seq_id    . 
# 
loop_
_space_group_symop.id 
_space_group_symop.operation_xyz 
1 x,y,z           
2 -x,y,-z         
3 x+1/2,y+1/2,z   
4 -x+1/2,y+1/2,-z 
# 
_pdbx_entry_details.entry_id                 8ALU 
_pdbx_entry_details.has_ligand_of_interest   Y 
_pdbx_entry_details.compound_details         ? 
_pdbx_entry_details.source_details           ? 
_pdbx_entry_details.nonpolymer_details       ? 
_pdbx_entry_details.sequence_details         ? 
# 
loop_
_chem_comp_atom.comp_id 
_chem_comp_atom.atom_id 
_chem_comp_atom.type_symbol 
_chem_comp_atom.pdbx_aromatic_flag 
_chem_comp_atom.pdbx_stereo_config 
_chem_comp_atom.pdbx_ordinal 
ALA N    N N N 1   
ALA CA   C N S 2   
ALA C    C N N 3   
ALA O    O N N 4   
ALA CB   C N N 5   
ALA OXT  O N N 6   
ALA H    H N N 7   
ALA H2   H N N 8   
ALA HA   H N N 9   
ALA HB1  H N N 10  
ALA HB2  H N N 11  
ALA HB3  H N N 12  
ALA HXT  H N N 13  
ARG N    N N N 14  
ARG CA   C N S 15  
ARG C    C N N 16  
ARG O    O N N 17  
ARG CB   C N N 18  
ARG CG   C N N 19  
ARG CD   C N N 20  
ARG NE   N N N 21  
ARG CZ   C N N 22  
ARG NH1  N N N 23  
ARG NH2  N N N 24  
ARG OXT  O N N 25  
ARG H    H N N 26  
ARG H2   H N N 27  
ARG HA   H N N 28  
ARG HB2  H N N 29  
ARG HB3  H N N 30  
ARG HG2  H N N 31  
ARG HG3  H N N 32  
ARG HD2  H N N 33  
ARG HD3  H N N 34  
ARG HE   H N N 35  
ARG HH11 H N N 36  
ARG HH12 H N N 37  
ARG HH21 H N N 38  
ARG HH22 H N N 39  
ARG HXT  H N N 40  
ASN N    N N N 41  
ASN CA   C N S 42  
ASN C    C N N 43  
ASN O    O N N 44  
ASN CB   C N N 45  
ASN CG   C N N 46  
ASN OD1  O N N 47  
ASN ND2  N N N 48  
ASN OXT  O N N 49  
ASN H    H N N 50  
ASN H2   H N N 51  
ASN HA   H N N 52  
ASN HB2  H N N 53  
ASN HB3  H N N 54  
ASN HD21 H N N 55  
ASN HD22 H N N 56  
ASN HXT  H N N 57  
ASP N    N N N 58  
ASP CA   C N S 59  
ASP C    C N N 60  
ASP O    O N N 61  
ASP CB   C N N 62  
ASP CG   C N N 63  
ASP OD1  O N N 64  
ASP OD2  O N N 65  
ASP OXT  O N N 66  
ASP H    H N N 67  
ASP H2   H N N 68  
ASP HA   H N N 69  
ASP HB2  H N N 70  
ASP HB3  H N N 71  
ASP HD2  H N N 72  
ASP HXT  H N N 73  
GLN N    N N N 74  
GLN CA   C N S 75  
GLN C    C N N 76  
GLN O    O N N 77  
GLN CB   C N N 78  
GLN CG   C N N 79  
GLN CD   C N N 80  
GLN OE1  O N N 81  
GLN NE2  N N N 82  
GLN OXT  O N N 83  
GLN H    H N N 84  
GLN H2   H N N 85  
GLN HA   H N N 86  
GLN HB2  H N N 87  
GLN HB3  H N N 88  
GLN HG2  H N N 89  
GLN HG3  H N N 90  
GLN HE21 H N N 91  
GLN HE22 H N N 92  
GLN HXT  H N N 93  
GLU N    N N N 94  
GLU CA   C N S 95  
GLU C    C N N 96  
GLU O    O N N 97  
GLU CB   C N N 98  
GLU CG   C N N 99  
GLU CD   C N N 100 
GLU OE1  O N N 101 
GLU OE2  O N N 102 
GLU OXT  O N N 103 
GLU H    H N N 104 
GLU H2   H N N 105 
GLU HA   H N N 106 
GLU HB2  H N N 107 
GLU HB3  H N N 108 
GLU HG2  H N N 109 
GLU HG3  H N N 110 
GLU HE2  H N N 111 
GLU HXT  H N N 112 
GLY N    N N N 113 
GLY CA   C N N 114 
GLY C    C N N 115 
GLY O    O N N 116 
GLY OXT  O N N 117 
GLY H    H N N 118 
GLY H2   H N N 119 
GLY HA2  H N N 120 
GLY HA3  H N N 121 
GLY HXT  H N N 122 
HIS N    N N N 123 
HIS CA   C N S 124 
HIS C    C N N 125 
HIS O    O N N 126 
HIS CB   C N N 127 
HIS CG   C Y N 128 
HIS ND1  N Y N 129 
HIS CD2  C Y N 130 
HIS CE1  C Y N 131 
HIS NE2  N Y N 132 
HIS OXT  O N N 133 
HIS H    H N N 134 
HIS H2   H N N 135 
HIS HA   H N N 136 
HIS HB2  H N N 137 
HIS HB3  H N N 138 
HIS HD1  H N N 139 
HIS HD2  H N N 140 
HIS HE1  H N N 141 
HIS HE2  H N N 142 
HIS HXT  H N N 143 
HOH O    O N N 144 
HOH H1   H N N 145 
HOH H2   H N N 146 
ILE N    N N N 147 
ILE CA   C N S 148 
ILE C    C N N 149 
ILE O    O N N 150 
ILE CB   C N S 151 
ILE CG1  C N N 152 
ILE CG2  C N N 153 
ILE CD1  C N N 154 
ILE OXT  O N N 155 
ILE H    H N N 156 
ILE H2   H N N 157 
ILE HA   H N N 158 
ILE HB   H N N 159 
ILE HG12 H N N 160 
ILE HG13 H N N 161 
ILE HG21 H N N 162 
ILE HG22 H N N 163 
ILE HG23 H N N 164 
ILE HD11 H N N 165 
ILE HD12 H N N 166 
ILE HD13 H N N 167 
ILE HXT  H N N 168 
LEU N    N N N 169 
LEU CA   C N S 170 
LEU C    C N N 171 
LEU O    O N N 172 
LEU CB   C N N 173 
LEU CG   C N N 174 
LEU CD1  C N N 175 
LEU CD2  C N N 176 
LEU OXT  O N N 177 
LEU H    H N N 178 
LEU H2   H N N 179 
LEU HA   H N N 180 
LEU HB2  H N N 181 
LEU HB3  H N N 182 
LEU HG   H N N 183 
LEU HD11 H N N 184 
LEU HD12 H N N 185 
LEU HD13 H N N 186 
LEU HD21 H N N 187 
LEU HD22 H N N 188 
LEU HD23 H N N 189 
LEU HXT  H N N 190 
LYS N    N N N 191 
LYS CA   C N S 192 
LYS C    C N N 193 
LYS O    O N N 194 
LYS CB   C N N 195 
LYS CG   C N N 196 
LYS CD   C N N 197 
LYS CE   C N N 198 
LYS NZ   N N N 199 
LYS OXT  O N N 200 
LYS H    H N N 201 
LYS H2   H N N 202 
LYS HA   H N N 203 
LYS HB2  H N N 204 
LYS HB3  H N N 205 
LYS HG2  H N N 206 
LYS HG3  H N N 207 
LYS HD2  H N N 208 
LYS HD3  H N N 209 
LYS HE2  H N N 210 
LYS HE3  H N N 211 
LYS HZ1  H N N 212 
LYS HZ2  H N N 213 
LYS HZ3  H N N 214 
LYS HXT  H N N 215 
MET N    N N N 216 
MET CA   C N S 217 
MET C    C N N 218 
MET O    O N N 219 
MET CB   C N N 220 
MET CG   C N N 221 
MET SD   S N N 222 
MET CE   C N N 223 
MET OXT  O N N 224 
MET H    H N N 225 
MET H2   H N N 226 
MET HA   H N N 227 
MET HB2  H N N 228 
MET HB3  H N N 229 
MET HG2  H N N 230 
MET HG3  H N N 231 
MET HE1  H N N 232 
MET HE2  H N N 233 
MET HE3  H N N 234 
MET HXT  H N N 235 
PHE N    N N N 236 
PHE CA   C N S 237 
PHE C    C N N 238 
PHE O    O N N 239 
PHE CB   C N N 240 
PHE CG   C Y N 241 
PHE CD1  C Y N 242 
PHE CD2  C Y N 243 
PHE CE1  C Y N 244 
PHE CE2  C Y N 245 
PHE CZ   C Y N 246 
PHE OXT  O N N 247 
PHE H    H N N 248 
PHE H2   H N N 249 
PHE HA   H N N 250 
PHE HB2  H N N 251 
PHE HB3  H N N 252 
PHE HD1  H N N 253 
PHE HD2  H N N 254 
PHE HE1  H N N 255 
PHE HE2  H N N 256 
PHE HZ   H N N 257 
PHE HXT  H N N 258 
PO4 P    P N N 259 
PO4 O1   O N N 260 
PO4 O2   O N N 261 
PO4 O3   O N N 262 
PO4 O4   O N N 263 
PRO N    N N N 264 
PRO CA   C N S 265 
PRO C    C N N 266 
PRO O    O N N 267 
PRO CB   C N N 268 
PRO CG   C N N 269 
PRO CD   C N N 270 
PRO OXT  O N N 271 
PRO H    H N N 272 
PRO HA   H N N 273 
PRO HB2  H N N 274 
PRO HB3  H N N 275 
PRO HG2  H N N 276 
PRO HG3  H N N 277 
PRO HD2  H N N 278 
PRO HD3  H N N 279 
PRO HXT  H N N 280 
SER N    N N N 281 
SER CA   C N S 282 
SER C    C N N 283 
SER O    O N N 284 
SER CB   C N N 285 
SER OG   O N N 286 
SER OXT  O N N 287 
SER H    H N N 288 
SER H2   H N N 289 
SER HA   H N N 290 
SER HB2  H N N 291 
SER HB3  H N N 292 
SER HG   H N N 293 
SER HXT  H N N 294 
THR N    N N N 295 
THR CA   C N S 296 
THR C    C N N 297 
THR O    O N N 298 
THR CB   C N R 299 
THR OG1  O N N 300 
THR CG2  C N N 301 
THR OXT  O N N 302 
THR H    H N N 303 
THR H2   H N N 304 
THR HA   H N N 305 
THR HB   H N N 306 
THR HG1  H N N 307 
THR HG21 H N N 308 
THR HG22 H N N 309 
THR HG23 H N N 310 
THR HXT  H N N 311 
TYR N    N N N 312 
TYR CA   C N S 313 
TYR C    C N N 314 
TYR O    O N N 315 
TYR CB   C N N 316 
TYR CG   C Y N 317 
TYR CD1  C Y N 318 
TYR CD2  C Y N 319 
TYR CE1  C Y N 320 
TYR CE2  C Y N 321 
TYR CZ   C Y N 322 
TYR OH   O N N 323 
TYR OXT  O N N 324 
TYR H    H N N 325 
TYR H2   H N N 326 
TYR HA   H N N 327 
TYR HB2  H N N 328 
TYR HB3  H N N 329 
TYR HD1  H N N 330 
TYR HD2  H N N 331 
TYR HE1  H N N 332 
TYR HE2  H N N 333 
TYR HH   H N N 334 
TYR HXT  H N N 335 
VAL N    N N N 336 
VAL CA   C N S 337 
VAL C    C N N 338 
VAL O    O N N 339 
VAL CB   C N N 340 
VAL CG1  C N N 341 
VAL CG2  C N N 342 
VAL OXT  O N N 343 
VAL H    H N N 344 
VAL H2   H N N 345 
VAL HA   H N N 346 
VAL HB   H N N 347 
VAL HG11 H N N 348 
VAL HG12 H N N 349 
VAL HG13 H N N 350 
VAL HG21 H N N 351 
VAL HG22 H N N 352 
VAL HG23 H N N 353 
VAL HXT  H N N 354 
# 
loop_
_chem_comp_bond.comp_id 
_chem_comp_bond.atom_id_1 
_chem_comp_bond.atom_id_2 
_chem_comp_bond.value_order 
_chem_comp_bond.pdbx_aromatic_flag 
_chem_comp_bond.pdbx_stereo_config 
_chem_comp_bond.pdbx_ordinal 
ALA N   CA   sing N N 1   
ALA N   H    sing N N 2   
ALA N   H2   sing N N 3   
ALA CA  C    sing N N 4   
ALA CA  CB   sing N N 5   
ALA CA  HA   sing N N 6   
ALA C   O    doub N N 7   
ALA C   OXT  sing N N 8   
ALA CB  HB1  sing N N 9   
ALA CB  HB2  sing N N 10  
ALA CB  HB3  sing N N 11  
ALA OXT HXT  sing N N 12  
ARG N   CA   sing N N 13  
ARG N   H    sing N N 14  
ARG N   H2   sing N N 15  
ARG CA  C    sing N N 16  
ARG CA  CB   sing N N 17  
ARG CA  HA   sing N N 18  
ARG C   O    doub N N 19  
ARG C   OXT  sing N N 20  
ARG CB  CG   sing N N 21  
ARG CB  HB2  sing N N 22  
ARG CB  HB3  sing N N 23  
ARG CG  CD   sing N N 24  
ARG CG  HG2  sing N N 25  
ARG CG  HG3  sing N N 26  
ARG CD  NE   sing N N 27  
ARG CD  HD2  sing N N 28  
ARG CD  HD3  sing N N 29  
ARG NE  CZ   sing N N 30  
ARG NE  HE   sing N N 31  
ARG CZ  NH1  sing N N 32  
ARG CZ  NH2  doub N N 33  
ARG NH1 HH11 sing N N 34  
ARG NH1 HH12 sing N N 35  
ARG NH2 HH21 sing N N 36  
ARG NH2 HH22 sing N N 37  
ARG OXT HXT  sing N N 38  
ASN N   CA   sing N N 39  
ASN N   H    sing N N 40  
ASN N   H2   sing N N 41  
ASN CA  C    sing N N 42  
ASN CA  CB   sing N N 43  
ASN CA  HA   sing N N 44  
ASN C   O    doub N N 45  
ASN C   OXT  sing N N 46  
ASN CB  CG   sing N N 47  
ASN CB  HB2  sing N N 48  
ASN CB  HB3  sing N N 49  
ASN CG  OD1  doub N N 50  
ASN CG  ND2  sing N N 51  
ASN ND2 HD21 sing N N 52  
ASN ND2 HD22 sing N N 53  
ASN OXT HXT  sing N N 54  
ASP N   CA   sing N N 55  
ASP N   H    sing N N 56  
ASP N   H2   sing N N 57  
ASP CA  C    sing N N 58  
ASP CA  CB   sing N N 59  
ASP CA  HA   sing N N 60  
ASP C   O    doub N N 61  
ASP C   OXT  sing N N 62  
ASP CB  CG   sing N N 63  
ASP CB  HB2  sing N N 64  
ASP CB  HB3  sing N N 65  
ASP CG  OD1  doub N N 66  
ASP CG  OD2  sing N N 67  
ASP OD2 HD2  sing N N 68  
ASP OXT HXT  sing N N 69  
GLN N   CA   sing N N 70  
GLN N   H    sing N N 71  
GLN N   H2   sing N N 72  
GLN CA  C    sing N N 73  
GLN CA  CB   sing N N 74  
GLN CA  HA   sing N N 75  
GLN C   O    doub N N 76  
GLN C   OXT  sing N N 77  
GLN CB  CG   sing N N 78  
GLN CB  HB2  sing N N 79  
GLN CB  HB3  sing N N 80  
GLN CG  CD   sing N N 81  
GLN CG  HG2  sing N N 82  
GLN CG  HG3  sing N N 83  
GLN CD  OE1  doub N N 84  
GLN CD  NE2  sing N N 85  
GLN NE2 HE21 sing N N 86  
GLN NE2 HE22 sing N N 87  
GLN OXT HXT  sing N N 88  
GLU N   CA   sing N N 89  
GLU N   H    sing N N 90  
GLU N   H2   sing N N 91  
GLU CA  C    sing N N 92  
GLU CA  CB   sing N N 93  
GLU CA  HA   sing N N 94  
GLU C   O    doub N N 95  
GLU C   OXT  sing N N 96  
GLU CB  CG   sing N N 97  
GLU CB  HB2  sing N N 98  
GLU CB  HB3  sing N N 99  
GLU CG  CD   sing N N 100 
GLU CG  HG2  sing N N 101 
GLU CG  HG3  sing N N 102 
GLU CD  OE1  doub N N 103 
GLU CD  OE2  sing N N 104 
GLU OE2 HE2  sing N N 105 
GLU OXT HXT  sing N N 106 
GLY N   CA   sing N N 107 
GLY N   H    sing N N 108 
GLY N   H2   sing N N 109 
GLY CA  C    sing N N 110 
GLY CA  HA2  sing N N 111 
GLY CA  HA3  sing N N 112 
GLY C   O    doub N N 113 
GLY C   OXT  sing N N 114 
GLY OXT HXT  sing N N 115 
HIS N   CA   sing N N 116 
HIS N   H    sing N N 117 
HIS N   H2   sing N N 118 
HIS CA  C    sing N N 119 
HIS CA  CB   sing N N 120 
HIS CA  HA   sing N N 121 
HIS C   O    doub N N 122 
HIS C   OXT  sing N N 123 
HIS CB  CG   sing N N 124 
HIS CB  HB2  sing N N 125 
HIS CB  HB3  sing N N 126 
HIS CG  ND1  sing Y N 127 
HIS CG  CD2  doub Y N 128 
HIS ND1 CE1  doub Y N 129 
HIS ND1 HD1  sing N N 130 
HIS CD2 NE2  sing Y N 131 
HIS CD2 HD2  sing N N 132 
HIS CE1 NE2  sing Y N 133 
HIS CE1 HE1  sing N N 134 
HIS NE2 HE2  sing N N 135 
HIS OXT HXT  sing N N 136 
HOH O   H1   sing N N 137 
HOH O   H2   sing N N 138 
ILE N   CA   sing N N 139 
ILE N   H    sing N N 140 
ILE N   H2   sing N N 141 
ILE CA  C    sing N N 142 
ILE CA  CB   sing N N 143 
ILE CA  HA   sing N N 144 
ILE C   O    doub N N 145 
ILE C   OXT  sing N N 146 
ILE CB  CG1  sing N N 147 
ILE CB  CG2  sing N N 148 
ILE CB  HB   sing N N 149 
ILE CG1 CD1  sing N N 150 
ILE CG1 HG12 sing N N 151 
ILE CG1 HG13 sing N N 152 
ILE CG2 HG21 sing N N 153 
ILE CG2 HG22 sing N N 154 
ILE CG2 HG23 sing N N 155 
ILE CD1 HD11 sing N N 156 
ILE CD1 HD12 sing N N 157 
ILE CD1 HD13 sing N N 158 
ILE OXT HXT  sing N N 159 
LEU N   CA   sing N N 160 
LEU N   H    sing N N 161 
LEU N   H2   sing N N 162 
LEU CA  C    sing N N 163 
LEU CA  CB   sing N N 164 
LEU CA  HA   sing N N 165 
LEU C   O    doub N N 166 
LEU C   OXT  sing N N 167 
LEU CB  CG   sing N N 168 
LEU CB  HB2  sing N N 169 
LEU CB  HB3  sing N N 170 
LEU CG  CD1  sing N N 171 
LEU CG  CD2  sing N N 172 
LEU CG  HG   sing N N 173 
LEU CD1 HD11 sing N N 174 
LEU CD1 HD12 sing N N 175 
LEU CD1 HD13 sing N N 176 
LEU CD2 HD21 sing N N 177 
LEU CD2 HD22 sing N N 178 
LEU CD2 HD23 sing N N 179 
LEU OXT HXT  sing N N 180 
LYS N   CA   sing N N 181 
LYS N   H    sing N N 182 
LYS N   H2   sing N N 183 
LYS CA  C    sing N N 184 
LYS CA  CB   sing N N 185 
LYS CA  HA   sing N N 186 
LYS C   O    doub N N 187 
LYS C   OXT  sing N N 188 
LYS CB  CG   sing N N 189 
LYS CB  HB2  sing N N 190 
LYS CB  HB3  sing N N 191 
LYS CG  CD   sing N N 192 
LYS CG  HG2  sing N N 193 
LYS CG  HG3  sing N N 194 
LYS CD  CE   sing N N 195 
LYS CD  HD2  sing N N 196 
LYS CD  HD3  sing N N 197 
LYS CE  NZ   sing N N 198 
LYS CE  HE2  sing N N 199 
LYS CE  HE3  sing N N 200 
LYS NZ  HZ1  sing N N 201 
LYS NZ  HZ2  sing N N 202 
LYS NZ  HZ3  sing N N 203 
LYS OXT HXT  sing N N 204 
MET N   CA   sing N N 205 
MET N   H    sing N N 206 
MET N   H2   sing N N 207 
MET CA  C    sing N N 208 
MET CA  CB   sing N N 209 
MET CA  HA   sing N N 210 
MET C   O    doub N N 211 
MET C   OXT  sing N N 212 
MET CB  CG   sing N N 213 
MET CB  HB2  sing N N 214 
MET CB  HB3  sing N N 215 
MET CG  SD   sing N N 216 
MET CG  HG2  sing N N 217 
MET CG  HG3  sing N N 218 
MET SD  CE   sing N N 219 
MET CE  HE1  sing N N 220 
MET CE  HE2  sing N N 221 
MET CE  HE3  sing N N 222 
MET OXT HXT  sing N N 223 
PHE N   CA   sing N N 224 
PHE N   H    sing N N 225 
PHE N   H2   sing N N 226 
PHE CA  C    sing N N 227 
PHE CA  CB   sing N N 228 
PHE CA  HA   sing N N 229 
PHE C   O    doub N N 230 
PHE C   OXT  sing N N 231 
PHE CB  CG   sing N N 232 
PHE CB  HB2  sing N N 233 
PHE CB  HB3  sing N N 234 
PHE CG  CD1  doub Y N 235 
PHE CG  CD2  sing Y N 236 
PHE CD1 CE1  sing Y N 237 
PHE CD1 HD1  sing N N 238 
PHE CD2 CE2  doub Y N 239 
PHE CD2 HD2  sing N N 240 
PHE CE1 CZ   doub Y N 241 
PHE CE1 HE1  sing N N 242 
PHE CE2 CZ   sing Y N 243 
PHE CE2 HE2  sing N N 244 
PHE CZ  HZ   sing N N 245 
PHE OXT HXT  sing N N 246 
PO4 P   O1   doub N N 247 
PO4 P   O2   sing N N 248 
PO4 P   O3   sing N N 249 
PO4 P   O4   sing N N 250 
PRO N   CA   sing N N 251 
PRO N   CD   sing N N 252 
PRO N   H    sing N N 253 
PRO CA  C    sing N N 254 
PRO CA  CB   sing N N 255 
PRO CA  HA   sing N N 256 
PRO C   O    doub N N 257 
PRO C   OXT  sing N N 258 
PRO CB  CG   sing N N 259 
PRO CB  HB2  sing N N 260 
PRO CB  HB3  sing N N 261 
PRO CG  CD   sing N N 262 
PRO CG  HG2  sing N N 263 
PRO CG  HG3  sing N N 264 
PRO CD  HD2  sing N N 265 
PRO CD  HD3  sing N N 266 
PRO OXT HXT  sing N N 267 
SER N   CA   sing N N 268 
SER N   H    sing N N 269 
SER N   H2   sing N N 270 
SER CA  C    sing N N 271 
SER CA  CB   sing N N 272 
SER CA  HA   sing N N 273 
SER C   O    doub N N 274 
SER C   OXT  sing N N 275 
SER CB  OG   sing N N 276 
SER CB  HB2  sing N N 277 
SER CB  HB3  sing N N 278 
SER OG  HG   sing N N 279 
SER OXT HXT  sing N N 280 
THR N   CA   sing N N 281 
THR N   H    sing N N 282 
THR N   H2   sing N N 283 
THR CA  C    sing N N 284 
THR CA  CB   sing N N 285 
THR CA  HA   sing N N 286 
THR C   O    doub N N 287 
THR C   OXT  sing N N 288 
THR CB  OG1  sing N N 289 
THR CB  CG2  sing N N 290 
THR CB  HB   sing N N 291 
THR OG1 HG1  sing N N 292 
THR CG2 HG21 sing N N 293 
THR CG2 HG22 sing N N 294 
THR CG2 HG23 sing N N 295 
THR OXT HXT  sing N N 296 
TYR N   CA   sing N N 297 
TYR N   H    sing N N 298 
TYR N   H2   sing N N 299 
TYR CA  C    sing N N 300 
TYR CA  CB   sing N N 301 
TYR CA  HA   sing N N 302 
TYR C   O    doub N N 303 
TYR C   OXT  sing N N 304 
TYR CB  CG   sing N N 305 
TYR CB  HB2  sing N N 306 
TYR CB  HB3  sing N N 307 
TYR CG  CD1  doub Y N 308 
TYR CG  CD2  sing Y N 309 
TYR CD1 CE1  sing Y N 310 
TYR CD1 HD1  sing N N 311 
TYR CD2 CE2  doub Y N 312 
TYR CD2 HD2  sing N N 313 
TYR CE1 CZ   doub Y N 314 
TYR CE1 HE1  sing N N 315 
TYR CE2 CZ   sing Y N 316 
TYR CE2 HE2  sing N N 317 
TYR CZ  OH   sing N N 318 
TYR OH  HH   sing N N 319 
TYR OXT HXT  sing N N 320 
VAL N   CA   sing N N 321 
VAL N   H    sing N N 322 
VAL N   H2   sing N N 323 
VAL CA  C    sing N N 324 
VAL CA  CB   sing N N 325 
VAL CA  HA   sing N N 326 
VAL C   O    doub N N 327 
VAL C   OXT  sing N N 328 
VAL CB  CG1  sing N N 329 
VAL CB  CG2  sing N N 330 
VAL CB  HB   sing N N 331 
VAL CG1 HG11 sing N N 332 
VAL CG1 HG12 sing N N 333 
VAL CG1 HG13 sing N N 334 
VAL CG2 HG21 sing N N 335 
VAL CG2 HG22 sing N N 336 
VAL CG2 HG23 sing N N 337 
VAL OXT HXT  sing N N 338 
# 
_pdbx_audit_support.funding_organization   'Austrian Science Fund' 
_pdbx_audit_support.country                Austria 
_pdbx_audit_support.grant_number           P29432 
_pdbx_audit_support.ordinal                1 
# 
_pdbx_entity_instance_feature.ordinal        1 
_pdbx_entity_instance_feature.comp_id        PO4 
_pdbx_entity_instance_feature.asym_id        ? 
_pdbx_entity_instance_feature.seq_num        ? 
_pdbx_entity_instance_feature.auth_comp_id   PO4 
_pdbx_entity_instance_feature.auth_asym_id   ? 
_pdbx_entity_instance_feature.auth_seq_num   ? 
_pdbx_entity_instance_feature.feature_type   'SUBJECT OF INVESTIGATION' 
_pdbx_entity_instance_feature.details        ? 
# 
_space_group.name_H-M_alt     'C 1 2 1' 
_space_group.name_Hall        'C 2y' 
_space_group.IT_number        5 
_space_group.crystal_system   monoclinic 
_space_group.id               1 
# 
_atom_sites.entry_id                    8ALU 
_atom_sites.Cartn_transf_matrix[1][1]   ? 
_atom_sites.Cartn_transf_matrix[1][2]   ? 
_atom_sites.Cartn_transf_matrix[1][3]   ? 
_atom_sites.Cartn_transf_matrix[2][1]   ? 
_atom_sites.Cartn_transf_matrix[2][2]   ? 
_atom_sites.Cartn_transf_matrix[2][3]   ? 
_atom_sites.Cartn_transf_matrix[3][1]   ? 
_atom_sites.Cartn_transf_matrix[3][2]   ? 
_atom_sites.Cartn_transf_matrix[3][3]   ? 
_atom_sites.Cartn_transf_vector[1]      ? 
_atom_sites.Cartn_transf_vector[2]      ? 
_atom_sites.Cartn_transf_vector[3]      ? 
_atom_sites.fract_transf_matrix[1][1]   0.00750619 
_atom_sites.fract_transf_matrix[1][2]   -0.00160015 
_atom_sites.fract_transf_matrix[1][3]   0.00978405 
_atom_sites.fract_transf_matrix[2][1]   -0.00031178 
_atom_sites.fract_transf_matrix[2][2]   0.03644415 
_atom_sites.fract_transf_matrix[2][3]   0.00619952 
_atom_sites.fract_transf_matrix[3][1]   -0.01270285 
_atom_sites.fract_transf_matrix[3][2]   -0.00178071 
_atom_sites.fract_transf_matrix[3][3]   0.00982915 
_atom_sites.fract_transf_vector[1]      0.525520 
_atom_sites.fract_transf_vector[2]      0.457155 
_atom_sites.fract_transf_vector[3]      0.262840 
_atom_sites.solution_primary            ? 
_atom_sites.solution_secondary          ? 
_atom_sites.solution_hydrogens          ? 
_atom_sites.special_details             ? 
# 
loop_
_atom_type.symbol 
_atom_type.scat_dispersion_real 
_atom_type.scat_dispersion_imag 
_atom_type.scat_Cromer_Mann_a1 
_atom_type.scat_Cromer_Mann_a2 
_atom_type.scat_Cromer_Mann_a3 
_atom_type.scat_Cromer_Mann_a4 
_atom_type.scat_Cromer_Mann_b1 
_atom_type.scat_Cromer_Mann_b2 
_atom_type.scat_Cromer_Mann_b3 
_atom_type.scat_Cromer_Mann_b4 
_atom_type.scat_Cromer_Mann_c 
_atom_type.scat_source 
_atom_type.scat_dispersion_source 
C ? ? 3.54356 2.42580 ? ? 25.62398 1.50364  ? ? 0.0 
;2-Gaussian fit: Grosse-Kunstleve RW, Sauter NK, Adams PD: Newsletter of the IUCr Commission on Crystallographic Computing 2004, 3, 22-31.
;
? 
N ? ? 4.01032 2.96436 ? ? 19.97189 1.75589  ? ? 0.0 
;2-Gaussian fit: Grosse-Kunstleve RW, Sauter NK, Adams PD: Newsletter of the IUCr Commission on Crystallographic Computing 2004, 3, 22-31.
;
? 
O ? ? 4.49882 3.47563 ? ? 15.80542 1.70748  ? ? 0.0 
;2-Gaussian fit: Grosse-Kunstleve RW, Sauter NK, Adams PD: Newsletter of the IUCr Commission on Crystallographic Computing 2004, 3, 22-31.
;
? 
P ? ? 9.51135 5.44231 ? ? 1.42069  35.72801 ? ? 0.0 
;2-Gaussian fit: Grosse-Kunstleve RW, Sauter NK, Adams PD: Newsletter of the IUCr Commission on Crystallographic Computing 2004, 3, 22-31.
;
? 
S ? ? 9.55732 6.39887 ? ? 1.23737  29.19336 ? ? 0.0 
;2-Gaussian fit: Grosse-Kunstleve RW, Sauter NK, Adams PD: Newsletter of the IUCr Commission on Crystallographic Computing 2004, 3, 22-31.
;
? 
# 
loop_
_atom_site.group_PDB 
_atom_site.id 
_atom_site.type_symbol 
_atom_site.label_atom_id 
_atom_site.label_alt_id 
_atom_site.label_comp_id 
_atom_site.label_asym_id 
_atom_site.label_entity_id 
_atom_site.label_seq_id 
_atom_site.pdbx_PDB_ins_code 
_atom_site.Cartn_x 
_atom_site.Cartn_y 
_atom_site.Cartn_z 
_atom_site.occupancy 
_atom_site.B_iso_or_equiv 
_atom_site.pdbx_formal_charge 
_atom_site.auth_seq_id 
_atom_site.auth_comp_id 
_atom_site.auth_asym_id 
_atom_site.auth_atom_id 
_atom_site.pdbx_PDB_model_num 
ATOM   1    N N   . VAL A 1 1   ? -25.40117 -0.13195  -6.32296  1.000 56.51772 ? 314 VAL A N   1 
ATOM   2    C CA  . VAL A 1 1   ? -24.30421 -0.33240  -7.25879  1.000 58.19413 ? 314 VAL A CA  1 
ATOM   3    C C   . VAL A 1 1   ? -23.44236 -1.49134  -6.75423  1.000 59.86488 ? 314 VAL A C   1 
ATOM   4    O O   . VAL A 1 1   ? -23.38464 -1.75332  -5.55158  1.000 60.30842 ? 314 VAL A O   1 
ATOM   5    C CB  . VAL A 1 1   ? -23.48161 0.97300   -7.44555  1.000 54.83577 ? 314 VAL A CB  1 
ATOM   6    C CG1 . VAL A 1 1   ? -22.90120 1.46247   -6.11574  1.000 56.20626 ? 314 VAL A CG1 1 
ATOM   7    C CG2 . VAL A 1 1   ? -22.40648 0.80882   -8.51694  1.000 58.81768 ? 314 VAL A CG2 1 
ATOM   8    N N   . ALA A 1 2   ? -22.79579 -2.19771  -7.67914  1.000 56.57568 ? 315 ALA A N   1 
ATOM   9    C CA  . ALA A 1 2   ? -21.95752 -3.33153  -7.31390  1.000 53.21052 ? 315 ALA A CA  1 
ATOM   10   C C   . ALA A 1 2   ? -20.76389 -2.86980  -6.48612  1.000 56.20005 ? 315 ALA A C   1 
ATOM   11   O O   . ALA A 1 2   ? -20.04175 -1.94718  -6.87454  1.000 52.74081 ? 315 ALA A O   1 
ATOM   12   C CB  . ALA A 1 2   ? -21.48108 -4.06124  -8.56820  1.000 53.92951 ? 315 ALA A CB  1 
ATOM   13   N N   . SER A 1 3   ? -20.55394 -3.51265  -5.34213  1.000 51.06050 ? 316 SER A N   1 
ATOM   14   C CA  . SER A 1 3   ? -19.44293 -3.17968  -4.46435  1.000 45.58940 ? 316 SER A CA  1 
ATOM   15   C C   . SER A 1 3   ? -18.60538 -4.41936  -4.19469  1.000 42.65586 ? 316 SER A C   1 
ATOM   16   O O   . SER A 1 3   ? -19.08132 -5.55034  -4.31799  1.000 45.40284 ? 316 SER A O   1 
ATOM   17   C CB  . SER A 1 3   ? -19.92601 -2.59471  -3.14223  1.000 46.19655 ? 316 SER A CB  1 
ATOM   18   O OG  . SER A 1 3   ? -20.31283 -3.61932  -2.24469  1.000 49.46553 ? 316 SER A OG  1 
ATOM   19   N N   . VAL A 1 4   ? -17.34883 -4.19599  -3.82377  1.000 42.04433 ? 317 VAL A N   1 
ATOM   20   C CA  . VAL A 1 4   ? -16.43579 -5.27180  -3.46132  1.000 41.11426 ? 317 VAL A CA  1 
ATOM   21   C C   . VAL A 1 4   ? -15.57146 -4.78521  -2.30694  1.000 42.11410 ? 317 VAL A C   1 
ATOM   22   O O   . VAL A 1 4   ? -15.16141 -3.61919  -2.27137  1.000 39.17822 ? 317 VAL A O   1 
ATOM   23   C CB  . VAL A 1 4   ? -15.57860 -5.72262  -4.66488  1.000 42.37164 ? 317 VAL A CB  1 
ATOM   24   C CG1 . VAL A 1 4   ? -14.82054 -4.54295  -5.26702  1.000 46.77855 ? 317 VAL A CG1 1 
ATOM   25   C CG2 . VAL A 1 4   ? -14.64122 -6.86023  -4.27311  1.000 45.47119 ? 317 VAL A CG2 1 
ATOM   26   N N   . SER A 1 5   ? -15.31906 -5.67366  -1.34915  1.000 37.34637 ? 318 SER A N   1 
ATOM   27   C CA  . SER A 1 5   ? -14.55056 -5.33929  -0.15706  1.000 35.43831 ? 318 SER A CA  1 
ATOM   28   C C   . SER A 1 5   ? -13.06423 -5.51276  -0.44571  1.000 35.49266 ? 318 SER A C   1 
ATOM   29   O O   . SER A 1 5   ? -12.62898 -6.59238  -0.86044  1.000 38.35944 ? 318 SER A O   1 
ATOM   30   C CB  . SER A 1 5   ? -14.97752 -6.21383  1.02180   1.000 36.19372 ? 318 SER A CB  1 
ATOM   31   O OG  . SER A 1 5   ? -14.23490 -5.90901  2.18969   1.000 40.85077 ? 318 SER A OG  1 
ATOM   32   N N   . LYS A 1 6   ? -12.29060 -4.45304  -0.22298  1.000 32.72743 ? 319 LYS A N   1 
ATOM   33   C CA  . LYS A 1 6   ? -10.84795 -4.46674  -0.41678  1.000 32.41443 ? 319 LYS A CA  1 
ATOM   34   C C   . LYS A 1 6   ? -10.15499 -4.15675  0.90173   1.000 36.46955 ? 319 LYS A C   1 
ATOM   35   O O   . LYS A 1 6   ? -10.55990 -3.24114  1.62490   1.000 37.93868 ? 319 LYS A O   1 
ATOM   36   C CB  . LYS A 1 6   ? -10.41828 -3.44827  -1.47850  1.000 33.97907 ? 319 LYS A CB  1 
ATOM   37   C CG  . LYS A 1 6   ? -10.92683 -3.74807  -2.87683  1.000 36.29676 ? 319 LYS A CG  1 
ATOM   38   C CD  . LYS A 1 6   ? -10.18744 -4.92000  -3.49490  1.000 37.66304 ? 319 LYS A CD  1 
ATOM   39   C CE  . LYS A 1 6   ? -10.53265 -5.07081  -4.96617  1.000 36.08372 ? 319 LYS A CE  1 
ATOM   40   N NZ  . LYS A 1 6   ? -9.78741  -6.19569  -5.59237  1.000 37.12685 ? 319 LYS A NZ  1 
ATOM   41   N N   . ARG A 1 7   ? -9.10976  -4.92005  1.21102   1.000 31.37989 ? 320 ARG A N   1 
ATOM   42   C CA  . ARG A 1 7   ? -8.34157  -4.68897  2.42605   1.000 34.70111 ? 320 ARG A CA  1 
ATOM   43   C C   . ARG A 1 7   ? -7.32848  -3.57427  2.20033   1.000 33.67127 ? 320 ARG A C   1 
ATOM   44   O O   . ARG A 1 7   ? -6.60842  -3.56874  1.19668   1.000 30.43879 ? 320 ARG A O   1 
ATOM   45   C CB  . ARG A 1 7   ? -7.62907  -5.96651  2.86854   1.000 34.18308 ? 320 ARG A CB  1 
ATOM   46   C CG  . ARG A 1 7   ? -6.61602  -5.74203  3.98218   1.000 35.40139 ? 320 ARG A CG  1 
ATOM   47   C CD  . ARG A 1 7   ? -6.26416  -7.03380  4.70156   1.000 35.76735 ? 320 ARG A CD  1 
ATOM   48   N NE  . ARG A 1 7   ? -5.45886  -7.92387  3.87078   1.000 35.18753 ? 320 ARG A NE  1 
ATOM   49   C CZ  . ARG A 1 7   ? -5.06776  -9.13879  4.24106   1.000 38.35476 ? 320 ARG A CZ  1 
ATOM   50   N NH1 . ARG A 1 7   ? -5.40637  -9.61137  5.43285   1.000 39.71792 ? 320 ARG A NH1 1 
ATOM   51   N NH2 . ARG A 1 7   ? -4.33580  -9.88116  3.42159   1.000 37.23131 ? 320 ARG A NH2 1 
ATOM   52   N N   . ILE A 1 8   ? -7.27547  -2.63356  3.13728   1.000 29.43186 ? 321 ILE A N   1 
ATOM   53   C CA  . ILE A 1 8   ? -6.33665  -1.51982  3.06386   1.000 27.24579 ? 321 ILE A CA  1 
ATOM   54   C C   . ILE A 1 8   ? -4.99681  -1.97428  3.63015   1.000 30.67902 ? 321 ILE A C   1 
ATOM   55   O O   . ILE A 1 8   ? -4.90831  -2.38021  4.79310   1.000 31.20767 ? 321 ILE A O   1 
ATOM   56   C CB  . ILE A 1 8   ? -6.87592  -0.29785  3.81978   1.000 31.58926 ? 321 ILE A CB  1 
ATOM   57   C CG1 . ILE A 1 8   ? -8.10562  0.26451   3.10502   1.000 37.82527 ? 321 ILE A CG1 1 
ATOM   58   C CG2 . ILE A 1 8   ? -5.80617  0.76473   3.95434   1.000 30.96200 ? 321 ILE A CG2 1 
ATOM   59   C CD1 . ILE A 1 8   ? -7.81710  0.78084   1.71449   1.000 32.04615 ? 321 ILE A CD1 1 
ATOM   60   N N   . MET A 1 9   ? -3.95134  -1.90931  2.80842   1.000 27.93416 ? 322 MET A N   1 
ATOM   61   C CA  . MET A 1 9   ? -2.62494  -2.36900  3.19698   1.000 28.26622 ? 322 MET A CA  1 
ATOM   62   C C   . MET A 1 9   ? -1.70369  -1.23645  3.62867   1.000 29.37458 ? 322 MET A C   1 
ATOM   63   O O   . MET A 1 9   ? -0.55064  -1.49571  3.98738   1.000 30.69675 ? 322 MET A O   1 
ATOM   64   C CB  . MET A 1 9   ? -1.98364  -3.15040  2.04629   1.000 27.28572 ? 322 MET A CB  1 
ATOM   65   C CG  . MET A 1 9   ? -2.79057  -4.36064  1.60558   1.000 29.21555 ? 322 MET A CG  1 
ATOM   66   S SD  . MET A 1 9   ? -2.95651  -5.58920  2.91674   1.000 31.58485 ? 322 MET A SD  1 
ATOM   67   C CE  . MET A 1 9   ? -1.26258  -6.15004  3.06024   1.000 28.51343 ? 322 MET A CE  1 
ATOM   68   N N   . HIS A 1 10  ? -2.18325  0.00422   3.60730   1.000 31.08523 ? 323 HIS A N   1 
ATOM   69   C CA  . HIS A 1 10  ? -1.39703  1.15680   4.02108   1.000 30.55771 ? 323 HIS A CA  1 
ATOM   70   C C   . HIS A 1 10  ? -2.35823  2.30002   4.30272   1.000 32.57952 ? 323 HIS A C   1 
ATOM   71   O O   . HIS A 1 10  ? -3.29109  2.52607   3.52824   1.000 34.52627 ? 323 HIS A O   1 
ATOM   72   C CB  . HIS A 1 10  ? -0.38112  1.55920   2.94277   1.000 32.38033 ? 323 HIS A CB  1 
ATOM   73   C CG  . HIS A 1 10  ? 0.56902   2.63566   3.37074   1.000 32.56343 ? 323 HIS A CG  1 
ATOM   74   N ND1 . HIS A 1 10  ? 0.15711   3.91228   3.68768   1.000 31.55156 ? 323 HIS A ND1 1 
ATOM   75   C CD2 . HIS A 1 10  ? 1.91481   2.62741   3.52119   1.000 32.62741 ? 323 HIS A CD2 1 
ATOM   76   C CE1 . HIS A 1 10  ? 1.20643   4.64152   4.02310   1.000 28.60296 ? 323 HIS A CE1 1 
ATOM   77   N NE2 . HIS A 1 10  ? 2.28534   3.88556   3.93014   1.000 32.12822 ? 323 HIS A NE2 1 
ATOM   78   N N   . ASN A 1 11  ? -2.12753  3.00442   5.41242   1.000 31.80021 ? 324 ASN A N   1 
ATOM   79   C CA  . ASN A 1 11  ? -2.95421  4.14645   5.79191   1.000 35.16903 ? 324 ASN A CA  1 
ATOM   80   C C   . ASN A 1 11  ? -3.18730  5.05737   4.59590   1.000 35.12571 ? 324 ASN A C   1 
ATOM   81   O O   . ASN A 1 11  ? -2.23739  5.57666   4.00258   1.000 34.01063 ? 324 ASN A O   1 
ATOM   82   C CB  . ASN A 1 11  ? -2.28482  4.92152   6.92934   1.000 33.30707 ? 324 ASN A CB  1 
ATOM   83   C CG  . ASN A 1 11  ? -2.38951  4.20838   8.26510   1.000 37.34148 ? 324 ASN A CG  1 
ATOM   84   O OD1 . ASN A 1 11  ? -2.89554  3.08912   8.34898   1.000 35.66459 ? 324 ASN A OD1 1 
ATOM   85   N ND2 . ASN A 1 11  ? -1.90970  4.85727   9.31945   1.000 34.78137 ? 324 ASN A ND2 1 
ATOM   86   N N   . ALA A 1 12  ? -4.45517  5.23491   4.23307   1.000 36.24668 ? 325 ALA A N   1 
ATOM   87   C CA  . ALA A 1 12  ? -4.83065  5.88452   2.98548   1.000 38.24552 ? 325 ALA A CA  1 
ATOM   88   C C   . ALA A 1 12  ? -5.73308  7.07788   3.25750   1.000 35.69914 ? 325 ALA A C   1 
ATOM   89   O O   . ALA A 1 12  ? -6.70303  6.97061   4.01538   1.000 36.55559 ? 325 ALA A O   1 
ATOM   90   C CB  . ALA A 1 12  ? -5.53589  4.89867   2.04937   1.000 33.89262 ? 325 ALA A CB  1 
ATOM   91   N N   . TYR A 1 13  ? -5.41063  8.20820   2.63600   1.000 35.52925 ? 326 TYR A N   1 
ATOM   92   C CA  . TYR A 1 13  ? -6.30689  9.35052   2.62455   1.000 39.25649 ? 326 TYR A CA  1 
ATOM   93   C C   . TYR A 1 13  ? -7.37031  9.16857   1.54538   1.000 36.27113 ? 326 TYR A C   1 
ATOM   94   O O   . TYR A 1 13  ? -7.24851  8.32822   0.65005   1.000 29.97935 ? 326 TYR A O   1 
ATOM   95   C CB  . TYR A 1 13  ? -5.53579  10.64784  2.37334   1.000 40.52909 ? 326 TYR A CB  1 
ATOM   96   C CG  . TYR A 1 13  ? -4.51070  10.99078  3.43079   1.000 41.56835 ? 326 TYR A CG  1 
ATOM   97   C CD1 . TYR A 1 13  ? -4.72767  10.67916  4.76552   1.000 42.27735 ? 326 TYR A CD1 1 
ATOM   98   C CD2 . TYR A 1 13  ? -3.32698  11.63484  3.09240   1.000 44.53401 ? 326 TYR A CD2 1 
ATOM   99   C CE1 . TYR A 1 13  ? -3.79289  10.99552  5.73393   1.000 48.34366 ? 326 TYR A CE1 1 
ATOM   100  C CE2 . TYR A 1 13  ? -2.38665  11.95516  4.05324   1.000 43.40193 ? 326 TYR A CE2 1 
ATOM   101  C CZ  . TYR A 1 13  ? -2.62456  11.63323  5.37196   1.000 46.61608 ? 326 TYR A CZ  1 
ATOM   102  O OH  . TYR A 1 13  ? -1.69119  11.95024  6.33231   1.000 58.78216 ? 326 TYR A OH  1 
ATOM   103  N N   . TYR A 1 14  ? -8.42428  9.97121   1.63955   1.000 35.50851 ? 327 TYR A N   1 
ATOM   104  C CA  . TYR A 1 14  ? -9.46719  10.00753  0.62551   1.000 37.16920 ? 327 TYR A CA  1 
ATOM   105  C C   . TYR A 1 14  ? -9.22408  11.18237  -0.31153  1.000 35.45692 ? 327 TYR A C   1 
ATOM   106  O O   . TYR A 1 14  ? -8.87407  12.27999  0.13095   1.000 36.19597 ? 327 TYR A O   1 
ATOM   107  C CB  . TYR A 1 14  ? -10.85445 10.12353  1.26106   1.000 38.26233 ? 327 TYR A CB  1 
ATOM   108  C CG  . TYR A 1 14  ? -11.34416 8.85215   1.91823   1.000 37.60218 ? 327 TYR A CG  1 
ATOM   109  C CD1 . TYR A 1 14  ? -11.68580 7.74016   1.15840   1.000 37.60660 ? 327 TYR A CD1 1 
ATOM   110  C CD2 . TYR A 1 14  ? -11.47274 8.76674   3.29840   1.000 37.11760 ? 327 TYR A CD2 1 
ATOM   111  C CE1 . TYR A 1 14  ? -12.13680 6.57655   1.75580   1.000 34.91794 ? 327 TYR A CE1 1 
ATOM   112  C CE2 . TYR A 1 14  ? -11.92279 7.60802   3.90475   1.000 38.79974 ? 327 TYR A CE2 1 
ATOM   113  C CZ  . TYR A 1 14  ? -12.25316 6.51665   3.12904   1.000 41.58432 ? 327 TYR A CZ  1 
ATOM   114  O OH  . TYR A 1 14  ? -12.70165 5.36192   3.72857   1.000 37.27946 ? 327 TYR A OH  1 
ATOM   115  N N   . TYR A 1 15  ? -9.40493  10.94453  -1.60800  1.000 35.78705 ? 328 TYR A N   1 
ATOM   116  C CA  . TYR A 1 15  ? -9.22014  11.96993  -2.62305  1.000 36.70229 ? 328 TYR A CA  1 
ATOM   117  C C   . TYR A 1 15  ? -10.44996 12.03261  -3.51591  1.000 35.33618 ? 328 TYR A C   1 
ATOM   118  O O   . TYR A 1 15  ? -11.13563 11.02855  -3.72655  1.000 36.24755 ? 328 TYR A O   1 
ATOM   119  C CB  . TYR A 1 15  ? -7.97347  11.70214  -3.48116  1.000 37.24374 ? 328 TYR A CB  1 
ATOM   120  C CG  . TYR A 1 15  ? -6.66846  11.77025  -2.72014  1.000 37.25766 ? 328 TYR A CG  1 
ATOM   121  C CD1 . TYR A 1 15  ? -6.08297  10.62172  -2.20317  1.000 40.40160 ? 328 TYR A CD1 1 
ATOM   122  C CD2 . TYR A 1 15  ? -6.01930  12.98212  -2.52287  1.000 35.45498 ? 328 TYR A CD2 1 
ATOM   123  C CE1 . TYR A 1 15  ? -4.88876  10.67873  -1.50864  1.000 35.81374 ? 328 TYR A CE1 1 
ATOM   124  C CE2 . TYR A 1 15  ? -4.82567  13.04924  -1.82936  1.000 35.53700 ? 328 TYR A CE2 1 
ATOM   125  C CZ  . TYR A 1 15  ? -4.26503  11.89480  -1.32474  1.000 40.13419 ? 328 TYR A CZ  1 
ATOM   126  O OH  . TYR A 1 15  ? -3.07689  11.95789  -0.63405  1.000 44.28623 ? 328 TYR A OH  1 
ATOM   127  N N   . ASP A 1 16  ? -10.72661 13.22482  -4.03751  1.000 36.01910 ? 329 ASP A N   1 
ATOM   128  C CA  . ASP A 1 16  ? -11.80603 13.39458  -4.99432  1.000 38.00584 ? 329 ASP A CA  1 
ATOM   129  C C   . ASP A 1 16  ? -11.27694 13.17941  -6.41144  1.000 41.29488 ? 329 ASP A C   1 
ATOM   130  O O   . ASP A 1 16  ? -10.10591 12.85454  -6.62356  1.000 36.97576 ? 329 ASP A O   1 
ATOM   131  C CB  . ASP A 1 16  ? -12.46059 14.76868  -4.83254  1.000 39.38540 ? 329 ASP A CB  1 
ATOM   132  C CG  . ASP A 1 16  ? -11.46001 15.91609  -4.87447  1.000 39.22600 ? 329 ASP A CG  1 
ATOM   133  O OD1 . ASP A 1 16  ? -10.38292 15.77210  -5.49093  1.000 37.54002 ? 329 ASP A OD1 1 
ATOM   134  O OD2 . ASP A 1 16  ? -11.75868 16.97502  -4.28304  1.000 43.90239 ? 329 ASP A OD2 1 
ATOM   135  N N   . LYS A 1 17  ? -12.14928 13.37319  -7.40100  1.000 41.00048 ? 330 LYS A N   1 
ATOM   136  C CA  . LYS A 1 17  ? -11.75635 13.19136  -8.79323  1.000 39.75688 ? 330 LYS A CA  1 
ATOM   137  C C   . LYS A 1 17  ? -10.75169 14.23422  -9.27064  1.000 40.02243 ? 330 LYS A C   1 
ATOM   138  O O   . LYS A 1 17  ? -10.33613 14.17329  -10.43192 1.000 45.76377 ? 330 LYS A O   1 
ATOM   139  C CB  . LYS A 1 17  ? -12.99646 13.20733  -9.69142  1.000 42.42624 ? 330 LYS A CB  1 
ATOM   140  C CG  . LYS A 1 17  ? -13.71244 14.54583  -9.75027  1.000 42.33606 ? 330 LYS A CG  1 
ATOM   141  C CD  . LYS A 1 17  ? -15.10461 14.39956  -10.34408 1.000 45.20875 ? 330 LYS A CD  1 
ATOM   142  C CE  . LYS A 1 17  ? -15.60312 15.71400  -10.92507 1.000 40.29482 ? 330 LYS A CE  1 
ATOM   143  N NZ  . LYS A 1 17  ? -15.51408 16.83427  -9.94751  1.000 47.45660 ? 330 LYS A NZ  1 
ATOM   144  N N   . ASP A 1 18  ? -10.35165 15.18266  -8.41925  1.000 41.34500 ? 331 ASP A N   1 
ATOM   145  C CA  . ASP A 1 18  ? -9.36550  16.19609  -8.78049  1.000 45.45089 ? 331 ASP A CA  1 
ATOM   146  C C   . ASP A 1 18  ? -8.05741  16.01994  -8.01541  1.000 45.62058 ? 331 ASP A C   1 
ATOM   147  O O   . ASP A 1 18  ? -7.27165  16.96823  -7.91188  1.000 44.44664 ? 331 ASP A O   1 
ATOM   148  C CB  . ASP A 1 18  ? -9.92932  17.60100  -8.55342  1.000 44.60174 ? 331 ASP A CB  1 
ATOM   149  C CG  . ASP A 1 18  ? -10.92303 18.01035  -9.62570  1.000 52.85261 ? 331 ASP A CG  1 
ATOM   150  O OD1 . ASP A 1 18  ? -10.52665 18.10909  -10.80715 1.000 59.73351 ? 331 ASP A OD1 1 
ATOM   151  O OD2 . ASP A 1 18  ? -12.10662 18.22515  -9.28797  1.000 52.36724 ? 331 ASP A OD2 1 
ATOM   152  N N   . ALA A 1 19  ? -7.81916  14.82584  -7.46887  1.000 42.99119 ? 332 ALA A N   1 
ATOM   153  C CA  . ALA A 1 19  ? -6.59349  14.47574  -6.75178  1.000 42.24511 ? 332 ALA A CA  1 
ATOM   154  C C   . ALA A 1 19  ? -6.37977  15.33210  -5.50845  1.000 37.21007 ? 332 ALA A C   1 
ATOM   155  O O   . ALA A 1 19  ? -5.26724  15.38861  -4.97258  1.000 45.76236 ? 332 ALA A O   1 
ATOM   156  C CB  . ALA A 1 19  ? -5.36478  14.55354  -7.66711  1.000 44.16648 ? 332 ALA A CB  1 
ATOM   157  N N   . LYS A 1 20  ? -7.43014  15.99361  -5.02899  1.000 38.62562 ? 333 LYS A N   1 
ATOM   158  C CA  . LYS A 1 20  ? -7.35581  16.76569  -3.79867  1.000 40.77020 ? 333 LYS A CA  1 
ATOM   159  C C   . LYS A 1 20  ? -7.97204  15.96846  -2.65663  1.000 40.44476 ? 333 LYS A C   1 
ATOM   160  O O   . LYS A 1 20  ? -8.99118  15.29224  -2.83273  1.000 39.37773 ? 333 LYS A O   1 
ATOM   161  C CB  . LYS A 1 20  ? -8.06383  18.11415  -3.94802  1.000 40.11957 ? 333 LYS A CB  1 
ATOM   162  C CG  . LYS A 1 20  ? -7.31576  19.10346  -4.83515  1.000 45.60029 ? 333 LYS A CG  1 
ATOM   163  C CD  . LYS A 1 20  ? -7.92874  20.48717  -4.73603  1.000 45.65274 ? 333 LYS A CD  1 
ATOM   164  C CE  . LYS A 1 20  ? -6.85494  21.53445  -4.44223  1.000 43.65665 ? 333 LYS A CE  1 
ATOM   165  N NZ  . LYS A 1 20  ? -7.00612  22.74963  -5.28498  1.000 46.31700 ? 333 LYS A NZ  1 
ATOM   166  N N   . ARG A 1 21  ? -7.34925  16.06298  -1.48414  1.000 38.74944 ? 334 ARG A N   1 
ATOM   167  C CA  . ARG A 1 21  ? -7.75771  15.23882  -0.35665  1.000 35.58764 ? 334 ARG A CA  1 
ATOM   168  C C   . ARG A 1 21  ? -9.14263  15.63978  0.14007   1.000 37.45598 ? 334 ARG A C   1 
ATOM   169  O O   . ARG A 1 21  ? -9.51515  16.81613  0.11820   1.000 38.51472 ? 334 ARG A O   1 
ATOM   170  C CB  . ARG A 1 21  ? -6.73545  15.34801  0.77008   1.000 40.21426 ? 334 ARG A CB  1 
ATOM   171  C CG  . ARG A 1 21  ? -6.96476  14.36211  1.89684   1.000 39.04058 ? 334 ARG A CG  1 
ATOM   172  C CD  . ARG A 1 21  ? -6.01497  14.61198  3.05037   1.000 38.06004 ? 334 ARG A CD  1 
ATOM   173  N NE  . ARG A 1 21  ? -6.40215  13.86818  4.24502   1.000 41.38874 ? 334 ARG A NE  1 
ATOM   174  C CZ  . ARG A 1 21  ? -5.72858  13.89355  5.38979   1.000 41.81351 ? 334 ARG A CZ  1 
ATOM   175  N NH1 . ARG A 1 21  ? -4.62786  14.62444  5.49542   1.000 40.02205 ? 334 ARG A NH1 1 
ATOM   176  N NH2 . ARG A 1 21  ? -6.15375  13.18694  6.42837   1.000 45.82111 ? 334 ARG A NH2 1 
ATOM   177  N N   . VAL A 1 22  ? -9.90742  14.64726  0.58879   1.000 33.79263 ? 335 VAL A N   1 
ATOM   178  C CA  . VAL A 1 22  ? -11.25899 14.84466  1.09944   1.000 37.51090 ? 335 VAL A CA  1 
ATOM   179  C C   . VAL A 1 22  ? -11.23232 14.57219  2.59683   1.000 38.15426 ? 335 VAL A C   1 
ATOM   180  O O   . VAL A 1 22  ? -11.01814 13.43191  3.02745   1.000 40.71805 ? 335 VAL A O   1 
ATOM   181  C CB  . VAL A 1 22  ? -12.27649 13.93929  0.39238   1.000 38.44526 ? 335 VAL A CB  1 
ATOM   182  C CG1 . VAL A 1 22  ? -13.66548 14.14205  0.98318   1.000 34.80404 ? 335 VAL A CG1 1 
ATOM   183  C CG2 . VAL A 1 22  ? -12.28164 14.20821  -1.10503  1.000 33.23072 ? 335 VAL A CG2 1 
ATOM   184  N N   . GLY A 1 23  ? -11.44619 15.61718  3.39078   1.000 37.20797 ? 336 GLY A N   1 
ATOM   185  C CA  . GLY A 1 23  ? -11.55037 15.47945  4.82702   1.000 41.66069 ? 336 GLY A CA  1 
ATOM   186  C C   . GLY A 1 23  ? -10.21009 15.26550  5.50696   1.000 43.74644 ? 336 GLY A C   1 
ATOM   187  O O   . GLY A 1 23  ? -9.16145  15.11338  4.87793   1.000 38.72167 ? 336 GLY A O   1 
ATOM   188  N N   . THR A 1 24  ? -10.25871 15.25528  6.83945   1.000 44.31376 ? 337 THR A N   1 
ATOM   189  C CA  . THR A 1 24  ? -9.08041  15.04233  7.66821   1.000 44.65943 ? 337 THR A CA  1 
ATOM   190  C C   . THR A 1 24  ? -8.91728  13.59575  8.11473   1.000 47.03241 ? 337 THR A C   1 
ATOM   191  O O   . THR A 1 24  ? -7.88504  13.25875  8.70491   1.000 44.45993 ? 337 THR A O   1 
ATOM   192  C CB  . THR A 1 24  ? -9.13221  15.94679  8.90638   1.000 44.06584 ? 337 THR A CB  1 
ATOM   193  O OG1 . THR A 1 24  ? -10.21517 15.54009  9.75273   1.000 48.98477 ? 337 THR A OG1 1 
ATOM   194  C CG2 . THR A 1 24  ? -9.33797  17.39542  8.49652   1.000 41.77027 ? 337 THR A CG2 1 
ATOM   195  N N   . ASP A 1 25  ? -9.90021  12.74085  7.84932   1.000 45.29314 ? 338 ASP A N   1 
ATOM   196  C CA  . ASP A 1 25  ? -9.84518  11.35255  8.27195   1.000 45.19430 ? 338 ASP A CA  1 
ATOM   197  C C   . ASP A 1 25  ? -8.95905  10.53793  7.33215   1.000 47.22894 ? 338 ASP A C   1 
ATOM   198  O O   . ASP A 1 25  ? -8.49094  11.01694  6.29568   1.000 47.28402 ? 338 ASP A O   1 
ATOM   199  C CB  . ASP A 1 25  ? -11.25052 10.75578  8.32412   1.000 52.89659 ? 338 ASP A CB  1 
ATOM   200  C CG  . ASP A 1 25  ? -11.93577 10.76365  6.97089   1.000 47.21325 ? 338 ASP A CG  1 
ATOM   201  O OD1 . ASP A 1 25  ? -11.63992 11.66592  6.15863   1.000 49.23002 ? 338 ASP A OD1 1 
ATOM   202  O OD2 . ASP A 1 25  ? -12.76687 9.86621   6.71774   1.000 50.25135 ? 338 ASP A OD2 1 
ATOM   203  N N   . SER A 1 26  ? -8.73444  9.28201   7.70970   1.000 43.74600 ? 339 SER A N   1 
ATOM   204  C CA  . SER A 1 26  ? -7.94272  8.36761   6.90158   1.000 43.23930 ? 339 SER A CA  1 
ATOM   205  C C   . SER A 1 26  ? -8.28778  6.94384   7.30581   1.000 40.47599 ? 339 SER A C   1 
ATOM   206  O O   . SER A 1 26  ? -8.40523  6.64483   8.49687   1.000 40.21285 ? 339 SER A O   1 
ATOM   207  C CB  . SER A 1 26  ? -6.44020  8.61826   7.07511   1.000 41.91807 ? 339 SER A CB  1 
ATOM   208  O OG  . SER A 1 26  ? -5.95973  8.01676   8.26495   1.000 43.63595 ? 339 SER A OG  1 
ATOM   209  N N   . VAL A 1 27  ? -8.45367  6.07572   6.31411   1.000 28.11014 ? 340 VAL A N   1 
ATOM   210  C CA  . VAL A 1 27  ? -8.69942  4.66419   6.58336   1.000 34.69643 ? 340 VAL A CA  1 
ATOM   211  C C   . VAL A 1 27  ? -7.37420  3.99212   6.91791   1.000 37.00972 ? 340 VAL A C   1 
ATOM   212  O O   . VAL A 1 27  ? -6.38397  4.13968   6.19097   1.000 37.88401 ? 340 VAL A O   1 
ATOM   213  C CB  . VAL A 1 27  ? -9.39384  3.98776   5.38975   1.000 36.47922 ? 340 VAL A CB  1 
ATOM   214  C CG1 . VAL A 1 27  ? -8.67767  4.31318   4.08466   1.000 39.80490 ? 340 VAL A CG1 1 
ATOM   215  C CG2 . VAL A 1 27  ? -9.47035  2.48515   5.60571   1.000 30.71076 ? 340 VAL A CG2 1 
ATOM   216  N N   . LYS A 1 28  ? -7.34793  3.26493   8.02866   1.000 33.30826 ? 341 LYS A N   1 
ATOM   217  C CA  . LYS A 1 28  ? -6.12559  2.66562   8.53914   1.000 33.17723 ? 341 LYS A CA  1 
ATOM   218  C C   . LYS A 1 28  ? -6.02106  1.20338   8.12452   1.000 34.69228 ? 341 LYS A C   1 
ATOM   219  O O   . LYS A 1 28  ? -7.02592  0.50197   7.98322   1.000 31.88590 ? 341 LYS A O   1 
ATOM   220  C CB  . LYS A 1 28  ? -6.06332  2.77049   10.06563  1.000 35.76268 ? 341 LYS A CB  1 
ATOM   221  C CG  . LYS A 1 28  ? -6.73985  4.00506   10.64268  1.000 38.71475 ? 341 LYS A CG  1 
ATOM   222  C CD  . LYS A 1 28  ? -5.94500  5.26679   10.35418  1.000 42.18166 ? 341 LYS A CD  1 
ATOM   223  C CE  . LYS A 1 28  ? -6.36411  6.39888   11.27886  1.000 40.35022 ? 341 LYS A CE  1 
ATOM   224  N NZ  . LYS A 1 28  ? -7.83949  6.60451   11.27253  1.000 40.83998 ? 341 LYS A NZ  1 
ATOM   225  N N   . ARG A 1 29  ? -4.78575  0.75526   7.92127   1.000 32.28981 ? 342 ARG A N   1 
ATOM   226  C CA  . ARG A 1 29  ? -4.51928  -0.66239  7.73844   1.000 32.22277 ? 342 ARG A CA  1 
ATOM   227  C C   . ARG A 1 29  ? -4.67680  -1.39695  9.06783   1.000 30.17564 ? 342 ARG A C   1 
ATOM   228  O O   . ARG A 1 29  ? -4.37472  -0.85835  10.13646  1.000 30.65494 ? 342 ARG A O   1 
ATOM   229  C CB  . ARG A 1 29  ? -3.10918  -0.86607  7.17785   1.000 31.38995 ? 342 ARG A CB  1 
ATOM   230  C CG  . ARG A 1 29  ? -2.00163  -0.39943  8.10788   1.000 33.50838 ? 342 ARG A CG  1 
ATOM   231  C CD  . ARG A 1 29  ? -0.63744  -0.89763  7.66048   1.000 33.51167 ? 342 ARG A CD  1 
ATOM   232  N NE  . ARG A 1 29  ? 0.40723   -0.54891  8.62021   1.000 33.79915 ? 342 ARG A NE  1 
ATOM   233  C CZ  . ARG A 1 29  ? 1.66453   -0.97418  8.54620   1.000 34.13595 ? 342 ARG A CZ  1 
ATOM   234  N NH1 . ARG A 1 29  ? 2.04284   -1.76628  7.55232   1.000 33.74052 ? 342 ARG A NH1 1 
ATOM   235  N NH2 . ARG A 1 29  ? 2.54586   -0.60584  9.46550   1.000 30.56886 ? 342 ARG A NH2 1 
ATOM   236  N N   . TYR A 1 30  ? -5.16413  -2.63571  9.00273   1.000 36.07612 ? 343 TYR A N   1 
ATOM   237  C CA  . TYR A 1 30  ? -5.54061  -3.28972  7.75359   1.000 30.99075 ? 343 TYR A CA  1 
ATOM   238  C C   . TYR A 1 30  ? -7.05178  -3.44647  7.65009   1.000 35.30006 ? 343 TYR A C   1 
ATOM   239  O O   . TYR A 1 30  ? -7.56225  -4.55811  7.50822   1.000 32.34516 ? 343 TYR A O   1 
ATOM   240  C CB  . TYR A 1 30  ? -4.87014  -4.65944  7.63934   1.000 32.40708 ? 343 TYR A CB  1 
ATOM   241  C CG  . TYR A 1 30  ? -3.35896  -4.62335  7.66145   1.000 31.54921 ? 343 TYR A CG  1 
ATOM   242  C CD1 . TYR A 1 30  ? -2.66279  -4.62899  8.86281   1.000 30.17968 ? 343 TYR A CD1 1 
ATOM   243  C CD2 . TYR A 1 30  ? -2.62823  -4.59686  6.48011   1.000 30.40973 ? 343 TYR A CD2 1 
ATOM   244  C CE1 . TYR A 1 30  ? -1.28239  -4.60203  8.88808   1.000 32.69882 ? 343 TYR A CE1 1 
ATOM   245  C CE2 . TYR A 1 30  ? -1.24635  -4.56990  6.49465   1.000 30.34959 ? 343 TYR A CE2 1 
ATOM   246  C CZ  . TYR A 1 30  ? -0.57929  -4.57243  7.70154   1.000 34.84463 ? 343 TYR A CZ  1 
ATOM   247  O OH  . TYR A 1 30  ? 0.79557   -4.54585  7.72367   1.000 35.73767 ? 343 TYR A OH  1 
ATOM   248  N N   . ASN A 1 31  ? -7.76294  -2.32676  7.72405   1.000 32.64166 ? 344 ASN A N   1 
ATOM   249  C CA  . ASN A 1 31  ? -9.21245  -2.34728  7.64802   1.000 39.06819 ? 344 ASN A CA  1 
ATOM   250  C C   . ASN A 1 31  ? -9.67039  -2.52511  6.20198   1.000 35.62945 ? 344 ASN A C   1 
ATOM   251  O O   . ASN A 1 31  ? -8.87690  -2.49935  5.25723   1.000 36.26983 ? 344 ASN A O   1 
ATOM   252  C CB  . ASN A 1 31  ? -9.79267  -1.06947  8.24994   1.000 37.62752 ? 344 ASN A CB  1 
ATOM   253  C CG  . ASN A 1 31  ? -9.49562  -0.94231  9.73073   1.000 33.83526 ? 344 ASN A CG  1 
ATOM   254  O OD1 . ASN A 1 31  ? -9.17113  -1.92739  10.39425  1.000 34.17993 ? 344 ASN A OD1 1 
ATOM   255  N ND2 . ASN A 1 31  ? -9.60551  0.27191   10.25775  1.000 29.46554 ? 344 ASN A ND2 1 
ATOM   256  N N   . SER A 1 32  ? -10.97584 -2.70990  6.03725   1.000 38.78981 ? 345 SER A N   1 
ATOM   257  C CA  . SER A 1 32  ? -11.57554 -2.97906  4.73990   1.000 38.96919 ? 345 SER A CA  1 
ATOM   258  C C   . SER A 1 32  ? -12.48403 -1.82912  4.32939   1.000 38.67105 ? 345 SER A C   1 
ATOM   259  O O   . SER A 1 32  ? -13.15653 -1.22422  5.17003   1.000 41.04030 ? 345 SER A O   1 
ATOM   260  C CB  . SER A 1 32  ? -12.37296 -4.28637  4.76605   1.000 40.47268 ? 345 SER A CB  1 
ATOM   261  O OG  . SER A 1 32  ? -11.51276 -5.41181  4.71571   1.000 43.32593 ? 345 SER A OG  1 
ATOM   262  N N   . VAL A 1 33  ? -12.49459 -1.53118  3.02967   1.000 39.55745 ? 346 VAL A N   1 
ATOM   263  C CA  . VAL A 1 33  ? -13.39307 -0.54497  2.44838   1.000 39.31444 ? 346 VAL A CA  1 
ATOM   264  C C   . VAL A 1 33  ? -14.13438 -1.19650  1.28964   1.000 38.02822 ? 346 VAL A C   1 
ATOM   265  O O   . VAL A 1 33  ? -13.67282 -2.17167  0.69256   1.000 40.05017 ? 346 VAL A O   1 
ATOM   266  C CB  . VAL A 1 33  ? -12.65569 0.72519   1.96620   1.000 38.99479 ? 346 VAL A CB  1 
ATOM   267  C CG1 . VAL A 1 33  ? -11.85370 1.34167   3.09940   1.000 41.08034 ? 346 VAL A CG1 1 
ATOM   268  C CG2 . VAL A 1 33  ? -11.75620 0.40392   0.78156   1.000 38.21979 ? 346 VAL A CG2 1 
ATOM   269  N N   . SER A 1 34  ? -15.30375 -0.64498  0.98113   1.000 35.37790 ? 347 SER A N   1 
ATOM   270  C CA  . SER A 1 34  ? -16.11769 -1.10092  -0.13790  1.000 35.80246 ? 347 SER A CA  1 
ATOM   271  C C   . SER A 1 34  ? -15.93388 -0.13372  -1.30009  1.000 35.27620 ? 347 SER A C   1 
ATOM   272  O O   . SER A 1 34  ? -16.17904 1.06906   -1.15614  1.000 35.01430 ? 347 SER A O   1 
ATOM   273  C CB  . SER A 1 34  ? -17.59017 -1.19739  0.25886   1.000 34.60316 ? 347 SER A CB  1 
ATOM   274  O OG  . SER A 1 34  ? -18.04444 0.01963   0.82360   1.000 38.59548 ? 347 SER A OG  1 
ATOM   275  N N   . VAL A 1 35  ? -15.49941 -0.65823  -2.44584  1.000 37.30893 ? 348 VAL A N   1 
ATOM   276  C CA  . VAL A 1 35  ? -15.20080 0.14902   -3.61944  1.000 33.18261 ? 348 VAL A CA  1 
ATOM   277  C C   . VAL A 1 35  ? -15.82180 -0.50536  -4.84690  1.000 34.67259 ? 348 VAL A C   1 
ATOM   278  O O   . VAL A 1 35  ? -16.31498 -1.63280  -4.80098  1.000 34.00621 ? 348 VAL A O   1 
ATOM   279  C CB  . VAL A 1 35  ? -13.68428 0.33868   -3.82987  1.000 33.62058 ? 348 VAL A CB  1 
ATOM   280  C CG1 . VAL A 1 35  ? -13.07203 1.11824   -2.67457  1.000 32.06681 ? 348 VAL A CG1 1 
ATOM   281  C CG2 . VAL A 1 35  ? -13.00839 -1.00955  -3.99165  1.000 31.21446 ? 348 VAL A CG2 1 
ATOM   282  N N   . LEU A 1 36  ? -15.78998 0.22872   -5.95497  1.000 37.00871 ? 349 LEU A N   1 
ATOM   283  C CA  . LEU A 1 36  ? -16.21144 -0.33273  -7.22775  1.000 40.42419 ? 349 LEU A CA  1 
ATOM   284  C C   . LEU A 1 36  ? -15.18161 -1.35392  -7.70649  1.000 41.03534 ? 349 LEU A C   1 
ATOM   285  O O   . LEU A 1 36  ? -13.97693 -1.15286  -7.52167  1.000 39.00257 ? 349 LEU A O   1 
ATOM   286  C CB  . LEU A 1 36  ? -16.38282 0.76894   -8.27225  1.000 40.41467 ? 349 LEU A CB  1 
ATOM   287  C CG  . LEU A 1 36  ? -17.51534 1.75663   -7.99000  1.000 40.34205 ? 349 LEU A CG  1 
ATOM   288  C CD1 . LEU A 1 36  ? -17.53625 2.87591   -9.02222  1.000 42.51081 ? 349 LEU A CD1 1 
ATOM   289  C CD2 . LEU A 1 36  ? -18.85122 1.02748   -7.94529  1.000 38.61781 ? 349 LEU A CD2 1 
ATOM   290  N N   . PRO A 1 37  ? -15.62123 -2.45900  -8.31578  1.000 41.77570 ? 350 PRO A N   1 
ATOM   291  C CA  . PRO A 1 37  ? -14.64856 -3.48716  -8.73245  1.000 42.37018 ? 350 PRO A CA  1 
ATOM   292  C C   . PRO A 1 37  ? -13.64420 -2.98798  -9.75685  1.000 44.83384 ? 350 PRO A C   1 
ATOM   293  O O   . PRO A 1 37  ? -12.44003 -3.23438  -9.61008  1.000 43.40550 ? 350 PRO A O   1 
ATOM   294  C CB  . PRO A 1 37  ? -15.54295 -4.60528  -9.29176  1.000 44.82051 ? 350 PRO A CB  1 
ATOM   295  C CG  . PRO A 1 37  ? -16.84462 -3.94228  -9.61370  1.000 45.93442 ? 350 PRO A CG  1 
ATOM   296  C CD  . PRO A 1 37  ? -17.00971 -2.86075  -8.59300  1.000 40.51167 ? 350 PRO A CD  1 
ATOM   297  N N   . ASN A 1 38  ? -14.10253 -2.28635  -10.79023 1.000 48.09866 ? 351 ASN A N   1 
ATOM   298  C CA  . ASN A 1 38  ? -13.20677 -1.80065  -11.83016 1.000 49.03655 ? 351 ASN A CA  1 
ATOM   299  C C   . ASN A 1 38  ? -12.51596 -0.51984  -11.38235 1.000 44.91226 ? 351 ASN A C   1 
ATOM   300  O O   . ASN A 1 38  ? -13.12613 0.34461   -10.74680 1.000 49.47896 ? 351 ASN A O   1 
ATOM   301  C CB  . ASN A 1 38  ? -13.97314 -1.55270  -13.12910 1.000 47.83072 ? 351 ASN A CB  1 
ATOM   302  C CG  . ASN A 1 38  ? -14.76316 -2.76404  -13.57914 1.000 52.14946 ? 351 ASN A CG  1 
ATOM   303  O OD1 . ASN A 1 38  ? -14.32704 -3.90463  -13.40957 1.000 54.55256 ? 351 ASN A OD1 1 
ATOM   304  N ND2 . ASN A 1 38  ? -15.93287 -2.52237  -14.16317 1.000 49.31420 ? 351 ASN A ND2 1 
ATOM   305  N N   . THR A 1 39  ? -11.23857 -0.39872  -11.72440 1.000 41.37993 ? 352 THR A N   1 
ATOM   306  C CA  . THR A 1 39  ? -10.44296 0.73702   -11.29094 1.000 42.89051 ? 352 THR A CA  1 
ATOM   307  C C   . THR A 1 39  ? -10.52512 1.88158   -12.30046 1.000 41.82169 ? 352 THR A C   1 
ATOM   308  O O   . THR A 1 39  ? -11.05388 1.74072   -13.40527 1.000 40.67645 ? 352 THR A O   1 
ATOM   309  C CB  . THR A 1 39  ? -8.98914  0.32227   -11.07612 1.000 41.02502 ? 352 THR A CB  1 
ATOM   310  O OG1 . THR A 1 39  ? -8.21327  1.48404   -10.76904 1.000 42.76015 ? 352 THR A OG1 1 
ATOM   311  C CG2 . THR A 1 39  ? -8.43057  -0.34224  -12.32687 1.000 45.02878 ? 352 THR A CG2 1 
ATOM   312  N N   . THR A 1 40  ? -9.99269  3.03473   -11.89767 1.000 37.31695 ? 353 THR A N   1 
ATOM   313  C CA  . THR A 1 40  ? -9.99316  4.23229   -12.72482 1.000 40.24912 ? 353 THR A CA  1 
ATOM   314  C C   . THR A 1 40  ? -8.65790  4.94539   -12.56635 1.000 41.32147 ? 353 THR A C   1 
ATOM   315  O O   . THR A 1 40  ? -7.85793  4.62723   -11.68228 1.000 38.13421 ? 353 THR A O   1 
ATOM   316  C CB  . THR A 1 40  ? -11.14874 5.17487   -12.36542 1.000 42.99644 ? 353 THR A CB  1 
ATOM   317  O OG1 . THR A 1 40  ? -11.23832 6.21472   -13.34635 1.000 43.47456 ? 353 THR A OG1 1 
ATOM   318  C CG2 . THR A 1 40  ? -10.91736 5.80011   -11.00110 1.000 41.12661 ? 353 THR A CG2 1 
ATOM   319  N N   . THR A 1 41  ? -8.42501  5.92825   -13.43226 1.000 37.40131 ? 354 THR A N   1 
ATOM   320  C CA  . THR A 1 41  ? -7.14593  6.61960   -13.51180 1.000 37.63785 ? 354 THR A CA  1 
ATOM   321  C C   . THR A 1 41  ? -7.34693  8.11238   -13.29330 1.000 38.96131 ? 354 THR A C   1 
ATOM   322  O O   . THR A 1 41  ? -8.15939  8.74142   -13.97940 1.000 38.70292 ? 354 THR A O   1 
ATOM   323  C CB  . THR A 1 41  ? -6.47535  6.36777   -14.86555 1.000 37.36659 ? 354 THR A CB  1 
ATOM   324  O OG1 . THR A 1 41  ? -6.66154  4.99802   -15.24441 1.000 37.14830 ? 354 THR A OG1 1 
ATOM   325  C CG2 . THR A 1 41  ? -4.98969  6.65801   -14.78369 1.000 36.46194 ? 354 THR A CG2 1 
ATOM   326  N N   . ILE A 1 42  ? -6.60006  8.67492   -12.34510 1.000 33.96368 ? 355 ILE A N   1 
ATOM   327  C CA  . ILE A 1 42  ? -6.63236  10.10282  -12.04612 1.000 39.39578 ? 355 ILE A CA  1 
ATOM   328  C C   . ILE A 1 42  ? -5.20135  10.61994  -12.08447 1.000 40.60930 ? 355 ILE A C   1 
ATOM   329  O O   . ILE A 1 42  ? -4.35662  10.17109  -11.29977 1.000 43.36508 ? 355 ILE A O   1 
ATOM   330  C CB  . ILE A 1 42  ? -7.27848  10.39813  -10.68158 1.000 41.38755 ? 355 ILE A CB  1 
ATOM   331  C CG1 . ILE A 1 42  ? -8.65870  9.74419   -10.58730 1.000 36.82519 ? 355 ILE A CG1 1 
ATOM   332  C CG2 . ILE A 1 42  ? -7.38338  11.90011  -10.45557 1.000 44.78920 ? 355 ILE A CG2 1 
ATOM   333  C CD1 . ILE A 1 42  ? -9.39302  10.04934  -9.30120  1.000 38.25320 ? 355 ILE A CD1 1 
ATOM   334  N N   . ASN A 1 43  ? -4.93133  11.55802  -12.99629 1.000 40.42764 ? 356 ASN A N   1 
ATOM   335  C CA  . ASN A 1 43  ? -3.59246  12.11745  -13.20268 1.000 43.57199 ? 356 ASN A CA  1 
ATOM   336  C C   . ASN A 1 43  ? -2.57133  11.03828  -13.54978 1.000 41.93100 ? 356 ASN A C   1 
ATOM   337  O O   . ASN A 1 43  ? -1.37856  11.18601  -13.27359 1.000 49.40097 ? 356 ASN A O   1 
ATOM   338  C CB  . ASN A 1 43  ? -3.11894  12.91620  -11.98396 1.000 46.05590 ? 356 ASN A CB  1 
ATOM   339  C CG  . ASN A 1 43  ? -3.69643  14.31387  -11.94270 1.000 50.19545 ? 356 ASN A CG  1 
ATOM   340  O OD1 . ASN A 1 43  ? -4.81168  14.52164  -11.46916 1.000 57.77349 ? 356 ASN A OD1 1 
ATOM   341  N ND2 . ASN A 1 43  ? -2.93923  15.28242  -12.44407 1.000 52.97617 ? 356 ASN A ND2 1 
ATOM   342  N N   . GLY A 1 44  ? -3.02589  9.94712   -14.16251 1.000 44.23504 ? 357 GLY A N   1 
ATOM   343  C CA  . GLY A 1 44  ? -2.16503  8.83936   -14.49926 1.000 48.68418 ? 357 GLY A CA  1 
ATOM   344  C C   . GLY A 1 44  ? -2.04121  7.77706   -13.42740 1.000 45.91797 ? 357 GLY A C   1 
ATOM   345  O O   . GLY A 1 44  ? -1.60053  6.66230   -13.72968 1.000 47.41922 ? 357 GLY A O   1 
ATOM   346  N N   . LYS A 1 45  ? -2.42041  8.08324   -12.19014 1.000 47.39749 ? 358 LYS A N   1 
ATOM   347  C CA  . LYS A 1 45  ? -2.33048  7.12627   -11.09839 1.000 39.04507 ? 358 LYS A CA  1 
ATOM   348  C C   . LYS A 1 45  ? -3.62266  6.32708   -10.97556 1.000 39.56017 ? 358 LYS A C   1 
ATOM   349  O O   . LYS A 1 45  ? -4.70740  6.79783   -11.32828 1.000 38.68547 ? 358 LYS A O   1 
ATOM   350  C CB  . LYS A 1 45  ? -2.02313  7.83591   -9.77874  1.000 42.19044 ? 358 LYS A CB  1 
ATOM   351  C CG  . LYS A 1 45  ? -0.53594  8.01880   -9.51325  1.000 49.23482 ? 358 LYS A CG  1 
ATOM   352  C CD  . LYS A 1 45  ? -0.24555  8.14062   -8.02565  1.000 52.50331 ? 358 LYS A CD  1 
ATOM   353  C CE  . LYS A 1 45  ? 1.05860   7.44900   -7.65745  1.000 51.79831 ? 358 LYS A CE  1 
ATOM   354  N NZ  . LYS A 1 45  ? 1.04680   6.95309   -6.25250  1.000 41.54452 ? 358 LYS A NZ  1 
ATOM   355  N N   . THR A 1 46  ? -3.49151  5.10750   -10.46137 1.000 35.66840 ? 359 THR A N   1 
ATOM   356  C CA  . THR A 1 46  ? -4.59594  4.16069   -10.38745 1.000 33.72367 ? 359 THR A CA  1 
ATOM   357  C C   . THR A 1 46  ? -5.33997  4.32471   -9.06562  1.000 33.97719 ? 359 THR A C   1 
ATOM   358  O O   . THR A 1 46  ? -4.71652  4.41325   -8.00277  1.000 33.08179 ? 359 THR A O   1 
ATOM   359  C CB  . THR A 1 46  ? -4.06630  2.73320   -10.53839 1.000 37.64134 ? 359 THR A CB  1 
ATOM   360  O OG1 . THR A 1 46  ? -3.35821  2.61691   -11.77920 1.000 44.01376 ? 359 THR A OG1 1 
ATOM   361  C CG2 . THR A 1 46  ? -5.19740  1.73433   -10.53046 1.000 37.43510 ? 359 THR A CG2 1 
ATOM   362  N N   . TYR A 1 47  ? -6.67175  4.36312   -9.13534  1.000 36.90504 ? 360 TYR A N   1 
ATOM   363  C CA  . TYR A 1 47  ? -7.50425  4.60993   -7.96539  1.000 34.44692 ? 360 TYR A CA  1 
ATOM   364  C C   . TYR A 1 47  ? -8.69296  3.65862   -7.94835  1.000 36.62585 ? 360 TYR A C   1 
ATOM   365  O O   . TYR A 1 47  ? -9.12457  3.14592   -8.98444  1.000 36.28262 ? 360 TYR A O   1 
ATOM   366  C CB  . TYR A 1 47  ? -8.02581  6.05380   -7.93006  1.000 33.13365 ? 360 TYR A CB  1 
ATOM   367  C CG  . TYR A 1 47  ? -6.99064  7.09379   -7.57466  1.000 35.34578 ? 360 TYR A CG  1 
ATOM   368  C CD1 . TYR A 1 47  ? -6.81640  7.50573   -6.25989  1.000 30.71515 ? 360 TYR A CD1 1 
ATOM   369  C CD2 . TYR A 1 47  ? -6.19899  7.67706   -8.55529  1.000 35.94859 ? 360 TYR A CD2 1 
ATOM   370  C CE1 . TYR A 1 47  ? -5.87546  8.46104   -5.92967  1.000 30.08006 ? 360 TYR A CE1 1 
ATOM   371  C CE2 . TYR A 1 47  ? -5.25479  8.63407   -8.23449  1.000 40.01653 ? 360 TYR A CE2 1 
ATOM   372  C CZ  . TYR A 1 47  ? -5.09771  9.02190   -6.92021  1.000 36.00819 ? 360 TYR A CZ  1 
ATOM   373  O OH  . TYR A 1 47  ? -4.15964  9.97430   -6.59537  1.000 42.04526 ? 360 TYR A OH  1 
ATOM   374  N N   . TYR A 1 48  ? -9.21904  3.43726   -6.74463  1.000 33.72650 ? 361 TYR A N   1 
ATOM   375  C CA  . TYR A 1 48  ? -10.50345 2.78531   -6.53029  1.000 31.14341 ? 361 TYR A CA  1 
ATOM   376  C C   . TYR A 1 48  ? -11.52463 3.82719   -6.09610  1.000 32.35701 ? 361 TYR A C   1 
ATOM   377  O O   . TYR A 1 48  ? -11.22336 4.69256   -5.26892  1.000 37.66353 ? 361 TYR A O   1 
ATOM   378  C CB  . TYR A 1 48  ? -10.41374 1.69954   -5.45406  1.000 31.01980 ? 361 TYR A CB  1 
ATOM   379  C CG  . TYR A 1 48  ? -9.72829  0.42397   -5.88073  1.000 33.22005 ? 361 TYR A CG  1 
ATOM   380  C CD1 . TYR A 1 48  ? -8.34841  0.30070   -5.81385  1.000 33.11477 ? 361 TYR A CD1 1 
ATOM   381  C CD2 . TYR A 1 48  ? -10.46255 -0.66244  -6.33688  1.000 36.28417 ? 361 TYR A CD2 1 
ATOM   382  C CE1 . TYR A 1 48  ? -7.71763  -0.86566  -6.19387  1.000 31.88435 ? 361 TYR A CE1 1 
ATOM   383  C CE2 . TYR A 1 48  ? -9.84179  -1.83371  -6.71974  1.000 32.93675 ? 361 TYR A CE2 1 
ATOM   384  C CZ  . TYR A 1 48  ? -8.46922  -1.92961  -6.64654  1.000 32.22407 ? 361 TYR A CZ  1 
ATOM   385  O OH  . TYR A 1 48  ? -7.84702  -3.09383  -7.02848  1.000 35.00042 ? 361 TYR A OH  1 
ATOM   386  N N   . GLN A 1 49  ? -12.73664 3.73364   -6.63432  1.000 34.19736 ? 362 GLN A N   1 
ATOM   387  C CA  . GLN A 1 49  ? -13.80660 4.64796   -6.25896  1.000 37.50761 ? 362 GLN A CA  1 
ATOM   388  C C   . GLN A 1 49  ? -14.57702 4.08176   -5.07372  1.000 33.97537 ? 362 GLN A C   1 
ATOM   389  O O   . GLN A 1 49  ? -15.06726 2.94998   -5.12700  1.000 35.68436 ? 362 GLN A O   1 
ATOM   390  C CB  . GLN A 1 49  ? -14.75171 4.89957   -7.43255  1.000 31.80783 ? 362 GLN A CB  1 
ATOM   391  C CG  . GLN A 1 49  ? -15.89276 5.84310   -7.09168  1.000 32.79877 ? 362 GLN A CG  1 
ATOM   392  C CD  . GLN A 1 49  ? -16.50776 6.48678   -8.31783  1.000 37.62260 ? 362 GLN A CD  1 
ATOM   393  O OE1 . GLN A 1 49  ? -16.32813 6.01290   -9.44017  1.000 33.52081 ? 362 GLN A OE1 1 
ATOM   394  N NE2 . GLN A 1 49  ? -17.23461 7.57847   -8.10922  1.000 32.42172 ? 362 GLN A NE2 1 
ATOM   395  N N   . VAL A 1 50  ? -14.69192 4.87930   -4.01112  1.000 30.58493 ? 363 VAL A N   1 
ATOM   396  C CA  . VAL A 1 50  ? -15.31553 4.40942   -2.78096  1.000 33.47502 ? 363 VAL A CA  1 
ATOM   397  C C   . VAL A 1 50  ? -16.82270 4.29069   -2.96586  1.000 35.90589 ? 363 VAL A C   1 
ATOM   398  O O   . VAL A 1 50  ? -17.46195 5.13381   -3.61011  1.000 39.10207 ? 363 VAL A O   1 
ATOM   399  C CB  . VAL A 1 50  ? -14.97116 5.35130   -1.61418  1.000 36.03594 ? 363 VAL A CB  1 
ATOM   400  C CG1 . VAL A 1 50  ? -15.49737 4.79341   -0.30041  1.000 32.96206 ? 363 VAL A CG1 1 
ATOM   401  C CG2 . VAL A 1 50  ? -13.46833 5.56589   -1.53457  1.000 36.72870 ? 363 VAL A CG2 1 
ATOM   402  N N   . VAL A 1 51  ? -17.39642 3.23292   -2.40006  1.000 33.96389 ? 364 VAL A N   1 
ATOM   403  C CA  . VAL A 1 51  ? -18.84002 3.03310   -2.35000  1.000 36.15589 ? 364 VAL A CA  1 
ATOM   404  C C   . VAL A 1 51  ? -19.27471 3.16718   -0.89737  1.000 38.50324 ? 364 VAL A C   1 
ATOM   405  O O   . VAL A 1 51  ? -18.78402 2.43956   -0.02471  1.000 33.65841 ? 364 VAL A O   1 
ATOM   406  C CB  . VAL A 1 51  ? -19.24681 1.66797   -2.92430  1.000 37.02813 ? 364 VAL A CB  1 
ATOM   407  C CG1 . VAL A 1 51  ? -20.75989 1.55623   -2.99985  1.000 40.64370 ? 364 VAL A CG1 1 
ATOM   408  C CG2 . VAL A 1 51  ? -18.62757 1.46803   -4.29635  1.000 37.33770 ? 364 VAL A CG2 1 
ATOM   409  N N   . GLU A 1 52  ? -20.18962 4.09712   -0.63581  1.000 38.38573 ? 365 GLU A N   1 
ATOM   410  C CA  . GLU A 1 52  ? -20.69185 4.34721   0.70822   1.000 41.37687 ? 365 GLU A CA  1 
ATOM   411  C C   . GLU A 1 52  ? -22.21193 4.34456   0.68569   1.000 40.88390 ? 365 GLU A C   1 
ATOM   412  O O   . GLU A 1 52  ? -22.82539 5.07938   -0.09594  1.000 40.22548 ? 365 GLU A O   1 
ATOM   413  C CB  . GLU A 1 52  ? -20.17195 5.67996   1.25734   1.000 40.69929 ? 365 GLU A CB  1 
ATOM   414  C CG  . GLU A 1 52  ? -18.70487 5.65582   1.65354   1.000 34.77387 ? 365 GLU A CG  1 
ATOM   415  C CD  . GLU A 1 52  ? -18.22310 6.99345   2.17837   1.000 38.59316 ? 365 GLU A CD  1 
ATOM   416  O OE1 . GLU A 1 52  ? -18.96208 7.99052   2.03563   1.000 44.04331 ? 365 GLU A OE1 1 
ATOM   417  O OE2 . GLU A 1 52  ? -17.10634 7.04758   2.73474   1.000 38.63157 ? 365 GLU A OE2 1 
ATOM   418  N N   . ASN A 1 53  ? -22.80934 3.51514   1.54426   1.000 39.78624 ? 366 ASN A N   1 
ATOM   419  C CA  . ASN A 1 53  ? -24.26368 3.41063   1.67448   1.000 40.60335 ? 366 ASN A CA  1 
ATOM   420  C C   . ASN A 1 53  ? -24.92109 3.04617   0.34429   1.000 41.23073 ? 366 ASN A C   1 
ATOM   421  O O   . ASN A 1 53  ? -25.99546 3.54474   0.00328   1.000 38.98826 ? 366 ASN A O   1 
ATOM   422  C CB  . ASN A 1 53  ? -24.86123 4.69800   2.24788   1.000 36.47324 ? 366 ASN A CB  1 
ATOM   423  C CG  . ASN A 1 53  ? -24.45027 4.93835   3.68885   1.000 46.35706 ? 366 ASN A CG  1 
ATOM   424  O OD1 . ASN A 1 53  ? -24.30612 3.99767   4.47044   1.000 44.72804 ? 366 ASN A OD1 1 
ATOM   425  N ND2 . ASN A 1 53  ? -24.25834 6.20261   4.04730   1.000 44.11291 ? 366 ASN A ND2 1 
ATOM   426  N N   . GLY A 1 54  ? -24.26820 2.16775   -0.41461  1.000 41.68526 ? 367 GLY A N   1 
ATOM   427  C CA  . GLY A 1 54  ? -24.83587 1.63282   -1.63393  1.000 43.24722 ? 367 GLY A CA  1 
ATOM   428  C C   . GLY A 1 54  ? -24.68118 2.49117   -2.87022  1.000 44.76551 ? 367 GLY A C   1 
ATOM   429  O O   . GLY A 1 54  ? -25.21259 2.12145   -3.92531  1.000 47.98029 ? 367 GLY A O   1 
ATOM   430  N N   . LYS A 1 55  ? -23.97609 3.61726   -2.78713  1.000 39.83370 ? 368 LYS A N   1 
ATOM   431  C CA  . LYS A 1 55  ? -23.79056 4.49730   -3.93057  1.000 44.36292 ? 368 LYS A CA  1 
ATOM   432  C C   . LYS A 1 55  ? -22.33248 4.91979   -4.03284  1.000 43.35668 ? 368 LYS A C   1 
ATOM   433  O O   . LYS A 1 55  ? -21.63110 5.04805   -3.02541  1.000 40.22543 ? 368 LYS A O   1 
ATOM   434  C CB  . LYS A 1 55  ? -24.68828 5.74227   -3.83935  1.000 45.75990 ? 368 LYS A CB  1 
ATOM   435  C CG  . LYS A 1 55  ? -24.35062 6.67854   -2.68974  1.000 48.38551 ? 368 LYS A CG  1 
ATOM   436  C CD  . LYS A 1 55  ? -25.15095 7.96817   -2.77646  1.000 50.92873 ? 368 LYS A CD  1 
ATOM   437  C CE  . LYS A 1 55  ? -24.37439 9.14320   -2.20343  1.000 54.54806 ? 368 LYS A CE  1 
ATOM   438  N NZ  . LYS A 1 55  ? -25.24341 10.33636  -2.00288  1.000 62.44812 ? 368 LYS A NZ  1 
ATOM   439  N N   . ALA A 1 56  ? -21.88185 5.12827   -5.26703  1.000 42.95056 ? 369 ALA A N   1 
ATOM   440  C CA  . ALA A 1 56  ? -20.53511 5.63079   -5.49501  1.000 40.78977 ? 369 ALA A CA  1 
ATOM   441  C C   . ALA A 1 56  ? -20.47367 7.11399   -5.15555  1.000 45.50079 ? 369 ALA A C   1 
ATOM   442  O O   . ALA A 1 56  ? -21.33538 7.89406   -5.57285  1.000 45.17003 ? 369 ALA A O   1 
ATOM   443  C CB  . ALA A 1 56  ? -20.11634 5.39688   -6.94514  1.000 40.22287 ? 369 ALA A CB  1 
ATOM   444  N N   . VAL A 1 57  ? -19.45601 7.50209   -4.39063  1.000 35.88651 ? 370 VAL A N   1 
ATOM   445  C CA  . VAL A 1 57  ? -19.28484 8.87846   -3.95221  1.000 35.57923 ? 370 VAL A CA  1 
ATOM   446  C C   . VAL A 1 57  ? -17.97085 9.41165   -4.51341  1.000 35.41817 ? 370 VAL A C   1 
ATOM   447  O O   . VAL A 1 57  ? -17.13304 8.66400   -5.01839  1.000 33.36985 ? 370 VAL A O   1 
ATOM   448  C CB  . VAL A 1 57  ? -19.32184 9.01159   -2.41769  1.000 42.65167 ? 370 VAL A CB  1 
ATOM   449  C CG1 . VAL A 1 57  ? -20.63204 8.46450   -1.87115  1.000 41.28889 ? 370 VAL A CG1 1 
ATOM   450  C CG2 . VAL A 1 57  ? -18.13849 8.28945   -1.79524  1.000 38.88774 ? 370 VAL A CG2 1 
ATOM   451  N N   . ASP A 1 58  ? -17.79880 10.73058  -4.41078  1.000 36.16601 ? 371 ASP A N   1 
ATOM   452  C CA  . ASP A 1 58  ? -16.61092 11.40603  -4.93308  1.000 33.22438 ? 371 ASP A CA  1 
ATOM   453  C C   . ASP A 1 58  ? -15.42805 11.23410  -3.97550  1.000 34.26033 ? 371 ASP A C   1 
ATOM   454  O O   . ASP A 1 58  ? -14.80540 12.19018  -3.51422  1.000 31.25159 ? 371 ASP A O   1 
ATOM   455  C CB  . ASP A 1 58  ? -16.91295 12.87687  -5.18935  1.000 34.06633 ? 371 ASP A CB  1 
ATOM   456  C CG  . ASP A 1 58  ? -15.91228 13.52197  -6.12822  1.000 43.02586 ? 371 ASP A CG  1 
ATOM   457  O OD1 . ASP A 1 58  ? -15.55529 12.89041  -7.14513  1.000 43.11564 ? 371 ASP A OD1 1 
ATOM   458  O OD2 . ASP A 1 58  ? -15.48898 14.66391  -5.85353  1.000 46.39298 ? 371 ASP A OD2 1 
ATOM   459  N N   . LYS A 1 59  ? -15.12694 9.97124   -3.68247  1.000 36.86465 ? 372 LYS A N   1 
ATOM   460  C CA  . LYS A 1 59  ? -14.00924 9.59435   -2.82926  1.000 35.19361 ? 372 LYS A CA  1 
ATOM   461  C C   . LYS A 1 59  ? -13.21757 8.50358   -3.53162  1.000 32.72110 ? 372 LYS A C   1 
ATOM   462  O O   . LYS A 1 59  ? -13.80348 7.56311   -4.07732  1.000 32.60238 ? 372 LYS A O   1 
ATOM   463  C CB  . LYS A 1 59  ? -14.49274 9.10759   -1.45919  1.000 37.76981 ? 372 LYS A CB  1 
ATOM   464  C CG  . LYS A 1 59  ? -15.08664 10.19913  -0.58384  1.000 34.54834 ? 372 LYS A CG  1 
ATOM   465  C CD  . LYS A 1 59  ? -15.60961 9.62662   0.72361   1.000 38.19102 ? 372 LYS A CD  1 
ATOM   466  C CE  . LYS A 1 59  ? -15.87154 10.72095  1.74507   1.000 42.91637 ? 372 LYS A CE  1 
ATOM   467  N NZ  . LYS A 1 59  ? -16.20894 10.16038  3.08417   1.000 50.48059 ? 372 LYS A NZ  1 
ATOM   468  N N   . TYR A 1 60  ? -11.89293 8.63256   -3.52559  1.000 33.93721 ? 373 TYR A N   1 
ATOM   469  C CA  . TYR A 1 60  ? -11.02868 7.70039   -4.23322  1.000 35.97629 ? 373 TYR A CA  1 
ATOM   470  C C   . TYR A 1 60  ? -9.82021  7.36531   -3.37386  1.000 30.86934 ? 373 TYR A C   1 
ATOM   471  O O   . TYR A 1 60  ? -9.25006  8.24291   -2.71997  1.000 33.75533 ? 373 TYR A O   1 
ATOM   472  C CB  . TYR A 1 60  ? -10.57127 8.27441   -5.58196  1.000 32.26811 ? 373 TYR A CB  1 
ATOM   473  C CG  . TYR A 1 60  ? -11.70513 8.58534   -6.53473  1.000 33.73788 ? 373 TYR A CG  1 
ATOM   474  C CD1 . TYR A 1 60  ? -12.38954 9.79282   -6.46273  1.000 34.60221 ? 373 TYR A CD1 1 
ATOM   475  C CD2 . TYR A 1 60  ? -12.09118 7.67116   -7.50604  1.000 31.29870 ? 373 TYR A CD2 1 
ATOM   476  C CE1 . TYR A 1 60  ? -13.42604 10.08004  -7.32998  1.000 35.67194 ? 373 TYR A CE1 1 
ATOM   477  C CE2 . TYR A 1 60  ? -13.12600 7.95040   -8.37893  1.000 39.53673 ? 373 TYR A CE2 1 
ATOM   478  C CZ  . TYR A 1 60  ? -13.78952 9.15581   -8.28621  1.000 39.13708 ? 373 TYR A CZ  1 
ATOM   479  O OH  . TYR A 1 60  ? -14.82045 9.43710   -9.15253  1.000 39.99411 ? 373 TYR A OH  1 
ATOM   480  N N   . ILE A 1 61  ? -9.43537  6.09165   -3.38291  1.000 31.24714 ? 374 ILE A N   1 
ATOM   481  C CA  . ILE A 1 61  ? -8.28289  5.59737   -2.63868  1.000 34.25230 ? 374 ILE A CA  1 
ATOM   482  C C   . ILE A 1 61  ? -7.23749  5.12746   -3.63957  1.000 32.75910 ? 374 ILE A C   1 
ATOM   483  O O   . ILE A 1 61  ? -7.55896  4.39164   -4.58114  1.000 33.74789 ? 374 ILE A O   1 
ATOM   484  C CB  . ILE A 1 61  ? -8.67742  4.46263   -1.67685  1.000 33.82233 ? 374 ILE A CB  1 
ATOM   485  C CG1 . ILE A 1 61  ? -9.56400  5.00124   -0.55189  1.000 34.52091 ? 374 ILE A CG1 1 
ATOM   486  C CG2 . ILE A 1 61  ? -7.43863  3.78598   -1.10489  1.000 32.30235 ? 374 ILE A CG2 1 
ATOM   487  C CD1 . ILE A 1 61  ? -9.96136  3.95529   0.46713   1.000 38.29217 ? 374 ILE A CD1 1 
ATOM   488  N N   . ASN A 1 62  ? -5.99232  5.55938   -3.44201  1.000 32.28102 ? 375 ASN A N   1 
ATOM   489  C CA  . ASN A 1 62  ? -4.90911  5.15738   -4.33007  1.000 35.87201 ? 375 ASN A CA  1 
ATOM   490  C C   . ASN A 1 62  ? -4.73639  3.64413   -4.29761  1.000 31.42562 ? 375 ASN A C   1 
ATOM   491  O O   . ASN A 1 62  ? -4.66111  3.03731   -3.22527  1.000 30.07465 ? 375 ASN A O   1 
ATOM   492  C CB  . ASN A 1 62  ? -3.60866  5.85510   -3.92539  1.000 31.81198 ? 375 ASN A CB  1 
ATOM   493  C CG  . ASN A 1 62  ? -2.52962  5.75438   -4.99341  1.000 39.85416 ? 375 ASN A CG  1 
ATOM   494  O OD1 . ASN A 1 62  ? -2.23174  4.67061   -5.49698  1.000 30.94169 ? 375 ASN A OD1 1 
ATOM   495  N ND2 . ASN A 1 62  ? -1.94146  6.89204   -5.34636  1.000 43.34777 ? 375 ASN A ND2 1 
ATOM   496  N N   . ALA A 1 63  ? -4.67550  3.03543   -5.48475  1.000 29.16661 ? 376 ALA A N   1 
ATOM   497  C CA  . ALA A 1 63  ? -4.57548  1.58367   -5.57575  1.000 29.78438 ? 376 ALA A CA  1 
ATOM   498  C C   . ALA A 1 63  ? -3.27026  1.05276   -5.00066  1.000 35.54660 ? 376 ALA A C   1 
ATOM   499  O O   . ALA A 1 63  ? -3.19746  -0.13187  -4.65521  1.000 32.50692 ? 376 ALA A O   1 
ATOM   500  C CB  . ALA A 1 63  ? -4.72386  1.13608   -7.02915  1.000 31.34496 ? 376 ALA A CB  1 
ATOM   501  N N   . ALA A 1 64  ? -2.23973  1.89623   -4.89077  1.000 29.89610 ? 377 ALA A N   1 
ATOM   502  C CA  . ALA A 1 64  ? -0.99414  1.46907   -4.26444  1.000 32.41332 ? 377 ALA A CA  1 
ATOM   503  C C   . ALA A 1 64  ? -1.19256  1.07945   -2.80664  1.000 32.95872 ? 377 ALA A C   1 
ATOM   504  O O   . ALA A 1 64  ? -0.37028  0.33975   -2.25496  1.000 31.14520 ? 377 ALA A O   1 
ATOM   505  C CB  . ALA A 1 64  ? 0.05795   2.57389   -4.37066  1.000 26.77557 ? 377 ALA A CB  1 
ATOM   506  N N   . ASN A 1 65  ? -2.25963  1.56046   -2.17387  1.000 30.81351 ? 378 ASN A N   1 
ATOM   507  C CA  . ASN A 1 65  ? -2.60056  1.18843   -0.80907  1.000 32.96685 ? 378 ASN A CA  1 
ATOM   508  C C   . ASN A 1 65  ? -3.47878  -0.05369  -0.73965  1.000 31.52589 ? 378 ASN A C   1 
ATOM   509  O O   . ASN A 1 65  ? -3.82995  -0.48645  0.36312   1.000 30.97706 ? 378 ASN A O   1 
ATOM   510  C CB  . ASN A 1 65  ? -3.30048  2.35680   -0.10761  1.000 33.41987 ? 378 ASN A CB  1 
ATOM   511  C CG  . ASN A 1 65  ? -2.43257  3.59789   -0.03957  1.000 35.82580 ? 378 ASN A CG  1 
ATOM   512  O OD1 . ASN A 1 65  ? -1.28975  3.54594   0.41601   1.000 34.70375 ? 378 ASN A OD1 1 
ATOM   513  N ND2 . ASN A 1 65  ? -2.97041  4.72234   -0.49763  1.000 37.66110 ? 378 ASN A ND2 1 
ATOM   514  N N   . ILE A 1 66  ? -3.84128  -0.63348  -1.88334  1.000 28.54680 ? 379 ILE A N   1 
ATOM   515  C CA  . ILE A 1 66  ? -4.67787  -1.82772  -1.91526  1.000 29.35491 ? 379 ILE A CA  1 
ATOM   516  C C   . ILE A 1 66  ? -3.97127  -2.92027  -2.70646  1.000 33.80016 ? 379 ILE A C   1 
ATOM   517  O O   . ILE A 1 66  ? -3.71095  -4.01043  -2.18512  1.000 32.21466 ? 379 ILE A O   1 
ATOM   518  C CB  . ILE A 1 66  ? -6.06483  -1.52281  -2.51044  1.000 30.37079 ? 379 ILE A CB  1 
ATOM   519  C CG1 . ILE A 1 66  ? -6.81207  -0.51653  -1.63260  1.000 33.20440 ? 379 ILE A CG1 1 
ATOM   520  C CG2 . ILE A 1 66  ? -6.87167  -2.80249  -2.66220  1.000 31.05245 ? 379 ILE A CG2 1 
ATOM   521  C CD1 . ILE A 1 66  ? -8.09743  -0.00809  -2.24356  1.000 34.27890 ? 379 ILE A CD1 1 
ATOM   522  N N   . ASP A 1 67  ? -3.65445  -2.63470  -3.97093  1.000 31.82245 ? 380 ASP A N   1 
ATOM   523  C CA  . ASP A 1 67  ? -3.00160  -3.62488  -4.81949  1.000 30.08130 ? 380 ASP A CA  1 
ATOM   524  C C   . ASP A 1 67  ? -1.49513  -3.65592  -4.61035  1.000 27.38037 ? 380 ASP A C   1 
ATOM   525  O O   . ASP A 1 67  ? -0.86073  -4.68791  -4.85663  1.000 30.38163 ? 380 ASP A O   1 
ATOM   526  C CB  . ASP A 1 67  ? -3.31458  -3.34300  -6.28854  1.000 33.75302 ? 380 ASP A CB  1 
ATOM   527  C CG  . ASP A 1 67  ? -4.79057  -3.46457  -6.60089  1.000 36.39940 ? 380 ASP A CG  1 
ATOM   528  O OD1 . ASP A 1 67  ? -5.44972  -4.35663  -6.02496  1.000 39.32101 ? 380 ASP A OD1 1 
ATOM   529  O OD2 . ASP A 1 67  ? -5.29192  -2.66182  -7.41693  1.000 42.45570 ? 380 ASP A OD2 1 
ATOM   530  N N   . GLY A 1 68  ? -0.91209  -2.55352  -4.15955  1.000 26.42386 ? 381 GLY A N   1 
ATOM   531  C CA  . GLY A 1 68  ? 0.51929   -2.48323  -3.99663  1.000 28.57887 ? 381 GLY A CA  1 
ATOM   532  C C   . GLY A 1 68  ? 1.22731   -2.13392  -5.29239  1.000 34.89696 ? 381 GLY A C   1 
ATOM   533  O O   . GLY A 1 68  ? 0.63065   -1.67567  -6.27167  1.000 30.97837 ? 381 GLY A O   1 
ATOM   534  N N   . THR A 1 69  ? 2.53819   -2.36534  -5.28795  1.000 33.21689 ? 382 THR A N   1 
ATOM   535  C CA  . THR A 1 69  ? 3.38563   -2.05392  -6.43276  1.000 32.78083 ? 382 THR A CA  1 
ATOM   536  C C   . THR A 1 69  ? 4.43361   -3.14393  -6.58173  1.000 35.08198 ? 382 THR A C   1 
ATOM   537  O O   . THR A 1 69  ? 5.18362   -3.41739  -5.63966  1.000 38.79181 ? 382 THR A O   1 
ATOM   538  C CB  . THR A 1 69  ? 4.05877   -0.68851  -6.26833  1.000 33.32400 ? 382 THR A CB  1 
ATOM   539  O OG1 . THR A 1 69  ? 3.05922   0.32057   -6.07910  1.000 34.56458 ? 382 THR A OG1 1 
ATOM   540  C CG2 . THR A 1 69  ? 4.88609   -0.35442  -7.49792  1.000 32.39572 ? 382 THR A CG2 1 
ATOM   541  N N   . LYS A 1 70  ? 4.48150   -3.76267  -7.75901  1.000 36.04638 ? 383 LYS A N   1 
ATOM   542  C CA  . LYS A 1 70  ? 5.51035   -4.75148  -8.05477  1.000 35.49627 ? 383 LYS A CA  1 
ATOM   543  C C   . LYS A 1 70  ? 6.85030   -4.05135  -8.24437  1.000 38.89609 ? 383 LYS A C   1 
ATOM   544  O O   . LYS A 1 70  ? 6.99092   -3.19500  -9.12383  1.000 34.75643 ? 383 LYS A O   1 
ATOM   545  C CB  . LYS A 1 70  ? 5.14207   -5.54527  -9.30662  1.000 33.96442 ? 383 LYS A CB  1 
ATOM   546  C CG  . LYS A 1 70  ? 4.32260   -6.80129  -9.05073  1.000 36.27947 ? 383 LYS A CG  1 
ATOM   547  C CD  . LYS A 1 70  ? 2.88201   -6.47170  -8.70035  1.000 40.70631 ? 383 LYS A CD  1 
ATOM   548  C CE  . LYS A 1 70  ? 2.13974   -7.70308  -8.20949  1.000 53.28436 ? 383 LYS A CE  1 
ATOM   549  N NZ  . LYS A 1 70  ? 0.91560   -7.34117  -7.44457  1.000 48.28178 ? 383 LYS A NZ  1 
ATOM   550  N N   . ARG A 1 71  ? 7.83132   -4.40915  -7.42076  1.000 36.54514 ? 384 ARG A N   1 
ATOM   551  C CA  . ARG A 1 71  ? 9.16841   -3.84429  -7.50332  1.000 34.07033 ? 384 ARG A CA  1 
ATOM   552  C C   . ARG A 1 71  ? 10.19427  -4.95966  -7.65273  1.000 35.08649 ? 384 ARG A C   1 
ATOM   553  O O   . ARG A 1 71  ? 9.94708   -6.11318  -7.29172  1.000 36.70306 ? 384 ARG A O   1 
ATOM   554  C CB  . ARG A 1 71  ? 9.49520   -2.99375  -6.26861  1.000 32.92344 ? 384 ARG A CB  1 
ATOM   555  C CG  . ARG A 1 71  ? 8.50009   -1.87777  -5.99960  1.000 31.13840 ? 384 ARG A CG  1 
ATOM   556  C CD  . ARG A 1 71  ? 8.98577   -0.96798  -4.88323  1.000 30.58669 ? 384 ARG A CD  1 
ATOM   557  N NE  . ARG A 1 71  ? 7.94481   -0.04822  -4.43443  1.000 35.76516 ? 384 ARG A NE  1 
ATOM   558  C CZ  . ARG A 1 71  ? 7.71269   1.14253   -4.97719  1.000 34.66365 ? 384 ARG A CZ  1 
ATOM   559  N NH1 . ARG A 1 71  ? 8.44956   1.56675   -5.99502  1.000 33.44898 ? 384 ARG A NH1 1 
ATOM   560  N NH2 . ARG A 1 71  ? 6.74207   1.91032   -4.50153  1.000 33.48955 ? 384 ARG A NH2 1 
ATOM   561  N N   . THR A 1 72  ? 11.35636  -4.59966  -8.19242  1.000 31.42846 ? 385 THR A N   1 
ATOM   562  C CA  . THR A 1 72  ? 12.44754  -5.53673  -8.42298  1.000 34.29768 ? 385 THR A CA  1 
ATOM   563  C C   . THR A 1 72  ? 13.64129  -5.13707  -7.56869  1.000 34.86800 ? 385 THR A C   1 
ATOM   564  O O   . THR A 1 72  ? 14.04116  -3.96803  -7.56139  1.000 35.32055 ? 385 THR A O   1 
ATOM   565  C CB  . THR A 1 72  ? 12.84244  -5.57436  -9.90277  1.000 35.16755 ? 385 THR A CB  1 
ATOM   566  O OG1 . THR A 1 72  ? 11.74685  -6.07811  -10.67592 1.000 40.00619 ? 385 THR A OG1 1 
ATOM   567  C CG2 . THR A 1 72  ? 14.05383  -6.47207  -10.11119 1.000 34.10562 ? 385 THR A CG2 1 
ATOM   568  N N   . LEU A 1 73  ? 14.20415  -6.10705  -6.85344  1.000 35.24961 ? 386 LEU A N   1 
ATOM   569  C CA  . LEU A 1 73  ? 15.33695  -5.84865  -5.97831  1.000 38.64707 ? 386 LEU A CA  1 
ATOM   570  C C   . LEU A 1 73  ? 16.62446  -5.71509  -6.78035  1.000 42.19494 ? 386 LEU A C   1 
ATOM   571  O O   . LEU A 1 73  ? 16.90274  -6.51704  -7.67679  1.000 40.93198 ? 386 LEU A O   1 
ATOM   572  C CB  . LEU A 1 73  ? 15.48251  -6.97350  -4.95504  1.000 40.93170 ? 386 LEU A CB  1 
ATOM   573  C CG  . LEU A 1 73  ? 14.44205  -7.02232  -3.83800  1.000 45.23902 ? 386 LEU A CG  1 
ATOM   574  C CD1 . LEU A 1 73  ? 14.17266  -8.46256  -3.45771  1.000 41.14048 ? 386 LEU A CD1 1 
ATOM   575  C CD2 . LEU A 1 73  ? 14.90783  -6.22532  -2.63102  1.000 40.39895 ? 386 LEU A CD2 1 
ATOM   576  N N   . LYS A 1 74  ? 17.41168  -4.69081  -6.45147  1.000 42.55524 ? 387 LYS A N   1 
ATOM   577  C CA  . LYS A 1 74  ? 18.75152  -4.54133  -7.00050  1.000 45.71342 ? 387 LYS A CA  1 
ATOM   578  C C   . LYS A 1 74  ? 19.82983  -5.06859  -6.06454  1.000 47.01075 ? 387 LYS A C   1 
ATOM   579  O O   . LYS A 1 74  ? 21.00431  -5.09165  -6.44716  1.000 48.71192 ? 387 LYS A O   1 
ATOM   580  C CB  . LYS A 1 74  ? 19.03521  -3.07084  -7.33655  1.000 49.14298 ? 387 LYS A CB  1 
ATOM   581  C CG  . LYS A 1 74  ? 19.06820  -2.13492  -6.13899  1.000 53.44403 ? 387 LYS A CG  1 
ATOM   582  C CD  . LYS A 1 74  ? 20.02533  -0.97660  -6.39020  1.000 51.81844 ? 387 LYS A CD  1 
ATOM   583  C CE  . LYS A 1 74  ? 19.62769  0.26665   -5.61023  1.000 44.47928 ? 387 LYS A CE  1 
ATOM   584  N NZ  . LYS A 1 74  ? 18.52413  1.01380   -6.27759  1.000 48.18934 ? 387 LYS A NZ  1 
ATOM   585  N N   . HIS A 1 75  ? 19.45890  -5.48735  -4.85615  1.000 48.73657 ? 388 HIS A N   1 
ATOM   586  C CA  . HIS A 1 75  ? 20.37788  -6.10770  -3.91495  1.000 47.53007 ? 388 HIS A CA  1 
ATOM   587  C C   . HIS A 1 75  ? 19.66404  -7.25181  -3.21198  1.000 49.12013 ? 388 HIS A C   1 
ATOM   588  O O   . HIS A 1 75  ? 18.43520  -7.35639  -3.24253  1.000 48.69150 ? 388 HIS A O   1 
ATOM   589  C CB  . HIS A 1 75  ? 20.89364  -5.11309  -2.86470  1.000 43.93097 ? 388 HIS A CB  1 
ATOM   590  C CG  . HIS A 1 75  ? 21.61264  -3.93385  -3.44062  1.000 48.82866 ? 388 HIS A CG  1 
ATOM   591  N ND1 . HIS A 1 75  ? 22.77694  -4.05329  -4.16669  1.000 53.04406 ? 388 HIS A ND1 1 
ATOM   592  C CD2 . HIS A 1 75  ? 21.33701  -2.60930  -3.38398  1.000 52.80816 ? 388 HIS A CD2 1 
ATOM   593  C CE1 . HIS A 1 75  ? 23.18554  -2.85257  -4.53914  1.000 55.44315 ? 388 HIS A CE1 1 
ATOM   594  N NE2 . HIS A 1 75  ? 22.32965  -1.95975  -4.07712  1.000 60.04138 ? 388 HIS A NE2 1 
ATOM   595  N N   . ASN A 1 76  ? 20.45101  -8.11423  -2.57557  1.000 46.67697 ? 389 ASN A N   1 
ATOM   596  C CA  . ASN A 1 76  ? 19.88221  -9.08670  -1.65535  1.000 47.59734 ? 389 ASN A CA  1 
ATOM   597  C C   . ASN A 1 76  ? 19.40510  -8.37083  -0.39835  1.000 43.50323 ? 389 ASN A C   1 
ATOM   598  O O   . ASN A 1 76  ? 20.08984  -7.49076  0.13079   1.000 45.50821 ? 389 ASN A O   1 
ATOM   599  C CB  . ASN A 1 76  ? 20.90992  -10.16130 -1.30149  1.000 47.13231 ? 389 ASN A CB  1 
ATOM   600  C CG  . ASN A 1 76  ? 21.26615  -11.04195 -2.48502  1.000 50.06199 ? 389 ASN A CG  1 
ATOM   601  O OD1 . ASN A 1 76  ? 20.60186  -11.01009 -3.52042  1.000 49.22096 ? 389 ASN A OD1 1 
ATOM   602  N ND2 . ASN A 1 76  ? 22.31633  -11.84055 -2.33295  1.000 48.53553 ? 389 ASN A ND2 1 
ATOM   603  N N   . ALA A 1 77  ? 18.21894  -8.74172  0.07626   1.000 43.34195 ? 390 ALA A N   1 
ATOM   604  C CA  . ALA A 1 77  ? 17.57171  -8.02478  1.16447   1.000 42.51076 ? 390 ALA A CA  1 
ATOM   605  C C   . ALA A 1 77  ? 17.03527  -8.99170  2.20805   1.000 44.21965 ? 390 ALA A C   1 
ATOM   606  O O   . ALA A 1 77  ? 16.49342  -10.04919 1.87223   1.000 41.87110 ? 390 ALA A O   1 
ATOM   607  C CB  . ALA A 1 77  ? 16.42741  -7.14819  0.64323   1.000 41.20713 ? 390 ALA A CB  1 
ATOM   608  N N   . TYR A 1 78  ? 17.19199  -8.61801  3.47416   1.000 43.03824 ? 391 TYR A N   1 
ATOM   609  C CA  . TYR A 1 78  ? 16.54478  -9.30708  4.57739   1.000 47.15063 ? 391 TYR A CA  1 
ATOM   610  C C   . TYR A 1 78  ? 15.13814  -8.75060  4.78324   1.000 42.75839 ? 391 TYR A C   1 
ATOM   611  O O   . TYR A 1 78  ? 14.77819  -7.68906  4.26973   1.000 42.39239 ? 391 TYR A O   1 
ATOM   612  C CB  . TYR A 1 78  ? 17.36022  -9.16180  5.86338   1.000 44.98185 ? 391 TYR A CB  1 
ATOM   613  C CG  . TYR A 1 78  ? 18.72235  -9.81796  5.82806   1.000 49.25145 ? 391 TYR A CG  1 
ATOM   614  C CD1 . TYR A 1 78  ? 18.94945  -10.95642 5.06638   1.000 51.95824 ? 391 TYR A CD1 1 
ATOM   615  C CD2 . TYR A 1 78  ? 19.77907  -9.30485  6.57021   1.000 50.81395 ? 391 TYR A CD2 1 
ATOM   616  C CE1 . TYR A 1 78  ? 20.19393  -11.56046 5.03740   1.000 53.74746 ? 391 TYR A CE1 1 
ATOM   617  C CE2 . TYR A 1 78  ? 21.02575  -9.90197  6.54818   1.000 50.32370 ? 391 TYR A CE2 1 
ATOM   618  C CZ  . TYR A 1 78  ? 21.22757  -11.02894 5.78044   1.000 52.58272 ? 391 TYR A CZ  1 
ATOM   619  O OH  . TYR A 1 78  ? 22.46689  -11.62656 5.75551   1.000 60.94462 ? 391 TYR A OH  1 
ATOM   620  N N   . VAL A 1 79  ? 14.33667  -9.48286  5.54963   1.000 38.88904 ? 392 VAL A N   1 
ATOM   621  C CA  . VAL A 1 79  ? 12.99187  -9.05794  5.91898   1.000 38.39843 ? 392 VAL A CA  1 
ATOM   622  C C   . VAL A 1 79  ? 13.02349  -8.65280  7.38574   1.000 41.30421 ? 392 VAL A C   1 
ATOM   623  O O   . VAL A 1 79  ? 13.42751  -9.44385  8.24746   1.000 37.58794 ? 392 VAL A O   1 
ATOM   624  C CB  . VAL A 1 79  ? 11.95650  -10.16276 5.66466   1.000 38.09402 ? 392 VAL A CB  1 
ATOM   625  C CG1 . VAL A 1 79  ? 10.57561  -9.69029  6.07089   1.000 34.87276 ? 392 VAL A CG1 1 
ATOM   626  C CG2 . VAL A 1 79  ? 11.97267  -10.57180 4.19953   1.000 37.28822 ? 392 VAL A CG2 1 
ATOM   627  N N   . TYR A 1 80  ? 12.60372  -7.42352  7.66940   1.000 37.86458 ? 393 TYR A N   1 
ATOM   628  C CA  . TYR A 1 80  ? 12.69324  -6.85500  9.00462   1.000 39.64863 ? 393 TYR A CA  1 
ATOM   629  C C   . TYR A 1 80  ? 11.30671  -6.61237  9.58625   1.000 39.51421 ? 393 TYR A C   1 
ATOM   630  O O   . TYR A 1 80  ? 10.34695  -6.33175  8.86205   1.000 32.83160 ? 393 TYR A O   1 
ATOM   631  C CB  . TYR A 1 80  ? 13.47655  -5.53787  8.98955   1.000 35.07852 ? 393 TYR A CB  1 
ATOM   632  C CG  . TYR A 1 80  ? 14.95245  -5.69603  8.69965   1.000 41.98011 ? 393 TYR A CG  1 
ATOM   633  C CD1 . TYR A 1 80  ? 15.85970  -5.93666  9.72362   1.000 40.49879 ? 393 TYR A CD1 1 
ATOM   634  C CD2 . TYR A 1 80  ? 15.43933  -5.59896  7.40266   1.000 40.47346 ? 393 TYR A CD2 1 
ATOM   635  C CE1 . TYR A 1 80  ? 17.21050  -6.07964  9.46332   1.000 41.85995 ? 393 TYR A CE1 1 
ATOM   636  C CE2 . TYR A 1 80  ? 16.78799  -5.74046  7.13256   1.000 44.48831 ? 393 TYR A CE2 1 
ATOM   637  C CZ  . TYR A 1 80  ? 17.66867  -5.98055  8.16641   1.000 47.16800 ? 393 TYR A CZ  1 
ATOM   638  O OH  . TYR A 1 80  ? 19.01175  -6.12201  7.90226   1.000 48.44190 ? 393 TYR A OH  1 
ATOM   639  N N   . ALA A 1 81  ? 11.21544  -6.72875  10.91126  1.000 34.64193 ? 394 ALA A N   1 
ATOM   640  C CA  . ALA A 1 81  ? 10.02094  -6.33845  11.64538  1.000 33.94253 ? 394 ALA A CA  1 
ATOM   641  C C   . ALA A 1 81  ? 10.14486  -4.96054  12.27807  1.000 32.68767 ? 394 ALA A C   1 
ATOM   642  O O   . ALA A 1 81  ? 9.12103   -4.32058  12.54085  1.000 36.65444 ? 394 ALA A O   1 
ATOM   643  C CB  . ALA A 1 81  ? 9.70177   -7.36933  12.73510  1.000 32.74364 ? 394 ALA A CB  1 
ATOM   644  N N   . SER A 1 82  ? 11.36613  -4.49730  12.52528  1.000 35.33067 ? 395 SER A N   1 
ATOM   645  C CA  . SER A 1 82  ? 11.61982  -3.15151  13.01966  1.000 36.45479 ? 395 SER A CA  1 
ATOM   646  C C   . SER A 1 82  ? 12.99613  -2.72207  12.52192  1.000 39.52633 ? 395 SER A C   1 
ATOM   647  O O   . SER A 1 82  ? 13.55978  -3.33031  11.60689  1.000 41.05091 ? 395 SER A O   1 
ATOM   648  C CB  . SER A 1 82  ? 11.50213  -3.10014  14.54844  1.000 39.99606 ? 395 SER A CB  1 
ATOM   649  O OG  . SER A 1 82  ? 12.38471  -4.02206  15.16189  1.000 39.87061 ? 395 SER A OG  1 
ATOM   650  N N   . SER A 1 83  ? 13.54106  -1.66531  13.12980  1.000 42.28507 ? 396 SER A N   1 
ATOM   651  C CA  . SER A 1 83  ? 14.84321  -1.15897  12.70585  1.000 42.87711 ? 396 SER A CA  1 
ATOM   652  C C   . SER A 1 83  ? 15.94413  -2.18177  12.95138  1.000 42.99517 ? 396 SER A C   1 
ATOM   653  O O   . SER A 1 83  ? 16.85087  -2.33823  12.12531  1.000 42.50612 ? 396 SER A O   1 
ATOM   654  C CB  . SER A 1 83  ? 15.16378  0.14472   13.43600  1.000 38.48330 ? 396 SER A CB  1 
ATOM   655  O OG  . SER A 1 83  ? 14.06386  1.03438   13.40360  1.000 47.52682 ? 396 SER A OG  1 
ATOM   656  N N   . LYS A 1 84  ? 15.87937  -2.89060  14.07841  1.000 43.87801 ? 397 LYS A N   1 
ATOM   657  C CA  . LYS A 1 84  ? 16.94173  -3.79465  14.48661  1.000 42.24586 ? 397 LYS A CA  1 
ATOM   658  C C   . LYS A 1 84  ? 16.53440  -5.25896  14.54046  1.000 38.43547 ? 397 LYS A C   1 
ATOM   659  O O   . LYS A 1 84  ? 17.41957  -6.12005  14.57814  1.000 36.98337 ? 397 LYS A O   1 
ATOM   660  C CB  . LYS A 1 84  ? 17.48353  -3.38514  15.86537  1.000 42.68486 ? 397 LYS A CB  1 
ATOM   661  C CG  . LYS A 1 84  ? 17.93506  -1.93452  15.94361  1.000 44.64821 ? 397 LYS A CG  1 
ATOM   662  C CD  . LYS A 1 84  ? 18.09351  -1.48056  17.38557  1.000 51.94248 ? 397 LYS A CD  1 
ATOM   663  C CE  . LYS A 1 84  ? 18.51904  -0.02348  17.46459  1.000 54.72746 ? 397 LYS A CE  1 
ATOM   664  N NZ  . LYS A 1 84  ? 17.51677  0.88676   16.84325  1.000 56.42100 ? 397 LYS A NZ  1 
ATOM   665  N N   . LYS A 1 85  ? 15.24146  -5.56892  14.54103  1.000 39.30882 ? 398 LYS A N   1 
ATOM   666  C CA  . LYS A 1 85  ? 14.76792  -6.94058  14.66479  1.000 36.55806 ? 398 LYS A CA  1 
ATOM   667  C C   . LYS A 1 85  ? 14.49642  -7.52817  13.28690  1.000 40.85670 ? 398 LYS A C   1 
ATOM   668  O O   . LYS A 1 85  ? 13.79720  -6.91919  12.47069  1.000 36.03495 ? 398 LYS A O   1 
ATOM   669  C CB  . LYS A 1 85  ? 13.50380  -7.00848  15.52226  1.000 32.56944 ? 398 LYS A CB  1 
ATOM   670  C CG  . LYS A 1 85  ? 12.97547  -8.41933  15.72138  1.000 39.80144 ? 398 LYS A CG  1 
ATOM   671  C CD  . LYS A 1 85  ? 11.63025  -8.41630  16.42316  1.000 37.28814 ? 398 LYS A CD  1 
ATOM   672  C CE  . LYS A 1 85  ? 11.05763  -9.82012  16.51388  1.000 36.29537 ? 398 LYS A CE  1 
ATOM   673  N NZ  . LYS A 1 85  ? 9.66349   -9.81772  17.03457  1.000 42.13438 ? 398 LYS A NZ  1 
ATOM   674  N N   . ARG A 1 86  ? 15.05135  -8.70925  13.03562  1.000 37.04762 ? 399 ARG A N   1 
ATOM   675  C CA  . ARG A 1 86  ? 14.78145  -9.43423  11.80415  1.000 40.31554 ? 399 ARG A CA  1 
ATOM   676  C C   . ARG A 1 86  ? 13.45772  -10.17993 11.92270  1.000 44.59829 ? 399 ARG A C   1 
ATOM   677  O O   . ARG A 1 86  ? 13.15848  -10.78395 12.95719  1.000 37.70541 ? 399 ARG A O   1 
ATOM   678  C CB  . ARG A 1 86  ? 15.91995  -10.41113 11.50644  1.000 41.68342 ? 399 ARG A CB  1 
ATOM   679  C CG  . ARG A 1 86  ? 16.14269  -10.70752 10.03299  1.000 40.85148 ? 399 ARG A CG  1 
ATOM   680  C CD  . ARG A 1 86  ? 17.41069  -11.52745 9.84696   1.000 48.11378 ? 399 ARG A CD  1 
ATOM   681  N NE  . ARG A 1 86  ? 17.26942  -12.55027 8.81488   1.000 52.01226 ? 399 ARG A NE  1 
ATOM   682  C CZ  . ARG A 1 86  ? 18.24968  -12.93065 8.00176   1.000 52.90826 ? 399 ARG A CZ  1 
ATOM   683  N NH1 . ARG A 1 86  ? 19.45099  -12.37776 8.10263   1.000 57.06706 ? 399 ARG A NH1 1 
ATOM   684  N NH2 . ARG A 1 86  ? 18.03194  -13.86995 7.09193   1.000 52.93977 ? 399 ARG A NH2 1 
ATOM   685  N N   . ALA A 1 87  ? 12.65910  -10.12897 10.85473  1.000 36.35735 ? 400 ALA A N   1 
ATOM   686  C CA  . ALA A 1 87  ? 11.33743  -10.74656 10.88282  1.000 39.84433 ? 400 ALA A CA  1 
ATOM   687  C C   . ALA A 1 87  ? 11.40254  -12.26025 10.72746  1.000 43.03854 ? 400 ALA A C   1 
ATOM   688  O O   . ALA A 1 87  ? 10.56054  -12.97228 11.28641  1.000 42.47970 ? 400 ALA A O   1 
ATOM   689  C CB  . ALA A 1 87  ? 10.45282  -10.14730 9.78868   1.000 41.07787 ? 400 ALA A CB  1 
ATOM   690  N N   . ASN A 1 88  ? 12.37676  -12.76401 9.97874   1.000 45.93847 ? 401 ASN A N   1 
ATOM   691  C CA  . ASN A 1 88  ? 12.55024  -14.19716 9.78050   1.000 44.74121 ? 401 ASN A CA  1 
ATOM   692  C C   . ASN A 1 88  ? 13.98330  -14.42923 9.30752   1.000 47.96048 ? 401 ASN A C   1 
ATOM   693  O O   . ASN A 1 88  ? 14.87357  -13.61566 9.57817   1.000 44.89501 ? 401 ASN A O   1 
ATOM   694  C CB  . ASN A 1 88  ? 11.49896  -14.73654 8.79515   1.000 44.99465 ? 401 ASN A CB  1 
ATOM   695  C CG  . ASN A 1 88  ? 11.33520  -13.85169 7.57252   1.000 47.15201 ? 401 ASN A CG  1 
ATOM   696  O OD1 . ASN A 1 88  ? 12.29775  -13.25641 7.08786   1.000 45.32480 ? 401 ASN A OD1 1 
ATOM   697  N ND2 . ASN A 1 88  ? 10.10940  -13.75974 7.06895   1.000 38.59347 ? 401 ASN A ND2 1 
ATOM   698  N N   . LYS A 1 89  ? 14.20847  -15.53941 8.60483   1.000 49.76219 ? 402 LYS A N   1 
ATOM   699  C CA  . LYS A 1 89  ? 15.49313  -15.79902 7.96654   1.000 51.21551 ? 402 LYS A CA  1 
ATOM   700  C C   . LYS A 1 89  ? 15.36246  -15.87051 6.44999   1.000 51.89478 ? 402 LYS A C   1 
ATOM   701  O O   . LYS A 1 89  ? 16.24594  -16.40877 5.77461   1.000 49.47133 ? 402 LYS A O   1 
ATOM   702  C CB  . LYS A 1 89  ? 16.12779  -17.07275 8.52563   1.000 53.57546 ? 402 LYS A CB  1 
ATOM   703  C CG  . LYS A 1 89  ? 17.14473  -16.78480 9.62091   1.000 57.10497 ? 402 LYS A CG  1 
ATOM   704  C CD  . LYS A 1 89  ? 17.14782  -17.85484 10.69380  1.000 58.71918 ? 402 LYS A CD  1 
ATOM   705  C CE  . LYS A 1 89  ? 18.55938  -18.15430 11.16858  1.000 63.78287 ? 402 LYS A CE  1 
ATOM   706  N NZ  . LYS A 1 89  ? 18.60297  -19.35118 12.05324  1.000 66.75955 ? 402 LYS A NZ  1 
ATOM   707  N N   . VAL A 1 90  ? 14.26770  -15.33279 5.90630   1.000 50.74633 ? 403 VAL A N   1 
ATOM   708  C CA  . VAL A 1 90  ? 14.13597  -15.18910 4.46358   1.000 47.61983 ? 403 VAL A CA  1 
ATOM   709  C C   . VAL A 1 90  ? 15.19504  -14.22274 3.95469   1.000 47.22709 ? 403 VAL A C   1 
ATOM   710  O O   . VAL A 1 90  ? 15.43795  -13.16515 4.55080   1.000 45.85403 ? 403 VAL A O   1 
ATOM   711  C CB  . VAL A 1 90  ? 12.72353  -14.69565 4.10511   1.000 48.86325 ? 403 VAL A CB  1 
ATOM   712  C CG1 . VAL A 1 90  ? 12.66162  -14.22940 2.65482   1.000 48.92535 ? 403 VAL A CG1 1 
ATOM   713  C CG2 . VAL A 1 90  ? 11.69169  -15.77295 4.37633   1.000 50.10656 ? 403 VAL A CG2 1 
ATOM   714  N N   . VAL A 1 91  ? 15.84398  -14.59081 2.85328   1.000 47.41485 ? 404 VAL A N   1 
ATOM   715  C CA  . VAL A 1 91  ? 16.79145  -13.72450 2.16300   1.000 48.78755 ? 404 VAL A CA  1 
ATOM   716  C C   . VAL A 1 91  ? 16.26687  -13.52326 0.75017   1.000 47.99357 ? 404 VAL A C   1 
ATOM   717  O O   . VAL A 1 91  ? 16.37790  -14.42075 -0.09575  1.000 51.38521 ? 404 VAL A O   1 
ATOM   718  C CB  . VAL A 1 91  ? 18.21200  -14.30432 2.14741   1.000 47.54960 ? 404 VAL A CB  1 
ATOM   719  C CG1 . VAL A 1 91  ? 19.16208  -13.35301 1.43387   1.000 42.87964 ? 404 VAL A CG1 1 
ATOM   720  C CG2 . VAL A 1 91  ? 18.69008  -14.57849 3.56774   1.000 46.26322 ? 404 VAL A CG2 1 
ATOM   721  N N   . LEU A 1 92  ? 15.68463  -12.35462 0.49742   1.000 46.67333 ? 405 LEU A N   1 
ATOM   722  C CA  . LEU A 1 92  ? 15.25316  -12.00854 -0.84852  1.000 45.06743 ? 405 LEU A CA  1 
ATOM   723  C C   . LEU A 1 92  ? 16.47154  -11.73154 -1.71981  1.000 47.28706 ? 405 LEU A C   1 
ATOM   724  O O   . LEU A 1 92  ? 17.40513  -11.04254 -1.29849  1.000 48.16534 ? 405 LEU A O   1 
ATOM   725  C CB  . LEU A 1 92  ? 14.33430  -10.79092 -0.81036  1.000 42.88700 ? 405 LEU A CB  1 
ATOM   726  C CG  . LEU A 1 92  ? 13.21186  -10.82012 0.22692   1.000 45.61169 ? 405 LEU A CG  1 
ATOM   727  C CD1 . LEU A 1 92  ? 12.53623  -9.46382  0.30025   1.000 40.06275 ? 405 LEU A CD1 1 
ATOM   728  C CD2 . LEU A 1 92  ? 12.20240  -11.90547 -0.10626  1.000 44.57872 ? 405 LEU A CD2 1 
ATOM   729  N N   . LYS A 1 93  ? 16.46416  -12.26486 -2.93460  1.000 44.72024 ? 406 LYS A N   1 
ATOM   730  C CA  . LYS A 1 93  ? 17.62134  -12.18999 -3.81284  1.000 49.36741 ? 406 LYS A CA  1 
ATOM   731  C C   . LYS A 1 93  ? 17.45976  -11.09048 -4.85724  1.000 44.97126 ? 406 LYS A C   1 
ATOM   732  O O   . LYS A 1 93  ? 16.34922  -10.68028 -5.20298  1.000 42.84998 ? 406 LYS A O   1 
ATOM   733  C CB  . LYS A 1 93  ? 17.86267  -13.53514 -4.50253  1.000 47.12301 ? 406 LYS A CB  1 
ATOM   734  C CG  . LYS A 1 93  ? 18.51694  -14.57724 -3.60771  1.000 51.69271 ? 406 LYS A CG  1 
ATOM   735  C CD  . LYS A 1 93  ? 17.79031  -15.91002 -3.68622  1.000 56.19728 ? 406 LYS A CD  1 
ATOM   736  C CE  . LYS A 1 93  ? 18.77083  -17.07147 -3.72804  1.000 65.60313 ? 406 LYS A CE  1 
ATOM   737  N NZ  . LYS A 1 93  ? 18.11376  -18.35036 -4.12324  1.000 62.75955 ? 406 LYS A NZ  1 
ATOM   738  N N   . LYS A 1 94  ? 18.60124  -10.60956 -5.34719  1.000 47.18708 ? 407 LYS A N   1 
ATOM   739  C CA  . LYS A 1 94  ? 18.61529  -9.62014  -6.41574  1.000 46.42263 ? 407 LYS A CA  1 
ATOM   740  C C   . LYS A 1 94  ? 17.90040  -10.15864 -7.64877  1.000 45.50944 ? 407 LYS A C   1 
ATOM   741  O O   . LYS A 1 94  ? 18.08293  -11.31517 -8.03848  1.000 45.36620 ? 407 LYS A O   1 
ATOM   742  C CB  . LYS A 1 94  ? 20.05898  -9.24744  -6.75633  1.000 47.38372 ? 407 LYS A CB  1 
ATOM   743  C CG  . LYS A 1 94  ? 20.22890  -8.37905  -7.98864  1.000 45.39457 ? 407 LYS A CG  1 
ATOM   744  C CD  . LYS A 1 94  ? 21.61548  -8.57093  -8.58254  1.000 52.56597 ? 407 LYS A CD  1 
ATOM   745  C CE  . LYS A 1 94  ? 22.22076  -7.25412  -9.03393  1.000 52.09225 ? 407 LYS A CE  1 
ATOM   746  N NZ  . LYS A 1 94  ? 23.60532  -7.43409  -9.55228  1.000 52.26325 ? 407 LYS A NZ  1 
ATOM   747  N N   . GLY A 1 95  ? 17.06962  -9.31309  -8.25699  1.000 37.38818 ? 408 GLY A N   1 
ATOM   748  C CA  . GLY A 1 95  ? 16.29381  -9.69178  -9.41276  1.000 39.98913 ? 408 GLY A CA  1 
ATOM   749  C C   . GLY A 1 95  ? 14.90249  -10.20482 -9.10887  1.000 40.05312 ? 408 GLY A C   1 
ATOM   750  O O   . GLY A 1 95  ? 14.04267  -10.18136 -9.99692  1.000 39.67654 ? 408 GLY A O   1 
ATOM   751  N N   . GLU A 1 96  ? 14.65610  -10.67170 -7.88780  1.000 39.11764 ? 409 GLU A N   1 
ATOM   752  C CA  . GLU A 1 96  ? 13.33003  -11.14644 -7.52388  1.000 41.05398 ? 409 GLU A CA  1 
ATOM   753  C C   . GLU A 1 96  ? 12.34494  -9.98467  -7.47359  1.000 36.34426 ? 409 GLU A C   1 
ATOM   754  O O   . GLU A 1 96  ? 12.70755  -8.84524  -7.17064  1.000 36.42282 ? 409 GLU A O   1 
ATOM   755  C CB  . GLU A 1 96  ? 13.36880  -11.85921 -6.17253  1.000 41.96966 ? 409 GLU A CB  1 
ATOM   756  C CG  . GLU A 1 96  ? 13.95055  -13.26167 -6.22558  1.000 46.93314 ? 409 GLU A CG  1 
ATOM   757  C CD  . GLU A 1 96  ? 13.93475  -13.94597 -4.87318  1.000 59.02006 ? 409 GLU A CD  1 
ATOM   758  O OE1 . GLU A 1 96  ? 14.29713  -13.29362 -3.87141  1.000 50.30773 ? 409 GLU A OE1 1 
ATOM   759  O OE2 . GLU A 1 96  ? 13.55664  -15.13457 -4.81140  1.000 60.89715 ? 409 GLU A OE2 1 
ATOM   760  N N   . VAL A 1 97  ? 11.08609  -10.28203 -7.77876  1.000 35.16520 ? 410 VAL A N   1 
ATOM   761  C CA  . VAL A 1 97  ? 10.02739  -9.28178  -7.79579  1.000 36.05799 ? 410 VAL A CA  1 
ATOM   762  C C   . VAL A 1 97  ? 9.22993   -9.38895  -6.50485  1.000 40.61850 ? 410 VAL A C   1 
ATOM   763  O O   . VAL A 1 97  ? 8.79891   -10.48125 -6.11405  1.000 38.38974 ? 410 VAL A O   1 
ATOM   764  C CB  . VAL A 1 97  ? 9.12120   -9.44988  -9.02568  1.000 37.09949 ? 410 VAL A CB  1 
ATOM   765  C CG1 . VAL A 1 97  ? 7.96021   -8.47416  -8.96367  1.000 36.23236 ? 410 VAL A CG1 1 
ATOM   766  C CG2 . VAL A 1 97  ? 9.92749   -9.24302  -10.30294 1.000 33.50123 ? 410 VAL A CG2 1 
ATOM   767  N N   . VAL A 1 98  ? 9.03294   -8.25505  -5.84237  1.000 33.39261 ? 411 VAL A N   1 
ATOM   768  C CA  . VAL A 1 98  ? 8.31833   -8.19297  -4.57441  1.000 35.57598 ? 411 VAL A CA  1 
ATOM   769  C C   . VAL A 1 98  ? 7.26474   -7.09510  -4.65761  1.000 33.25167 ? 411 VAL A C   1 
ATOM   770  O O   . VAL A 1 98  ? 7.51658   -6.01547  -5.20374  1.000 34.74521 ? 411 VAL A O   1 
ATOM   771  C CB  . VAL A 1 98  ? 9.28234   -7.93532  -3.39353  1.000 32.33228 ? 411 VAL A CB  1 
ATOM   772  C CG1 . VAL A 1 98  ? 8.51914   -7.73126  -2.09763  1.000 36.87060 ? 411 VAL A CG1 1 
ATOM   773  C CG2 . VAL A 1 98  ? 10.26904  -9.07160  -3.24581  1.000 40.02847 ? 411 VAL A CG2 1 
ATOM   774  N N   . THR A 1 99  ? 6.08157   -7.37302  -4.12147  1.000 23.97774 ? 412 THR A N   1 
ATOM   775  C CA  . THR A 1 99  ? 5.00610   -6.39211  -4.06432  1.000 29.86124 ? 412 THR A CA  1 
ATOM   776  C C   . THR A 1 99  ? 5.10866   -5.60600  -2.76243  1.000 33.69413 ? 412 THR A C   1 
ATOM   777  O O   . THR A 1 99  ? 5.04854   -6.18330  -1.67020  1.000 31.37233 ? 412 THR A O   1 
ATOM   778  C CB  . THR A 1 99  ? 3.64134   -7.06848  -4.17330  1.000 28.53064 ? 412 THR A CB  1 
ATOM   779  O OG1 . THR A 1 99  ? 3.63807   -7.94999  -5.30338  1.000 35.89420 ? 412 THR A OG1 1 
ATOM   780  C CG2 . THR A 1 99  ? 2.55369   -6.02582  -4.33847  1.000 30.08282 ? 412 THR A CG2 1 
ATOM   781  N N   . THR A 1 100 ? 5.27236   -4.29481  -2.88358  1.000 32.17068 ? 413 THR A N   1 
ATOM   782  C CA  . THR A 1 100 ? 5.28951   -3.38544  -1.75054  1.000 28.87397 ? 413 THR A CA  1 
ATOM   783  C C   . THR A 1 100 ? 3.97203   -2.62296  -1.69331  1.000 33.01917 ? 413 THR A C   1 
ATOM   784  O O   . THR A 1 100 ? 3.36326   -2.32829  -2.72533  1.000 29.65630 ? 413 THR A O   1 
ATOM   785  C CB  . THR A 1 100 ? 6.46008   -2.40586  -1.85227  1.000 31.10758 ? 413 THR A CB  1 
ATOM   786  O OG1 . THR A 1 100 ? 6.27327   -1.55888  -2.99270  1.000 32.80854 ? 413 THR A OG1 1 
ATOM   787  C CG2 . THR A 1 100 ? 7.76621   -3.16742  -2.00972  1.000 34.76366 ? 413 THR A CG2 1 
ATOM   788  N N   . TYR A 1 101 ? 3.53759   -2.29586  -0.47788  1.000 30.18696 ? 414 TYR A N   1 
ATOM   789  C CA  . TYR A 1 101 ? 2.20608   -1.74354  -0.24501  1.000 29.83091 ? 414 TYR A CA  1 
ATOM   790  C C   . TYR A 1 101 ? 2.32893   -0.32820  0.30366   1.000 31.38943 ? 414 TYR A C   1 
ATOM   791  O O   . TYR A 1 101 ? 2.70775   -0.13614  1.46436   1.000 32.29280 ? 414 TYR A O   1 
ATOM   792  C CB  . TYR A 1 101 ? 1.41181   -2.63763  0.70634   1.000 31.78191 ? 414 TYR A CB  1 
ATOM   793  C CG  . TYR A 1 101 ? 1.04834   -3.97256  0.10045   1.000 30.44080 ? 414 TYR A CG  1 
ATOM   794  C CD1 . TYR A 1 101 ? -0.01604  -4.08624  -0.78397  1.000 30.35531 ? 414 TYR A CD1 1 
ATOM   795  C CD2 . TYR A 1 101 ? 1.77945   -5.11534  0.39789   1.000 27.14205 ? 414 TYR A CD2 1 
ATOM   796  C CE1 . TYR A 1 101 ? -0.34923  -5.30086  -1.34765  1.000 28.26284 ? 414 TYR A CE1 1 
ATOM   797  C CE2 . TYR A 1 101 ? 1.45353   -6.33691  -0.16145  1.000 30.14688 ? 414 TYR A CE2 1 
ATOM   798  C CZ  . TYR A 1 101 ? 0.38819   -6.42300  -1.03348  1.000 33.12707 ? 414 TYR A CZ  1 
ATOM   799  O OH  . TYR A 1 101 ? 0.05854   -7.63515  -1.59403  1.000 33.43386 ? 414 TYR A OH  1 
ATOM   800  N N   . GLY A 1 102 ? 2.00537   0.65740   -0.53119  1.000 29.62696 ? 415 GLY A N   1 
ATOM   801  C CA  . GLY A 1 102 ? 1.95801   2.03729   -0.09659  1.000 31.70151 ? 415 GLY A CA  1 
ATOM   802  C C   . GLY A 1 102 ? 3.32479   2.68847   -0.01263  1.000 30.89254 ? 415 GLY A C   1 
ATOM   803  O O   . GLY A 1 102 ? 4.36265   2.10570   -0.33316  1.000 29.71741 ? 415 GLY A O   1 
ATOM   804  N N   . ALA A 1 103 ? 3.30957   3.94170   0.43473   1.000 24.90478 ? 416 ALA A N   1 
ATOM   805  C CA  . ALA A 1 103 ? 4.53442   4.70733   0.59077   1.000 30.48064 ? 416 ALA A CA  1 
ATOM   806  C C   . ALA A 1 103 ? 5.41859   4.09437   1.67333   1.000 33.54621 ? 416 ALA A C   1 
ATOM   807  O O   . ALA A 1 103 ? 4.95968   3.35877   2.55213   1.000 29.61022 ? 416 ALA A O   1 
ATOM   808  C CB  . ALA A 1 103 ? 4.21693   6.16277   0.93311   1.000 34.56201 ? 416 ALA A CB  1 
ATOM   809  N N   . SER A 1 104 ? 6.70650   4.41437   1.60114   1.000 29.75933 ? 417 SER A N   1 
ATOM   810  C CA  . SER A 1 104 ? 7.67204   3.85246   2.53019   1.000 34.96960 ? 417 SER A CA  1 
ATOM   811  C C   . SER A 1 104 ? 7.47456   4.41477   3.93587   1.000 33.92035 ? 417 SER A C   1 
ATOM   812  O O   . SER A 1 104 ? 6.94235   5.51163   4.13282   1.000 31.88395 ? 417 SER A O   1 
ATOM   813  C CB  . SER A 1 104 ? 9.09601   4.13494   2.05515   1.000 32.29465 ? 417 SER A CB  1 
ATOM   814  O OG  . SER A 1 104 ? 9.38353   5.52122   2.10865   1.000 35.01585 ? 417 SER A OG  1 
ATOM   815  N N   . TYR A 1 105 ? 7.91433   3.63592   4.92123   1.000 35.50617 ? 418 TYR A N   1 
ATOM   816  C CA  . TYR A 1 105 ? 7.91956   4.04803   6.31768   1.000 32.62376 ? 418 TYR A CA  1 
ATOM   817  C C   . TYR A 1 105 ? 9.33601   4.39811   6.75191   1.000 37.35292 ? 418 TYR A C   1 
ATOM   818  O O   . TYR A 1 105 ? 10.29057  3.69521   6.41096   1.000 36.35693 ? 418 TYR A O   1 
ATOM   819  C CB  . TYR A 1 105 ? 7.38456   2.94363   7.23322   1.000 32.66628 ? 418 TYR A CB  1 
ATOM   820  C CG  . TYR A 1 105 ? 5.98428   2.46522   6.93125   1.000 32.55409 ? 418 TYR A CG  1 
ATOM   821  C CD1 . TYR A 1 105 ? 5.76089   1.44502   6.01665   1.000 26.38094 ? 418 TYR A CD1 1 
ATOM   822  C CD2 . TYR A 1 105 ? 4.88660   3.01606   7.58006   1.000 34.11817 ? 418 TYR A CD2 1 
ATOM   823  C CE1 . TYR A 1 105 ? 4.48127   0.99653   5.74499   1.000 30.16164 ? 418 TYR A CE1 1 
ATOM   824  C CE2 . TYR A 1 105 ? 3.60395   2.57464   7.31498   1.000 33.67060 ? 418 TYR A CE2 1 
ATOM   825  C CZ  . TYR A 1 105 ? 3.40714   1.56545   6.39712   1.000 31.62943 ? 418 TYR A CZ  1 
ATOM   826  O OH  . TYR A 1 105 ? 2.13102   1.12421   6.13341   1.000 36.35686 ? 418 TYR A OH  1 
ATOM   827  N N   . THR A 1 106 ? 9.46424   5.47618   7.52031   1.000 35.42057 ? 419 THR A N   1 
ATOM   828  C CA  . THR A 1 106 ? 10.72076  5.82154   8.17349   1.000 41.89398 ? 419 THR A CA  1 
ATOM   829  C C   . THR A 1 106 ? 10.74571  5.17716   9.55230   1.000 42.80013 ? 419 THR A C   1 
ATOM   830  O O   . THR A 1 106 ? 9.94113   5.53318   10.41930  1.000 44.35711 ? 419 THR A O   1 
ATOM   831  C CB  . THR A 1 106 ? 10.88102  7.33563   8.30793   1.000 47.25872 ? 419 THR A CB  1 
ATOM   832  O OG1 . THR A 1 106 ? 9.60555   7.92785   8.58562   1.000 59.22798 ? 419 THR A OG1 1 
ATOM   833  C CG2 . THR A 1 106 ? 11.44918  7.93551   7.03101   1.000 40.48669 ? 419 THR A CG2 1 
ATOM   834  N N   . PHE A 1 107 ? 11.66487  4.24095   9.75986   1.000 43.09964 ? 420 PHE A N   1 
ATOM   835  C CA  . PHE A 1 107 ? 11.81915  3.67493   11.08868  1.000 44.01458 ? 420 PHE A CA  1 
ATOM   836  C C   . PHE A 1 107 ? 12.64187  4.62240   11.96044  1.000 47.68801 ? 420 PHE A C   1 
ATOM   837  O O   . PHE A 1 107 ? 13.18405  5.62753   11.49317  1.000 45.04238 ? 420 PHE A O   1 
ATOM   838  C CB  . PHE A 1 107 ? 12.46992  2.29229   11.01910  1.000 39.90591 ? 420 PHE A CB  1 
ATOM   839  C CG  . PHE A 1 107 ? 11.55114  1.20260   10.52164  1.000 38.79759 ? 420 PHE A CG  1 
ATOM   840  C CD1 . PHE A 1 107 ? 10.28342  1.49869   10.04309  1.000 38.40379 ? 420 PHE A CD1 1 
ATOM   841  C CD2 . PHE A 1 107 ? 11.96042  -0.12167  10.53594  1.000 37.99489 ? 420 PHE A CD2 1 
ATOM   842  C CE1 . PHE A 1 107 ? 9.44610   0.49642   9.58596   1.000 35.86534 ? 420 PHE A CE1 1 
ATOM   843  C CE2 . PHE A 1 107 ? 11.12755  -1.12775  10.08001  1.000 36.29535 ? 420 PHE A CE2 1 
ATOM   844  C CZ  . PHE A 1 107 ? 9.86882   -0.81801  9.60552   1.000 37.07291 ? 420 PHE A CZ  1 
ATOM   845  N N   . LYS A 1 108 ? 12.73261  4.29438   13.25028  1.000 46.88714 ? 421 LYS A N   1 
ATOM   846  C CA  . LYS A 1 108 ? 13.46016  5.15261   14.17764  1.000 49.98614 ? 421 LYS A CA  1 
ATOM   847  C C   . LYS A 1 108 ? 14.95281  5.21139   13.88537  1.000 50.61426 ? 421 LYS A C   1 
ATOM   848  O O   . LYS A 1 108 ? 15.63167  6.09737   14.41293  1.000 59.27826 ? 421 LYS A O   1 
ATOM   849  C CB  . LYS A 1 108 ? 13.24772  4.68237   15.61608  1.000 53.05863 ? 421 LYS A CB  1 
ATOM   850  C CG  . LYS A 1 108 ? 13.82747  3.31243   15.90006  1.000 53.75138 ? 421 LYS A CG  1 
ATOM   851  C CD  . LYS A 1 108 ? 13.19532  2.69304   17.13118  1.000 55.88726 ? 421 LYS A CD  1 
ATOM   852  C CE  . LYS A 1 108 ? 13.38796  3.57461   18.35427  1.000 59.78716 ? 421 LYS A CE  1 
ATOM   853  N NZ  . LYS A 1 108 ? 12.33427  3.32816   19.37696  1.000 58.34032 ? 421 LYS A NZ  1 
ATOM   854  N N   . ASN A 1 109 ? 15.48423  4.28530   13.08768  1.000 48.17632 ? 422 ASN A N   1 
ATOM   855  C CA  . ASN A 1 109 ? 16.88990  4.33832   12.70879  1.000 46.33511 ? 422 ASN A CA  1 
ATOM   856  C C   . ASN A 1 109 ? 17.16563  5.34081   11.59517  1.000 49.27321 ? 422 ASN A C   1 
ATOM   857  O O   . ASN A 1 109 ? 18.33318  5.55161   11.24938  1.000 47.01269 ? 422 ASN A O   1 
ATOM   858  C CB  . ASN A 1 109 ? 17.37747  2.94885   12.28408  1.000 45.24443 ? 422 ASN A CB  1 
ATOM   859  C CG  . ASN A 1 109 ? 16.65688  2.42528   11.05493  1.000 45.23643 ? 422 ASN A CG  1 
ATOM   860  O OD1 . ASN A 1 109 ? 15.61143  2.94504   10.66487  1.000 43.56780 ? 422 ASN A OD1 1 
ATOM   861  N ND2 . ASN A 1 109 ? 17.21374  1.38777   10.43925  1.000 41.53405 ? 422 ASN A ND2 1 
ATOM   862  N N   . GLY A 1 110 ? 16.13078  5.96332   11.03277  1.000 48.33894 ? 423 GLY A N   1 
ATOM   863  C CA  . GLY A 1 110 ? 16.28001  6.92539   9.96774   1.000 48.46039 ? 423 GLY A CA  1 
ATOM   864  C C   . GLY A 1 110 ? 16.08707  6.35838   8.57796   1.000 45.92718 ? 423 GLY A C   1 
ATOM   865  O O   . GLY A 1 110 ? 15.72586  7.10743   7.66354   1.000 44.38031 ? 423 GLY A O   1 
ATOM   866  N N   . GLN A 1 111 ? 16.30793  5.05992   8.39939   1.000 45.81495 ? 424 GLN A N   1 
ATOM   867  C CA  . GLN A 1 111 ? 16.15554  4.43208   7.09790   1.000 43.95245 ? 424 GLN A CA  1 
ATOM   868  C C   . GLN A 1 111 ? 14.68088  4.19837   6.78486   1.000 42.72888 ? 424 GLN A C   1 
ATOM   869  O O   . GLN A 1 111 ? 13.82029  4.20802   7.67053   1.000 37.67468 ? 424 GLN A O   1 
ATOM   870  C CB  . GLN A 1 111 ? 16.91941  3.10997   7.04911   1.000 43.83745 ? 424 GLN A CB  1 
ATOM   871  C CG  . GLN A 1 111 ? 18.33792  3.21050   7.57738   1.000 48.26772 ? 424 GLN A CG  1 
ATOM   872  C CD  . GLN A 1 111 ? 19.19850  2.02562   7.18693   1.000 48.92675 ? 424 GLN A CD  1 
ATOM   873  O OE1 . GLN A 1 111 ? 19.12388  1.52964   6.06213   1.000 57.58718 ? 424 GLN A OE1 1 
ATOM   874  N NE2 . GLN A 1 111 ? 20.02694  1.56735   8.11801   1.000 48.40294 ? 424 GLN A NE2 1 
ATOM   875  N N   . LYS A 1 112 ? 14.39720  3.97538   5.50293   1.000 40.99395 ? 425 LYS A N   1 
ATOM   876  C CA  . LYS A 1 112 ? 13.03330  3.83813   5.01451   1.000 36.46193 ? 425 LYS A CA  1 
ATOM   877  C C   . LYS A 1 112 ? 12.77626  2.41574   4.53763   1.000 34.11333 ? 425 LYS A C   1 
ATOM   878  O O   . LYS A 1 112 ? 13.62681  1.80381   3.88447   1.000 34.97443 ? 425 LYS A O   1 
ATOM   879  C CB  . LYS A 1 112 ? 12.74097  4.84279   3.89443   1.000 41.16666 ? 425 LYS A CB  1 
ATOM   880  C CG  . LYS A 1 112 ? 12.92733  6.29370   4.33343   1.000 46.65552 ? 425 LYS A CG  1 
ATOM   881  C CD  . LYS A 1 112 ? 12.67357  7.28589   3.21351   1.000 49.76394 ? 425 LYS A CD  1 
ATOM   882  C CE  . LYS A 1 112 ? 13.61198  7.06645   2.05334   1.000 62.70485 ? 425 LYS A CE  1 
ATOM   883  N NZ  . LYS A 1 112 ? 14.68174  8.09427   2.06936   1.000 64.06211 ? 425 LYS A NZ  1 
ATOM   884  N N   . TYR A 1 113 ? 11.58929  1.90272   4.86039   1.000 34.40539 ? 426 TYR A N   1 
ATOM   885  C CA  . TYR A 1 113 ? 11.24760  0.50728   4.63415   1.000 33.49756 ? 426 TYR A CA  1 
ATOM   886  C C   . TYR A 1 113 ? 9.91751   0.39971   3.90036   1.000 33.36942 ? 426 TYR A C   1 
ATOM   887  O O   . TYR A 1 113 ? 9.02670   1.23858   4.06301   1.000 29.91655 ? 426 TYR A O   1 
ATOM   888  C CB  . TYR A 1 113 ? 11.16836  -0.27057  5.96159   1.000 33.22975 ? 426 TYR A CB  1 
ATOM   889  C CG  . TYR A 1 113 ? 12.47626  -0.35146  6.72434   1.000 36.48510 ? 426 TYR A CG  1 
ATOM   890  C CD1 . TYR A 1 113 ? 12.99960  0.76324   7.37049   1.000 36.75554 ? 426 TYR A CD1 1 
ATOM   891  C CD2 . TYR A 1 113 ? 13.17926  -1.54673  6.81260   1.000 38.46288 ? 426 TYR A CD2 1 
ATOM   892  C CE1 . TYR A 1 113 ? 14.19419  0.69263   8.06921   1.000 39.93552 ? 426 TYR A CE1 1 
ATOM   893  C CE2 . TYR A 1 113 ? 14.36976  -1.62687  7.51255   1.000 40.38512 ? 426 TYR A CE2 1 
ATOM   894  C CZ  . TYR A 1 113 ? 14.87233  -0.50475  8.13761   1.000 39.33132 ? 426 TYR A CZ  1 
ATOM   895  O OH  . TYR A 1 113 ? 16.05664  -0.57825  8.83410   1.000 43.11008 ? 426 TYR A OH  1 
ATOM   896  N N   . TYR A 1 114 ? 9.79409   -0.64826  3.08967   1.000 31.62185 ? 427 TYR A N   1 
ATOM   897  C CA  . TYR A 1 114 ? 8.55484   -0.96992  2.39394   1.000 29.68234 ? 427 TYR A CA  1 
ATOM   898  C C   . TYR A 1 114 ? 7.87977   -2.14937  3.08156   1.000 28.51024 ? 427 TYR A C   1 
ATOM   899  O O   . TYR A 1 114 ? 8.52678   -3.16532  3.35397   1.000 27.31168 ? 427 TYR A O   1 
ATOM   900  C CB  . TYR A 1 114 ? 8.81493   -1.31745  0.92655   1.000 26.96803 ? 427 TYR A CB  1 
ATOM   901  C CG  . TYR A 1 114 ? 8.91442   -0.13572  -0.01305  1.000 30.41045 ? 427 TYR A CG  1 
ATOM   902  C CD1 . TYR A 1 114 ? 7.98669   0.89779   0.02919   1.000 29.50451 ? 427 TYR A CD1 1 
ATOM   903  C CD2 . TYR A 1 114 ? 9.92577   -0.06920  -0.96329  1.000 34.29354 ? 427 TYR A CD2 1 
ATOM   904  C CE1 . TYR A 1 114 ? 8.07532   1.97464   -0.84006  1.000 32.84745 ? 427 TYR A CE1 1 
ATOM   905  C CE2 . TYR A 1 114 ? 10.02157  0.99910   -1.83501  1.000 35.46554 ? 427 TYR A CE2 1 
ATOM   906  C CZ  . TYR A 1 114 ? 9.09473   2.01758   -1.77050  1.000 35.14414 ? 427 TYR A CZ  1 
ATOM   907  O OH  . TYR A 1 114 ? 9.19112   3.08115   -2.63894  1.000 39.22403 ? 427 TYR A OH  1 
ATOM   908  N N   . LYS A 1 115 ? 6.58565   -2.01519  3.35992   1.000 23.68423 ? 428 LYS A N   1 
ATOM   909  C CA  . LYS A 1 115 ? 5.81135   -3.15423  3.83384   1.000 25.10572 ? 428 LYS A CA  1 
ATOM   910  C C   . LYS A 1 115 ? 5.58082   -4.12400  2.68127   1.000 28.11866 ? 428 LYS A C   1 
ATOM   911  O O   . LYS A 1 115 ? 5.12197   -3.72925  1.60459   1.000 26.81570 ? 428 LYS A O   1 
ATOM   912  C CB  . LYS A 1 115 ? 4.47972   -2.68992  4.42662   1.000 26.13127 ? 428 LYS A CB  1 
ATOM   913  C CG  . LYS A 1 115 ? 3.33749   -3.69888  4.31649   1.000 25.92959 ? 428 LYS A CG  1 
ATOM   914  C CD  . LYS A 1 115 ? 3.54213   -4.92629  5.20046   1.000 30.12573 ? 428 LYS A CD  1 
ATOM   915  C CE  . LYS A 1 115 ? 2.35263   -5.86857  5.09321   1.000 25.21076 ? 428 LYS A CE  1 
ATOM   916  N NZ  . LYS A 1 115 ? 2.69773   -7.26295  5.47671   1.000 22.09997 ? 428 LYS A NZ  1 
ATOM   917  N N   . ILE A 1 116 ? 5.91867   -5.39300  2.90177   1.000 24.33150 ? 429 ILE A N   1 
ATOM   918  C CA  . ILE A 1 116 ? 5.77240   -6.42621  1.88775   1.000 28.28898 ? 429 ILE A CA  1 
ATOM   919  C C   . ILE A 1 116 ? 4.90691   -7.54857  2.44471   1.000 29.72128 ? 429 ILE A C   1 
ATOM   920  O O   . ILE A 1 116 ? 4.72219   -7.68795  3.65662   1.000 31.81343 ? 429 ILE A O   1 
ATOM   921  C CB  . ILE A 1 116 ? 7.13224   -6.97933  1.41243   1.000 26.57206 ? 429 ILE A CB  1 
ATOM   922  C CG1 . ILE A 1 116 ? 7.75693   -7.86088  2.49595   1.000 31.29606 ? 429 ILE A CG1 1 
ATOM   923  C CG2 . ILE A 1 116 ? 8.07104   -5.84294  1.03297   1.000 26.68798 ? 429 ILE A CG2 1 
ATOM   924  C CD1 . ILE A 1 116 ? 8.79442   -8.82918  1.97287   1.000 30.03625 ? 429 ILE A CD1 1 
ATOM   925  N N   . GLY A 1 117 ? 4.37445   -8.35746  1.53258   1.000 28.26987 ? 430 GLY A N   1 
ATOM   926  C CA  . GLY A 1 117 ? 3.56492   -9.49866  1.90960   1.000 30.58487 ? 430 GLY A CA  1 
ATOM   927  C C   . GLY A 1 117 ? 2.08924   -9.18358  2.03439   1.000 34.10528 ? 430 GLY A C   1 
ATOM   928  O O   . GLY A 1 117 ? 1.69242   -8.34917  2.85369   1.000 32.90420 ? 430 GLY A O   1 
ATOM   929  N N   . ASP A 1 118 ? 1.26366   -9.84980  1.22721   1.000 30.80692 ? 431 ASP A N   1 
ATOM   930  C CA  . ASP A 1 118 ? -0.18070  -9.65938  1.28371   1.000 31.03858 ? 431 ASP A CA  1 
ATOM   931  C C   . ASP A 1 118 ? -0.75114  -10.26127 2.56220   1.000 36.76087 ? 431 ASP A C   1 
ATOM   932  O O   . ASP A 1 118 ? -1.45827  -11.27361 2.51884   1.000 36.09110 ? 431 ASP A O   1 
ATOM   933  C CB  . ASP A 1 118 ? -0.85161  -10.27849 0.05502   1.000 33.11035 ? 431 ASP A CB  1 
ATOM   934  C CG  . ASP A 1 118 ? -2.30566  -9.86925  -0.08550  1.000 37.70232 ? 431 ASP A CG  1 
ATOM   935  O OD1 . ASP A 1 118 ? -2.74959  -8.96936  0.65847   1.000 38.84672 ? 431 ASP A OD1 1 
ATOM   936  O OD2 . ASP A 1 118 ? -3.00585  -10.44884 -0.94153  1.000 42.10974 ? 431 ASP A OD2 1 
ATOM   937  N N   . ASN A 1 119 ? -0.44932  -9.64422  3.69974   1.000 33.61624 ? 432 ASN A N   1 
ATOM   938  C CA  . ASN A 1 119 ? -0.91202  -10.11212 5.00077   1.000 38.00663 ? 432 ASN A CA  1 
ATOM   939  C C   . ASN A 1 119 ? -0.73658  -8.97433  6.00090   1.000 35.85645 ? 432 ASN A C   1 
ATOM   940  O O   . ASN A 1 119 ? -0.36923  -7.85352  5.63306   1.000 36.36432 ? 432 ASN A O   1 
ATOM   941  C CB  . ASN A 1 119 ? -0.15863  -11.37589 5.42922   1.000 35.99352 ? 432 ASN A CB  1 
ATOM   942  C CG  . ASN A 1 119 ? 1.34567   -11.20531 5.36677   1.000 33.44023 ? 432 ASN A CG  1 
ATOM   943  O OD1 . ASN A 1 119 ? 1.91476   -10.35324 6.04814   1.000 32.18400 ? 432 ASN A OD1 1 
ATOM   944  N ND2 . ASN A 1 119 ? 1.99874   -12.01721 4.54485   1.000 35.15730 ? 432 ASN A ND2 1 
ATOM   945  N N   . THR A 1 120 ? -0.98948  -9.26547  7.27477   1.000 33.65012 ? 433 THR A N   1 
ATOM   946  C CA  . THR A 1 120 ? -0.88057  -8.27712  8.33807   1.000 33.09454 ? 433 THR A CA  1 
ATOM   947  C C   . THR A 1 120 ? 0.42085   -8.39499  9.12234   1.000 35.04755 ? 433 THR A C   1 
ATOM   948  O O   . THR A 1 120 ? 0.56308   -7.74962  10.16581  1.000 38.66880 ? 433 THR A O   1 
ATOM   949  C CB  . THR A 1 120 ? -2.07254  -8.39491  9.29123   1.000 34.50137 ? 433 THR A CB  1 
ATOM   950  O OG1 . THR A 1 120 ? -2.08378  -9.69824  9.88714   1.000 31.37343 ? 433 THR A OG1 1 
ATOM   951  C CG2 . THR A 1 120 ? -3.37868  -8.17732  8.53944   1.000 33.59830 ? 433 THR A CG2 1 
ATOM   952  N N   . ASP A 1 121 ? 1.37160   -9.19287  8.64498   1.000 35.19585 ? 434 ASP A N   1 
ATOM   953  C CA  . ASP A 1 121 ? 2.60366   -9.42708  9.38264   1.000 34.09832 ? 434 ASP A CA  1 
ATOM   954  C C   . ASP A 1 121 ? 3.54792   -8.23659  9.26673   1.000 36.89462 ? 434 ASP A C   1 
ATOM   955  O O   . ASP A 1 121 ? 3.56796   -7.52391  8.25880   1.000 27.98479 ? 434 ASP A O   1 
ATOM   956  C CB  . ASP A 1 121 ? 3.30159   -10.68954 8.87611   1.000 30.07120 ? 434 ASP A CB  1 
ATOM   957  C CG  . ASP A 1 121 ? 2.38758   -11.89747 8.87194   1.000 35.04105 ? 434 ASP A CG  1 
ATOM   958  O OD1 . ASP A 1 121 ? 1.48794   -11.96646 9.73561   1.000 43.69219 ? 434 ASP A OD1 1 
ATOM   959  O OD2 . ASP A 1 121 ? 2.56722   -12.77732 8.00419   1.000 43.50652 ? 434 ASP A OD2 1 
ATOM   960  N N   . LYS A 1 122 ? 4.34008   -8.02896  10.32003  1.000 32.59881 ? 435 LYS A N   1 
ATOM   961  C CA  . LYS A 1 122 ? 5.35477   -6.97573  10.34021  1.000 34.01178 ? 435 LYS A CA  1 
ATOM   962  C C   . LYS A 1 122 ? 6.56366   -7.45992  9.54450   1.000 34.52701 ? 435 LYS A C   1 
ATOM   963  O O   . LYS A 1 122 ? 7.55274   -7.96177  10.08463  1.000 30.13658 ? 435 LYS A O   1 
ATOM   964  C CB  . LYS A 1 122 ? 5.73359   -6.61423  11.77086  1.000 30.86675 ? 435 LYS A CB  1 
ATOM   965  C CG  . LYS A 1 122 ? 4.59342   -6.05783  12.60702  1.000 36.59261 ? 435 LYS A CG  1 
ATOM   966  C CD  . LYS A 1 122 ? 5.11146   -5.50678  13.92782  1.000 45.08662 ? 435 LYS A CD  1 
ATOM   967  C CE  . LYS A 1 122 ? 4.10925   -5.71189  15.05360  1.000 46.73521 ? 435 LYS A CE  1 
ATOM   968  N NZ  . LYS A 1 122 ? 2.83536   -4.97888  14.81406  1.000 47.11925 ? 435 LYS A NZ  1 
ATOM   969  N N   . THR A 1 123 ? 6.47351   -7.30455  8.22519   1.000 30.33442 ? 436 THR A N   1 
ATOM   970  C CA  . THR A 1 123 ? 7.52786   -7.72186  7.30553   1.000 30.24313 ? 436 THR A CA  1 
ATOM   971  C C   . THR A 1 123 ? 7.87547   -6.53929  6.41216   1.000 32.05253 ? 436 THR A C   1 
ATOM   972  O O   . THR A 1 123 ? 7.05593   -6.11632  5.58982   1.000 27.80361 ? 436 THR A O   1 
ATOM   973  C CB  . THR A 1 123 ? 7.09147   -8.92921  6.47463   1.000 29.44414 ? 436 THR A CB  1 
ATOM   974  O OG1 . THR A 1 123 ? 5.77277   -8.70814  5.96048   1.000 28.24739 ? 436 THR A OG1 1 
ATOM   975  C CG2 . THR A 1 123 ? 7.09317   -10.18932 7.32986   1.000 32.36528 ? 436 THR A CG2 1 
ATOM   976  N N   . TYR A 1 124 ? 9.08740   -6.01015  6.57024   1.000 28.93608 ? 437 TYR A N   1 
ATOM   977  C CA  . TYR A 1 124 ? 9.50934   -4.80612  5.87243   1.000 30.06487 ? 437 TYR A CA  1 
ATOM   978  C C   . TYR A 1 124 ? 10.85033  -5.03201  5.18950   1.000 33.49556 ? 437 TYR A C   1 
ATOM   979  O O   . TYR A 1 124 ? 11.67391  -5.83081  5.64416   1.000 36.90934 ? 437 TYR A O   1 
ATOM   980  C CB  . TYR A 1 124 ? 9.60944   -3.61185  6.83153   1.000 28.94755 ? 437 TYR A CB  1 
ATOM   981  C CG  . TYR A 1 124 ? 8.30579   -3.26902  7.51512   1.000 32.17155 ? 437 TYR A CG  1 
ATOM   982  C CD1 . TYR A 1 124 ? 7.42388   -2.35531  6.95283   1.000 28.45555 ? 437 TYR A CD1 1 
ATOM   983  C CD2 . TYR A 1 124 ? 7.95582   -3.86011  8.72239   1.000 29.18303 ? 437 TYR A CD2 1 
ATOM   984  C CE1 . TYR A 1 124 ? 6.23015   -2.03878  7.57428   1.000 30.46354 ? 437 TYR A CE1 1 
ATOM   985  C CE2 . TYR A 1 124 ? 6.76437   -3.55055  9.35118   1.000 30.25653 ? 437 TYR A CE2 1 
ATOM   986  C CZ  . TYR A 1 124 ? 5.90538   -2.63944  8.77284   1.000 30.86535 ? 437 TYR A CZ  1 
ATOM   987  O OH  . TYR A 1 124 ? 4.71794   -2.32723  9.39494   1.000 34.53433 ? 437 TYR A OH  1 
ATOM   988  N N   . VAL A 1 125 ? 11.05777  -4.31224  4.08839   1.000 30.42873 ? 438 VAL A N   1 
ATOM   989  C CA  . VAL A 1 125 ? 12.28859  -4.37197  3.31021   1.000 31.38319 ? 438 VAL A CA  1 
ATOM   990  C C   . VAL A 1 125 ? 12.77945  -2.95028  3.08014   1.000 35.23129 ? 438 VAL A C   1 
ATOM   991  O O   . VAL A 1 125 ? 11.98664  -2.05474  2.76828   1.000 37.89979 ? 438 VAL A O   1 
ATOM   992  C CB  . VAL A 1 125 ? 12.07955  -5.09796  1.96336   1.000 34.61409 ? 438 VAL A CB  1 
ATOM   993  C CG1 . VAL A 1 125 ? 13.36195  -5.09515  1.14537   1.000 37.93942 ? 438 VAL A CG1 1 
ATOM   994  C CG2 . VAL A 1 125 ? 11.59424  -6.51853  2.19294   1.000 30.01986 ? 438 VAL A CG2 1 
ATOM   995  N N   . LYS A 1 126 ? 14.08586  -2.74454  3.23788   1.000 32.63035 ? 439 LYS A N   1 
ATOM   996  C CA  . LYS A 1 126 ? 14.67288  -1.43182  3.00436   1.000 36.14698 ? 439 LYS A CA  1 
ATOM   997  C C   . LYS A 1 126 ? 14.42683  -0.97672  1.56960   1.000 39.95590 ? 439 LYS A C   1 
ATOM   998  O O   . LYS A 1 126 ? 14.53636  -1.76134  0.62218   1.000 37.79091 ? 439 LYS A O   1 
ATOM   999  C CB  . LYS A 1 126 ? 16.17504  -1.46603  3.28998   1.000 35.46858 ? 439 LYS A CB  1 
ATOM   1000 C CG  . LYS A 1 126 ? 16.53498  -1.50894  4.76357   1.000 42.13749 ? 439 LYS A CG  1 
ATOM   1001 C CD  . LYS A 1 126 ? 17.85454  -2.23282  4.97800   1.000 44.82733 ? 439 LYS A CD  1 
ATOM   1002 C CE  . LYS A 1 126 ? 18.58322  -1.71635  6.20712   1.000 49.10412 ? 439 LYS A CE  1 
ATOM   1003 N NZ  . LYS A 1 126 ? 19.99198  -2.19886  6.25294   1.000 54.80942 ? 439 LYS A NZ  1 
ATOM   1004 N N   . VAL A 1 127 ? 14.08835  0.30779   1.41786   1.000 36.02881 ? 440 VAL A N   1 
ATOM   1005 C CA  . VAL A 1 127 ? 13.87576  0.88216   0.09097   1.000 36.52543 ? 440 VAL A CA  1 
ATOM   1006 C C   . VAL A 1 127 ? 15.17705  0.90264   -0.69913  1.000 39.50563 ? 440 VAL A C   1 
ATOM   1007 O O   . VAL A 1 127 ? 15.17383  0.77284   -1.93024  1.000 39.21825 ? 440 VAL A O   1 
ATOM   1008 C CB  . VAL A 1 127 ? 13.27617  2.29686   0.22046   1.000 36.24666 ? 440 VAL A CB  1 
ATOM   1009 C CG1 . VAL A 1 127 ? 13.12173  2.95532   -1.14824  1.000 34.17609 ? 440 VAL A CG1 1 
ATOM   1010 C CG2 . VAL A 1 127 ? 11.95788  2.25541   0.96432   1.000 30.75483 ? 440 VAL A CG2 1 
ATOM   1011 N N   . ALA A 1 128 ? 16.31053  1.03773   -0.00742  1.000 40.76462 ? 441 ALA A N   1 
ATOM   1012 C CA  . ALA A 1 128 ? 17.61532  1.10028   -0.65403  1.000 40.40925 ? 441 ALA A CA  1 
ATOM   1013 C C   . ALA A 1 128 ? 17.97449  -0.18115  -1.39109  1.000 44.57420 ? 441 ALA A C   1 
ATOM   1014 O O   . ALA A 1 128 ? 18.99576  -0.20762  -2.08505  1.000 47.47560 ? 441 ALA A O   1 
ATOM   1015 C CB  . ALA A 1 128 ? 18.69295  1.41853   0.38641   1.000 38.75160 ? 441 ALA A CB  1 
ATOM   1016 N N   . ASN A 1 129 ? 17.16929  -1.23379  -1.26413  1.000 41.40506 ? 442 ASN A N   1 
ATOM   1017 C CA  . ASN A 1 129 ? 17.40560  -2.49399  -1.95279  1.000 44.45118 ? 442 ASN A CA  1 
ATOM   1018 C C   . ASN A 1 129 ? 16.58479  -2.63141  -3.23010  1.000 42.73523 ? 442 ASN A C   1 
ATOM   1019 O O   . ASN A 1 129 ? 16.61227  -3.69369  -3.85900  1.000 45.35809 ? 442 ASN A O   1 
ATOM   1020 C CB  . ASN A 1 129 ? 17.10772  -3.66860  -1.01727  1.000 39.61049 ? 442 ASN A CB  1 
ATOM   1021 C CG  . ASN A 1 129 ? 18.13101  -3.80508  0.09291   1.000 42.57288 ? 442 ASN A CG  1 
ATOM   1022 O OD1 . ASN A 1 129 ? 19.33118  -3.65213  -0.13176  1.000 40.67010 ? 442 ASN A OD1 1 
ATOM   1023 N ND2 . ASN A 1 129 ? 17.66011  -4.09888  1.29982   1.000 45.38052 ? 442 ASN A ND2 1 
ATOM   1024 N N   . PHE A 1 130 ? 15.86139  -1.59048  -3.62924  1.000 39.37532 ? 443 PHE A N   1 
ATOM   1025 C CA  . PHE A 1 130 ? 14.95807  -1.65217  -4.76945  1.000 45.17369 ? 443 PHE A CA  1 
ATOM   1026 C C   . PHE A 1 130 ? 15.46364  -0.76179  -5.90153  1.000 43.76389 ? 443 PHE A C   1 
ATOM   1027 O O   . PHE A 1 130 ? 16.48791  -0.08360  -5.78355  1.000 48.96758 ? 443 PHE A O   1 
ATOM   1028 C CB  . PHE A 1 130 ? 13.53980  -1.26337  -4.34777  1.000 38.16210 ? 443 PHE A CB  1 
ATOM   1029 C CG  . PHE A 1 130 ? 12.81605  -2.34702  -3.60313  1.000 39.17026 ? 443 PHE A CG  1 
ATOM   1030 C CD1 . PHE A 1 130 ? 12.41430  -3.50204  -4.25355  1.000 35.11907 ? 443 PHE A CD1 1 
ATOM   1031 C CD2 . PHE A 1 130 ? 12.54610  -2.21614  -2.25125  1.000 36.63631 ? 443 PHE A CD2 1 
ATOM   1032 C CE1 . PHE A 1 130 ? 11.75056  -4.50396  -3.57144  1.000 35.28045 ? 443 PHE A CE1 1 
ATOM   1033 C CE2 . PHE A 1 130 ? 11.88286  -3.21433  -1.56297  1.000 35.08663 ? 443 PHE A CE2 1 
ATOM   1034 C CZ  . PHE A 1 130 ? 11.48474  -4.36018  -2.22399  1.000 35.50576 ? 443 PHE A CZ  1 
ATOM   1035 N N   . ARG A 1 131 ? 14.71926  -0.77557  -7.00663  1.000 53.67414 ? 444 ARG A N   1 
ATOM   1036 C CA  . ARG A 1 131 ? 15.08430  -0.07502  -8.23961  1.000 58.29831 ? 444 ARG A CA  1 
ATOM   1037 C C   . ARG A 1 131 ? 16.41470  -0.58227  -8.78841  1.000 58.27288 ? 444 ARG A C   1 
ATOM   1038 O O   . ARG A 1 131 ? 16.44954  -1.31273  -9.77999  1.000 58.84595 ? 444 ARG A O   1 
ATOM   1039 C CB  . ARG A 1 131 ? 15.14948  1.44003   -8.01685  1.000 58.33376 ? 444 ARG A CB  1 
ATOM   1040 C CG  . ARG A 1 131 ? 13.80067  2.13488   -8.06325  1.000 63.19068 ? 444 ARG A CG  1 
ATOM   1041 C CD  . ARG A 1 131 ? 13.59076  2.84536   -9.39035  1.000 71.34775 ? 444 ARG A CD  1 
ATOM   1042 N NE  . ARG A 1 131 ? 12.22362  3.33709   -9.53417  1.000 77.25711 ? 444 ARG A NE  1 
ATOM   1043 C CZ  . ARG A 1 131 ? 11.79382  4.49926   -9.05344  1.000 73.78115 ? 444 ARG A CZ  1 
ATOM   1044 N NH1 . ARG A 1 131 ? 12.62618  5.29561   -8.39636  1.000 72.78955 ? 444 ARG A NH1 1 
ATOM   1045 N NH2 . ARG A 1 131 ? 10.53211  4.86700   -9.23097  1.000 68.07792 ? 444 ARG A NH2 1 
HETATM 1046 P P   . PO4 B 2 .   ? 19.69071  -5.62538  4.15785   1.000 51.62508 ? 501 PO4 A P   1 
HETATM 1047 O O1  . PO4 B 2 .   ? 20.86273  -6.44304  3.66936   1.000 50.94692 ? 501 PO4 A O1  1 
HETATM 1048 O O2  . PO4 B 2 .   ? 19.44670  -4.47871  3.20605   1.000 47.87314 ? 501 PO4 A O2  1 
HETATM 1049 O O3  . PO4 B 2 .   ? 19.99293  -5.08185  5.53395   1.000 47.14089 ? 501 PO4 A O3  1 
HETATM 1050 O O4  . PO4 B 2 .   ? 18.46012  -6.49824  4.21985   1.000 46.73965 ? 501 PO4 A O4  1 
HETATM 1051 P P   . PO4 C 2 .   ? -2.17061  8.09610   0.26050   1.000 56.88966 ? 502 PO4 A P   1 
HETATM 1052 O O1  . PO4 C 2 .   ? -0.96127  8.98372   0.43672   1.000 59.84234 ? 502 PO4 A O1  1 
HETATM 1053 O O2  . PO4 C 2 .   ? -3.41865  8.87283   0.60478   1.000 45.04684 ? 502 PO4 A O2  1 
HETATM 1054 O O3  . PO4 C 2 .   ? -2.05834  6.90306   1.17913   1.000 56.39081 ? 502 PO4 A O3  1 
HETATM 1055 O O4  . PO4 C 2 .   ? -2.24636  7.62526   -1.17246  1.000 50.09244 ? 502 PO4 A O4  1 
HETATM 1056 O O   . HOH D 3 .   ? 1.77170   -9.05185  -2.23324  1.000 39.20777 ? 601 HOH A O   1 
HETATM 1057 O O   . HOH D 3 .   ? 21.83007  -1.90586  4.83384   1.000 47.44024 ? 602 HOH A O   1 
HETATM 1058 O O   . HOH D 3 .   ? 1.98237   -0.47808  4.40153   1.000 29.73782 ? 603 HOH A O   1 
HETATM 1059 O O   . HOH D 3 .   ? -6.79857  -6.10996  -5.13976  1.000 45.00208 ? 604 HOH A O   1 
HETATM 1060 O O   . HOH D 3 .   ? 8.03100   -9.12091  15.36075  1.000 37.79999 ? 605 HOH A O   1 
HETATM 1061 O O   . HOH D 3 .   ? 22.86432  -7.76959  3.21337   1.000 52.49692 ? 606 HOH A O   1 
HETATM 1062 O O   . HOH D 3 .   ? 14.77302  -12.03420 6.62852   1.000 41.67553 ? 607 HOH A O   1 
HETATM 1063 O O   . HOH D 3 .   ? 0.64901   5.16958   0.79341   1.000 36.38634 ? 608 HOH A O   1 
HETATM 1064 O O   . HOH D 3 .   ? -16.27527 1.69262   1.73914   1.000 37.43523 ? 609 HOH A O   1 
HETATM 1065 O O   . HOH D 3 .   ? -10.81703 15.87513  -12.36099 1.000 40.55837 ? 610 HOH A O   1 
HETATM 1066 O O   . HOH D 3 .   ? 7.36265   -10.16424 11.49148  1.000 33.88056 ? 611 HOH A O   1 
HETATM 1067 O O   . HOH D 3 .   ? -5.23637  -8.12367  0.80559   1.000 36.35688 ? 612 HOH A O   1 
HETATM 1068 O O   . HOH D 3 .   ? 4.40379   5.85795   4.76061   1.000 31.03985 ? 613 HOH A O   1 
HETATM 1069 O O   . HOH D 3 .   ? 0.31606   2.69499   7.29015   1.000 34.39441 ? 614 HOH A O   1 
HETATM 1070 O O   . HOH D 3 .   ? 14.09049  -9.17710  -12.48935 1.000 32.20584 ? 615 HOH A O   1 
HETATM 1071 O O   . HOH D 3 .   ? -8.78065  11.80853  3.73940   1.000 39.58085 ? 616 HOH A O   1 
HETATM 1072 O O   . HOH D 3 .   ? 4.71891   0.86506   -2.75863  1.000 31.27797 ? 617 HOH A O   1 
HETATM 1073 O O   . HOH D 3 .   ? -1.84415  4.07942   -8.15364  1.000 39.80129 ? 618 HOH A O   1 
HETATM 1074 O O   . HOH D 3 .   ? -14.29357 5.12613   -11.07200 1.000 38.92932 ? 619 HOH A O   1 
HETATM 1075 O O   . HOH D 3 .   ? -5.42642  -5.46281  -0.44388  1.000 31.32137 ? 620 HOH A O   1 
HETATM 1076 O O   . HOH D 3 .   ? 0.49347   1.84141   10.02874  1.000 38.09636 ? 621 HOH A O   1 
HETATM 1077 O O   . HOH D 3 .   ? 24.02877  -13.89158 5.15521   1.000 47.23497 ? 622 HOH A O   1 
HETATM 1078 O O   . HOH D 3 .   ? -15.89581 -3.74006  2.88809   1.000 37.59392 ? 623 HOH A O   1 
HETATM 1079 O O   . HOH D 3 .   ? 15.17555  -14.06323 12.34843  1.000 42.30368 ? 624 HOH A O   1 
HETATM 1080 O O   . HOH D 3 .   ? -12.80062 -8.91424  -2.50231  1.000 42.66913 ? 625 HOH A O   1 
HETATM 1081 O O   . HOH D 3 .   ? 5.32143   0.52737   2.50768   1.000 31.59390 ? 626 HOH A O   1 
HETATM 1082 O O   . HOH D 3 .   ? 16.16311  2.21321   2.63300   1.000 36.09777 ? 627 HOH A O   1 
HETATM 1083 O O   . HOH D 3 .   ? -16.66549 -1.13732  -11.35682 1.000 44.29806 ? 628 HOH A O   1 
HETATM 1084 O O   . HOH D 3 .   ? 15.92976  -5.13330  3.48842   1.000 38.60711 ? 629 HOH A O   1 
HETATM 1085 O O   . HOH D 3 .   ? -10.73224 -0.77208  -14.84518 1.000 42.19622 ? 630 HOH A O   1 
HETATM 1086 O O   . HOH D 3 .   ? -19.96689 12.22689  -3.16509  1.000 40.50404 ? 631 HOH A O   1 
HETATM 1087 O O   . HOH D 3 .   ? 4.38429   -9.97023  12.49402  1.000 35.66526 ? 632 HOH A O   1 
HETATM 1088 O O   . HOH D 3 .   ? -2.52407  10.04254  -4.17202  1.000 41.44636 ? 633 HOH A O   1 
HETATM 1089 O O   . HOH D 3 .   ? -1.34248  -7.52649  -4.17176  1.000 43.71314 ? 634 HOH A O   1 
HETATM 1090 O O   . HOH D 3 .   ? -14.80360 2.48318   -11.90904 1.000 47.68385 ? 635 HOH A O   1 
HETATM 1091 O O   . HOH D 3 .   ? 11.78632  -8.09654  -12.97545 0.50  43.50567 ? 636 HOH A O   1 
HETATM 1092 O O   . HOH D 3 .   ? 10.97813  0.48398   -7.59090  1.000 48.53316 ? 637 HOH A O   1 
HETATM 1093 O O   . HOH D 3 .   ? -5.76231  9.92569   -15.82653 1.000 35.19267 ? 638 HOH A O   1 
HETATM 1094 O O   . HOH D 3 .   ? 22.03406  -15.05500 5.10689   1.000 50.30916 ? 639 HOH A O   1 
HETATM 1095 O O   . HOH D 3 .   ? 17.92218  -5.39616  -10.89662 1.000 48.34029 ? 640 HOH A O   1 
HETATM 1096 O O   . HOH D 3 .   ? 10.99141  -2.50245  -11.15286 1.000 43.11530 ? 641 HOH A O   1 
HETATM 1097 O O   . HOH D 3 .   ? 6.01606   6.89790   8.90025   1.000 47.31970 ? 642 HOH A O   1 
HETATM 1098 O O   . HOH D 3 .   ? 24.37108  -9.52084  3.10859   1.000 55.46030 ? 643 HOH A O   1 
HETATM 1099 O O   . HOH D 3 .   ? 1.38688   6.29088   7.24728   1.000 44.15339 ? 644 HOH A O   1 
HETATM 1100 O O   . HOH D 3 .   ? 3.98733   6.51159   7.73928   1.000 39.15836 ? 645 HOH A O   1 
# 
